data_2AIH
#
_entry.id   2AIH
#
_cell.length_a   1.000
_cell.length_b   1.000
_cell.length_c   1.000
_cell.angle_alpha   90.00
_cell.angle_beta   90.00
_cell.angle_gamma   90.00
#
_symmetry.space_group_name_H-M   'P 1'
#
loop_
_entity.id
_entity.type
_entity.pdbx_description
1 polymer 'Bowman-Birk type protease inhibitor, LCTI'
2 non-polymer 'CHLORIDE ION'
#
_entity_poly.entity_id   1
_entity_poly.type   'polypeptide(L)'
_entity_poly.pdbx_seq_one_letter_code
;GDDVKSACCDTCLCTRSQPPTCRCVDVRESCHSACDKCVCAYSNPPQCQCYDTHKFCYKACHNSEIE
;
_entity_poly.pdbx_strand_id   A
#
loop_
_chem_comp.id
_chem_comp.type
_chem_comp.name
_chem_comp.formula
CL non-polymer 'CHLORIDE ION' 'Cl -1'
#
# COMPACT_ATOMS: atom_id res chain seq x y z
N GLY A 1 17.79 -5.65 2.55
CA GLY A 1 17.28 -5.94 3.92
C GLY A 1 15.81 -6.20 3.90
N ASP A 2 15.14 -5.91 5.03
CA ASP A 2 13.75 -6.27 5.28
C ASP A 2 13.13 -5.37 6.35
N ASP A 3 13.89 -4.49 7.02
CA ASP A 3 13.38 -3.60 8.05
C ASP A 3 12.99 -2.24 7.49
N VAL A 4 12.78 -2.21 6.17
CA VAL A 4 12.65 -1.02 5.35
C VAL A 4 11.27 -0.37 5.46
N LYS A 5 11.24 0.97 5.49
CA LYS A 5 10.04 1.78 5.50
C LYS A 5 9.69 2.22 4.10
N SER A 6 10.03 1.41 3.09
CA SER A 6 9.66 1.59 1.69
C SER A 6 8.16 1.65 1.51
N ALA A 7 7.45 0.74 2.17
CA ALA A 7 6.03 0.77 2.27
C ALA A 7 5.63 0.07 3.56
N CYS A 8 4.50 0.48 4.15
CA CYS A 8 3.81 -0.26 5.19
C CYS A 8 2.39 -0.48 4.72
N CYS A 9 1.74 -1.55 5.23
CA CYS A 9 0.43 -1.91 4.76
C CYS A 9 -0.27 -2.78 5.79
N ASP A 10 -1.50 -2.40 6.22
CA ASP A 10 -2.23 -3.20 7.19
C ASP A 10 -3.19 -4.19 6.55
N THR A 11 -3.34 -4.18 5.22
CA THR A 11 -4.30 -5.06 4.56
C THR A 11 -3.93 -5.23 3.12
N CYS A 12 -3.20 -6.32 2.88
CA CYS A 12 -2.90 -6.88 1.59
C CYS A 12 -4.06 -7.73 1.13
N LEU A 13 -4.11 -8.01 -0.17
CA LEU A 13 -5.13 -8.84 -0.76
C LEU A 13 -4.47 -9.38 -1.99
N CYS A 14 -4.14 -10.68 -1.90
CA CYS A 14 -3.66 -11.47 -2.98
C CYS A 14 -4.79 -12.21 -3.66
N THR A 15 -4.78 -12.20 -4.99
CA THR A 15 -5.88 -12.71 -5.79
C THR A 15 -5.93 -14.21 -5.95
N ARG A 16 -7.17 -14.69 -6.13
CA ARG A 16 -7.50 -16.04 -6.52
C ARG A 16 -7.35 -16.15 -8.03
N SER A 17 -6.27 -16.79 -8.49
CA SER A 17 -5.84 -16.69 -9.86
C SER A 17 -4.65 -17.60 -10.06
N GLN A 18 -4.13 -17.61 -11.28
CA GLN A 18 -3.03 -18.43 -11.70
C GLN A 18 -2.39 -17.73 -12.90
N PRO A 19 -1.20 -17.17 -12.82
CA PRO A 19 -0.45 -16.90 -11.58
C PRO A 19 -1.14 -15.83 -10.73
N PRO A 20 -0.86 -15.67 -9.45
CA PRO A 20 -1.51 -14.68 -8.62
C PRO A 20 -1.03 -13.28 -8.91
N THR A 21 -1.64 -12.31 -8.22
CA THR A 21 -1.46 -10.89 -8.43
C THR A 21 -1.92 -10.27 -7.14
N CYS A 22 -1.23 -9.26 -6.60
CA CYS A 22 -1.50 -8.85 -5.24
C CYS A 22 -1.34 -7.35 -5.12
N ARG A 23 -1.86 -6.78 -4.03
CA ARG A 23 -2.09 -5.37 -3.91
C ARG A 23 -2.57 -5.08 -2.50
N CYS A 24 -2.26 -3.88 -2.01
CA CYS A 24 -2.68 -3.39 -0.70
C CYS A 24 -3.98 -2.63 -0.79
N VAL A 25 -5.09 -3.27 -0.38
CA VAL A 25 -6.39 -2.63 -0.22
C VAL A 25 -6.41 -1.50 0.80
N ASP A 26 -5.54 -1.56 1.81
CA ASP A 26 -5.42 -0.58 2.87
C ASP A 26 -4.75 0.71 2.38
N VAL A 27 -5.57 1.74 2.15
CA VAL A 27 -5.16 3.00 1.58
C VAL A 27 -4.59 3.96 2.61
N ARG A 28 -3.67 4.82 2.13
CA ARG A 28 -2.91 5.67 3.02
C ARG A 28 -2.92 7.12 2.61
N GLU A 29 -2.43 7.96 3.53
CA GLU A 29 -1.88 9.27 3.30
C GLU A 29 -0.79 9.26 2.22
N SER A 30 0.36 8.65 2.55
CA SER A 30 1.47 8.39 1.64
C SER A 30 1.28 7.27 0.66
N CYS A 31 1.51 7.60 -0.62
CA CYS A 31 1.60 6.60 -1.67
C CYS A 31 3.03 6.57 -2.14
N HIS A 32 3.65 5.39 -2.08
CA HIS A 32 5.07 5.21 -2.32
C HIS A 32 5.30 4.86 -3.77
N SER A 33 6.53 5.05 -4.26
CA SER A 33 6.86 4.81 -5.67
C SER A 33 7.19 3.35 -5.92
N ALA A 34 7.03 2.48 -4.90
CA ALA A 34 7.15 1.04 -4.99
C ALA A 34 6.11 0.44 -5.92
N CYS A 35 4.86 0.93 -5.84
CA CYS A 35 3.85 0.69 -6.86
C CYS A 35 3.90 1.80 -7.90
N ASP A 36 3.69 1.49 -9.20
CA ASP A 36 3.97 2.46 -10.25
C ASP A 36 2.91 3.54 -10.39
N LYS A 37 1.62 3.21 -10.16
CA LYS A 37 0.53 4.13 -10.31
C LYS A 37 -0.16 4.42 -8.99
N CYS A 38 0.22 5.55 -8.38
CA CYS A 38 -0.41 6.16 -7.24
C CYS A 38 -1.53 7.08 -7.66
N VAL A 39 -2.78 6.79 -7.26
CA VAL A 39 -3.90 7.66 -7.46
C VAL A 39 -4.35 8.06 -6.07
N CYS A 40 -5.02 9.22 -5.91
CA CYS A 40 -5.46 9.68 -4.61
C CYS A 40 -6.73 10.47 -4.71
N ALA A 41 -7.72 10.09 -3.88
CA ALA A 41 -8.81 10.94 -3.51
C ALA A 41 -8.35 12.12 -2.67
N TYR A 42 -8.80 13.32 -3.02
CA TYR A 42 -8.36 14.58 -2.46
C TYR A 42 -9.06 14.96 -1.16
N SER A 43 -9.46 13.92 -0.43
CA SER A 43 -10.12 13.86 0.84
C SER A 43 -9.34 14.51 1.97
N ASN A 44 -9.79 14.32 3.22
CA ASN A 44 -9.13 14.88 4.35
C ASN A 44 -9.29 13.97 5.58
N PRO A 45 -8.26 13.24 5.99
CA PRO A 45 -6.96 13.13 5.32
C PRO A 45 -7.10 12.40 3.99
N PRO A 46 -6.24 12.62 2.99
CA PRO A 46 -6.45 12.08 1.66
C PRO A 46 -6.28 10.58 1.66
N GLN A 47 -6.79 9.91 0.63
CA GLN A 47 -6.75 8.49 0.56
C GLN A 47 -6.09 8.20 -0.73
N CYS A 48 -5.31 7.12 -0.81
CA CYS A 48 -4.40 6.97 -1.92
C CYS A 48 -4.06 5.53 -2.04
N GLN A 49 -4.18 5.07 -3.29
CA GLN A 49 -4.23 3.72 -3.73
C GLN A 49 -3.07 3.44 -4.63
N CYS A 50 -2.51 2.24 -4.46
CA CYS A 50 -1.72 1.61 -5.49
C CYS A 50 -2.64 0.95 -6.48
N TYR A 51 -3.05 1.69 -7.52
CA TYR A 51 -3.72 1.18 -8.72
C TYR A 51 -2.94 0.02 -9.33
N ASP A 52 -1.62 0.24 -9.44
CA ASP A 52 -0.71 -0.72 -10.04
C ASP A 52 -0.45 -1.91 -9.12
N THR A 53 -0.31 -3.09 -9.75
CA THR A 53 -0.16 -4.37 -9.09
C THR A 53 1.23 -4.61 -8.55
N HIS A 54 1.34 -5.57 -7.62
CA HIS A 54 2.60 -5.93 -6.99
C HIS A 54 2.55 -7.42 -6.74
N LYS A 55 3.67 -7.98 -6.26
CA LYS A 55 3.76 -9.36 -5.84
C LYS A 55 4.40 -9.45 -4.47
N PHE A 56 3.96 -8.60 -3.53
CA PHE A 56 4.56 -8.54 -2.22
C PHE A 56 3.51 -8.03 -1.26
N CYS A 57 3.78 -8.19 0.04
CA CYS A 57 2.97 -7.65 1.10
C CYS A 57 3.91 -7.06 2.11
N TYR A 58 3.66 -5.82 2.55
CA TYR A 58 4.45 -5.20 3.58
C TYR A 58 3.73 -5.31 4.91
N LYS A 59 4.53 -5.41 5.97
CA LYS A 59 4.15 -5.38 7.37
C LYS A 59 3.27 -4.22 7.78
N ALA A 60 2.56 -4.38 8.90
CA ALA A 60 1.70 -3.34 9.42
C ALA A 60 2.43 -2.27 10.20
N CYS A 61 2.10 -1.01 9.87
CA CYS A 61 2.51 0.17 10.59
C CYS A 61 1.20 0.91 10.74
N HIS A 62 0.67 1.03 11.96
CA HIS A 62 -0.73 1.33 12.17
C HIS A 62 -1.08 2.78 11.89
N ASN A 63 -1.83 3.05 10.80
CA ASN A 63 -2.13 4.38 10.33
C ASN A 63 -2.94 5.22 11.30
N SER A 64 -4.22 4.88 11.40
CA SER A 64 -5.23 5.59 12.16
C SER A 64 -5.77 4.70 13.26
N GLU A 65 -6.28 5.30 14.34
CA GLU A 65 -7.01 4.71 15.46
C GLU A 65 -8.27 3.94 15.08
N ILE A 66 -8.04 2.83 14.39
CA ILE A 66 -9.02 1.91 13.86
C ILE A 66 -8.36 0.57 13.64
N GLU A 67 -7.17 0.56 13.00
CA GLU A 67 -6.37 -0.62 12.76
C GLU A 67 -4.88 -0.20 12.86
CL CL B . -9.68 -1.50 -3.85
CL CL C . 8.60 6.49 -1.16
CL CL D . 3.11 -2.08 -3.21
CL CL E . 6.38 -5.58 -8.05
CL CL F . 17.07 -2.20 2.52
CL CL G . -16.04 15.89 -3.49
CL CL H . -11.34 -19.96 -2.00
CL CL I . 2.64 1.06 14.64
CL CL J . 1.49 6.78 5.54
CL CL K . 8.84 -1.36 12.53
CL CL L . 2.49 6.31 -14.80
N GLY A 1 16.81 2.24 15.58
CA GLY A 1 16.18 3.10 14.56
C GLY A 1 15.06 2.41 13.85
N ASP A 2 14.30 3.17 13.05
CA ASP A 2 13.16 2.69 12.30
C ASP A 2 12.90 3.66 11.15
N ASP A 3 13.96 3.89 10.35
CA ASP A 3 13.97 4.71 9.17
C ASP A 3 14.11 3.80 7.95
N VAL A 4 12.96 3.33 7.44
CA VAL A 4 12.87 2.35 6.39
C VAL A 4 11.96 2.91 5.32
N LYS A 5 12.37 2.82 4.03
CA LYS A 5 11.64 3.37 2.90
C LYS A 5 10.90 2.33 2.11
N SER A 6 10.68 1.19 2.77
CA SER A 6 9.86 0.08 2.29
C SER A 6 8.43 0.48 1.98
N ALA A 7 7.76 -0.29 1.10
CA ALA A 7 6.33 -0.27 1.03
C ALA A 7 5.73 -0.91 2.28
N CYS A 8 4.56 -0.44 2.71
CA CYS A 8 3.87 -0.90 3.88
C CYS A 8 2.39 -1.06 3.59
N CYS A 9 1.72 -1.93 4.35
CA CYS A 9 0.35 -2.26 4.03
C CYS A 9 -0.33 -2.82 5.25
N ASP A 10 -1.51 -2.27 5.65
CA ASP A 10 -2.21 -2.79 6.81
C ASP A 10 -3.18 -3.91 6.44
N THR A 11 -3.81 -3.85 5.26
CA THR A 11 -4.92 -4.71 4.89
C THR A 11 -5.02 -4.73 3.38
N CYS A 12 -5.24 -5.93 2.82
CA CYS A 12 -4.88 -6.24 1.47
C CYS A 12 -5.67 -7.39 0.91
N LEU A 13 -5.36 -7.75 -0.33
CA LEU A 13 -6.13 -8.69 -1.10
C LEU A 13 -5.16 -9.27 -2.10
N CYS A 14 -4.77 -10.53 -1.84
CA CYS A 14 -3.98 -11.35 -2.70
C CYS A 14 -4.81 -12.23 -3.59
N THR A 15 -4.38 -12.41 -4.86
CA THR A 15 -5.13 -13.21 -5.82
C THR A 15 -4.87 -14.71 -5.74
N ARG A 16 -5.87 -15.49 -6.16
CA ARG A 16 -5.68 -16.82 -6.68
C ARG A 16 -5.28 -16.70 -8.15
N SER A 17 -4.09 -17.20 -8.52
CA SER A 17 -3.53 -17.09 -9.85
C SER A 17 -2.23 -17.86 -9.87
N GLN A 18 -1.42 -17.65 -10.91
CA GLN A 18 -0.21 -18.37 -11.20
C GLN A 18 0.67 -17.47 -12.08
N PRO A 19 1.67 -16.78 -11.52
CA PRO A 19 1.91 -16.60 -10.09
C PRO A 19 0.84 -15.75 -9.44
N PRO A 20 0.63 -15.77 -8.13
CA PRO A 20 -0.26 -14.84 -7.46
C PRO A 20 0.30 -13.44 -7.45
N THR A 21 -0.55 -12.48 -7.10
CA THR A 21 -0.21 -11.07 -7.20
C THR A 21 -1.16 -10.36 -6.27
N CYS A 22 -0.73 -9.24 -5.68
CA CYS A 22 -1.40 -8.75 -4.50
C CYS A 22 -1.41 -7.25 -4.45
N ARG A 23 -2.18 -6.70 -3.52
CA ARG A 23 -2.30 -5.28 -3.33
C ARG A 23 -3.14 -4.93 -2.13
N CYS A 24 -2.95 -3.71 -1.63
CA CYS A 24 -3.64 -3.15 -0.49
C CYS A 24 -5.02 -2.70 -0.88
N VAL A 25 -5.79 -2.18 0.09
CA VAL A 25 -7.24 -2.02 -0.01
C VAL A 25 -7.79 -1.32 1.24
N ASP A 26 -7.01 -1.15 2.35
CA ASP A 26 -7.07 0.09 3.08
C ASP A 26 -6.46 1.24 2.27
N VAL A 27 -7.07 2.43 2.31
CA VAL A 27 -6.45 3.62 1.76
C VAL A 27 -5.55 4.23 2.81
N ARG A 28 -4.46 4.87 2.40
CA ARG A 28 -3.55 5.43 3.36
C ARG A 28 -2.61 6.46 2.80
N GLU A 29 -1.91 7.14 3.72
CA GLU A 29 -1.02 8.24 3.53
C GLU A 29 0.08 8.04 2.48
N SER A 30 1.09 7.20 2.78
CA SER A 30 2.25 7.02 1.89
C SER A 30 1.99 6.28 0.60
N CYS A 31 2.42 6.89 -0.51
CA CYS A 31 2.56 6.25 -1.81
C CYS A 31 4.04 6.02 -2.07
N HIS A 32 4.39 5.11 -2.98
CA HIS A 32 5.76 4.84 -3.34
C HIS A 32 5.84 4.50 -4.81
N SER A 33 7.06 4.53 -5.37
CA SER A 33 7.35 4.24 -6.76
C SER A 33 7.30 2.75 -7.07
N ALA A 34 7.04 1.92 -6.04
CA ALA A 34 6.87 0.49 -6.11
C ALA A 34 5.63 0.05 -6.87
N CYS A 35 4.66 0.97 -7.03
CA CYS A 35 3.52 0.83 -7.90
C CYS A 35 3.56 1.90 -8.98
N ASP A 36 2.93 1.67 -10.15
CA ASP A 36 3.01 2.62 -11.25
C ASP A 36 2.06 3.80 -11.08
N LYS A 37 0.78 3.52 -10.81
CA LYS A 37 -0.25 4.53 -10.68
C LYS A 37 -0.66 4.72 -9.23
N CYS A 38 -0.19 5.79 -8.58
CA CYS A 38 -0.79 6.30 -7.39
C CYS A 38 -1.91 7.26 -7.77
N VAL A 39 -3.07 7.14 -7.12
CA VAL A 39 -4.09 8.16 -7.11
C VAL A 39 -4.10 8.64 -5.69
N CYS A 40 -4.15 9.95 -5.43
CA CYS A 40 -3.98 10.45 -4.08
C CYS A 40 -4.78 11.70 -3.87
N ALA A 41 -6.08 11.49 -3.65
CA ALA A 41 -7.04 12.53 -3.40
C ALA A 41 -6.83 13.27 -2.09
N TYR A 42 -6.96 14.59 -2.16
CA TYR A 42 -6.48 15.57 -1.20
C TYR A 42 -7.43 15.81 -0.04
N SER A 43 -8.32 14.83 0.18
CA SER A 43 -9.31 14.72 1.23
C SER A 43 -8.73 14.69 2.64
N ASN A 44 -9.58 14.34 3.61
CA ASN A 44 -9.27 14.41 5.00
C ASN A 44 -10.05 13.29 5.71
N PRO A 45 -9.40 12.20 6.09
CA PRO A 45 -8.04 11.82 5.71
C PRO A 45 -7.94 11.50 4.22
N PRO A 46 -6.76 11.48 3.58
CA PRO A 46 -6.66 11.38 2.14
C PRO A 46 -7.05 10.02 1.61
N GLN A 47 -7.49 9.97 0.35
CA GLN A 47 -7.96 8.76 -0.25
C GLN A 47 -6.96 8.46 -1.33
N CYS A 48 -6.10 7.47 -1.07
CA CYS A 48 -4.80 7.47 -1.67
C CYS A 48 -4.31 6.06 -1.62
N GLN A 49 -3.96 5.59 -2.83
CA GLN A 49 -3.89 4.20 -3.16
C GLN A 49 -2.97 4.00 -4.34
N CYS A 50 -2.25 2.87 -4.30
CA CYS A 50 -1.69 2.26 -5.49
C CYS A 50 -2.78 1.55 -6.27
N TYR A 51 -3.36 2.23 -7.28
CA TYR A 51 -4.14 1.75 -8.41
C TYR A 51 -3.52 0.61 -9.22
N ASP A 52 -3.02 -0.42 -8.56
CA ASP A 52 -2.16 -1.42 -9.15
C ASP A 52 -2.17 -2.71 -8.35
N THR A 53 -1.96 -3.85 -9.04
CA THR A 53 -1.78 -5.16 -8.46
C THR A 53 -0.42 -5.69 -8.89
N HIS A 54 0.60 -5.75 -8.02
CA HIS A 54 1.87 -6.35 -8.41
C HIS A 54 2.62 -7.07 -7.31
N LYS A 55 3.10 -6.33 -6.29
CA LYS A 55 3.92 -6.84 -5.22
C LYS A 55 3.09 -7.63 -4.21
N PHE A 56 3.78 -8.21 -3.21
CA PHE A 56 3.16 -8.98 -2.14
C PHE A 56 2.58 -8.07 -1.05
N CYS A 57 1.93 -8.63 -0.01
CA CYS A 57 1.36 -7.84 1.06
C CYS A 57 2.40 -7.59 2.14
N TYR A 58 2.84 -6.34 2.25
CA TYR A 58 3.87 -5.92 3.20
C TYR A 58 3.35 -5.80 4.61
N LYS A 59 4.29 -5.73 5.56
CA LYS A 59 4.09 -5.47 6.96
C LYS A 59 3.24 -4.24 7.28
N ALA A 60 2.60 -4.25 8.47
CA ALA A 60 1.78 -3.16 8.92
C ALA A 60 2.55 -1.91 9.26
N CYS A 61 1.89 -0.76 9.11
CA CYS A 61 2.53 0.53 9.01
C CYS A 61 2.16 1.42 10.17
N HIS A 62 2.30 0.90 11.40
CA HIS A 62 1.98 1.64 12.60
C HIS A 62 3.22 2.27 13.19
N ASN A 63 3.58 3.46 12.70
CA ASN A 63 4.74 4.23 13.06
C ASN A 63 4.76 4.67 14.52
N SER A 64 4.22 5.87 14.79
CA SER A 64 4.06 6.40 16.14
C SER A 64 2.59 6.63 16.43
N GLU A 65 2.29 7.16 17.63
CA GLU A 65 0.96 7.51 18.08
C GLU A 65 0.23 8.49 17.16
N ILE A 66 0.90 9.59 16.83
CA ILE A 66 0.41 10.62 15.93
C ILE A 66 0.64 10.25 14.47
N GLU A 67 -0.28 10.59 13.54
CA GLU A 67 -0.19 10.20 12.13
C GLU A 67 -0.12 11.41 11.17
CL CL B . 11.39 -5.65 5.92
CL CL C . 9.75 5.32 -3.35
CL CL D . 3.81 10.24 0.24
CL CL E . 6.62 5.17 4.82
CL CL F . 1.72 10.42 -10.01
CL CL G . 1.77 -12.06 0.55
CL CL H . -3.48 5.07 8.12
CL CL I . -6.39 -7.66 -9.95
CL CL J . 3.72 -2.44 -11.40
CL CL K . -7.54 4.98 -13.10
CL CL L . 16.72 5.52 -1.58
N GLY A 1 11.05 10.12 0.69
CA GLY A 1 12.01 8.99 0.75
C GLY A 1 13.35 9.38 0.19
N ASP A 2 14.21 8.38 -0.07
CA ASP A 2 15.52 8.58 -0.65
C ASP A 2 15.96 7.28 -1.28
N ASP A 3 15.32 6.94 -2.41
CA ASP A 3 15.59 5.81 -3.29
C ASP A 3 15.66 4.43 -2.67
N VAL A 4 14.88 4.20 -1.62
CA VAL A 4 14.60 2.88 -1.09
C VAL A 4 13.24 2.47 -1.61
N LYS A 5 13.03 1.17 -1.91
CA LYS A 5 11.75 0.59 -2.31
C LYS A 5 10.96 0.19 -1.08
N SER A 6 11.09 1.04 -0.06
CA SER A 6 10.36 1.07 1.18
C SER A 6 8.86 1.21 0.98
N ALA A 7 8.06 0.64 1.89
CA ALA A 7 6.65 0.61 1.68
C ALA A 7 5.83 0.31 2.93
N CYS A 8 5.14 1.31 3.47
CA CYS A 8 4.06 1.08 4.39
C CYS A 8 2.78 0.67 3.65
N CYS A 9 2.50 -0.66 3.67
CA CYS A 9 1.23 -1.21 3.23
C CYS A 9 0.39 -1.70 4.38
N ASP A 10 -0.71 -0.97 4.65
CA ASP A 10 -1.63 -1.15 5.75
C ASP A 10 -2.39 -2.49 5.71
N THR A 11 -2.93 -2.87 4.54
CA THR A 11 -3.84 -4.00 4.39
C THR A 11 -3.81 -4.42 2.94
N CYS A 12 -3.99 -5.70 2.61
CA CYS A 12 -3.53 -6.23 1.34
C CYS A 12 -4.28 -7.47 0.94
N LEU A 13 -4.17 -7.79 -0.36
CA LEU A 13 -5.05 -8.74 -0.98
C LEU A 13 -4.33 -9.32 -2.15
N CYS A 14 -3.95 -10.59 -1.99
CA CYS A 14 -3.47 -11.46 -3.03
C CYS A 14 -4.62 -12.29 -3.60
N THR A 15 -4.69 -12.37 -4.91
CA THR A 15 -5.74 -13.12 -5.61
C THR A 15 -5.58 -14.64 -5.60
N ARG A 16 -6.69 -15.34 -5.81
CA ARG A 16 -6.66 -16.68 -6.40
C ARG A 16 -6.56 -16.54 -7.91
N SER A 17 -5.53 -17.13 -8.51
CA SER A 17 -5.27 -17.11 -9.94
C SER A 17 -4.04 -17.96 -10.13
N GLN A 18 -3.39 -17.90 -11.29
CA GLN A 18 -2.22 -18.70 -11.57
C GLN A 18 -1.35 -18.04 -12.64
N PRO A 19 -0.28 -17.34 -12.28
CA PRO A 19 0.18 -17.07 -10.91
C PRO A 19 -0.74 -16.10 -10.18
N PRO A 20 -0.75 -16.05 -8.85
CA PRO A 20 -1.52 -15.06 -8.10
C PRO A 20 -0.98 -13.66 -8.30
N THR A 21 -1.66 -12.67 -7.75
CA THR A 21 -1.44 -11.28 -8.14
C THR A 21 -1.96 -10.41 -7.02
N CYS A 22 -1.23 -9.34 -6.64
CA CYS A 22 -1.43 -8.76 -5.32
C CYS A 22 -1.24 -7.27 -5.24
N ARG A 23 -1.80 -6.66 -4.18
CA ARG A 23 -1.81 -5.22 -3.98
C ARG A 23 -2.40 -4.84 -2.62
N CYS A 24 -2.33 -3.52 -2.31
CA CYS A 24 -2.60 -2.97 -1.00
C CYS A 24 -3.95 -2.25 -0.97
N VAL A 25 -5.00 -2.90 -0.42
CA VAL A 25 -6.38 -2.44 -0.41
C VAL A 25 -6.61 -1.14 0.32
N ASP A 26 -6.02 -1.01 1.51
CA ASP A 26 -6.26 0.10 2.40
C ASP A 26 -5.35 1.26 2.05
N VAL A 27 -5.98 2.38 1.70
CA VAL A 27 -5.32 3.62 1.37
C VAL A 27 -4.64 4.34 2.51
N ARG A 28 -3.62 5.12 2.14
CA ARG A 28 -2.81 5.90 3.04
C ARG A 28 -3.09 7.37 2.87
N GLU A 29 -2.72 8.15 3.90
CA GLU A 29 -2.09 9.43 3.74
C GLU A 29 -0.85 9.43 2.82
N SER A 30 0.33 9.11 3.36
CA SER A 30 1.61 9.00 2.63
C SER A 30 1.74 7.83 1.71
N CYS A 31 1.80 8.09 0.39
CA CYS A 31 2.09 7.04 -0.58
C CYS A 31 3.57 6.84 -0.79
N HIS A 32 4.24 6.31 0.23
CA HIS A 32 5.48 5.58 0.09
C HIS A 32 5.21 4.20 0.64
N SER A 33 4.66 3.39 -0.25
CA SER A 33 3.81 2.26 0.08
C SER A 33 3.73 1.21 -1.03
N ALA A 34 4.03 1.62 -2.27
CA ALA A 34 3.24 1.21 -3.37
C ALA A 34 4.05 0.94 -4.62
N CYS A 35 3.34 0.40 -5.60
CA CYS A 35 3.73 0.37 -6.98
C CYS A 35 3.84 1.76 -7.61
N ASP A 36 4.26 1.81 -8.89
CA ASP A 36 4.26 2.98 -9.75
C ASP A 36 2.99 3.82 -9.71
N LYS A 37 1.85 3.18 -10.03
CA LYS A 37 0.58 3.84 -10.19
C LYS A 37 -0.17 4.02 -8.88
N CYS A 38 0.35 4.91 -8.02
CA CYS A 38 -0.34 5.41 -6.86
C CYS A 38 -1.21 6.61 -7.17
N VAL A 39 -2.53 6.42 -7.20
CA VAL A 39 -3.50 7.46 -7.43
C VAL A 39 -3.99 7.94 -6.09
N CYS A 40 -4.31 9.22 -5.89
CA CYS A 40 -4.61 9.70 -4.56
C CYS A 40 -5.61 10.81 -4.50
N ALA A 41 -6.82 10.45 -4.07
CA ALA A 41 -7.87 11.41 -3.77
C ALA A 41 -7.53 12.29 -2.59
N TYR A 42 -7.72 13.60 -2.76
CA TYR A 42 -7.28 14.67 -1.89
C TYR A 42 -8.22 14.95 -0.74
N SER A 43 -8.89 13.89 -0.30
CA SER A 43 -9.77 13.77 0.83
C SER A 43 -9.13 14.10 2.16
N ASN A 44 -9.81 13.77 3.26
CA ASN A 44 -9.34 14.06 4.57
C ASN A 44 -9.84 12.99 5.52
N PRO A 45 -9.02 11.99 5.88
CA PRO A 45 -7.67 11.75 5.36
C PRO A 45 -7.62 11.36 3.87
N PRO A 46 -6.55 11.58 3.10
CA PRO A 46 -6.52 11.23 1.68
C PRO A 46 -6.65 9.77 1.36
N GLN A 47 -6.80 9.44 0.07
CA GLN A 47 -7.04 8.09 -0.35
C GLN A 47 -6.04 7.67 -1.40
N CYS A 48 -4.77 7.52 -0.97
CA CYS A 48 -3.68 7.11 -1.81
C CYS A 48 -3.66 5.61 -2.00
N GLN A 49 -3.77 5.13 -3.25
CA GLN A 49 -3.91 3.74 -3.58
C GLN A 49 -3.08 3.28 -4.77
N CYS A 50 -2.40 2.13 -4.62
CA CYS A 50 -1.68 1.41 -5.65
C CYS A 50 -2.63 0.65 -6.56
N TYR A 51 -3.15 1.36 -7.58
CA TYR A 51 -4.07 0.89 -8.61
C TYR A 51 -3.61 -0.38 -9.29
N ASP A 52 -2.34 -0.39 -9.68
CA ASP A 52 -1.73 -1.44 -10.47
C ASP A 52 -1.27 -2.59 -9.60
N THR A 53 -1.73 -3.81 -9.91
CA THR A 53 -1.28 -5.03 -9.24
C THR A 53 0.15 -5.39 -9.57
N HIS A 54 0.96 -5.65 -8.54
CA HIS A 54 2.39 -5.81 -8.69
C HIS A 54 2.99 -6.82 -7.73
N LYS A 55 2.83 -6.48 -6.43
CA LYS A 55 3.65 -6.91 -5.34
C LYS A 55 3.17 -8.15 -4.58
N PHE A 56 3.14 -8.08 -3.24
CA PHE A 56 2.76 -9.15 -2.36
C PHE A 56 2.23 -8.51 -1.08
N CYS A 57 1.90 -9.30 -0.04
CA CYS A 57 1.50 -8.76 1.25
C CYS A 57 2.69 -8.39 2.09
N TYR A 58 3.25 -7.20 1.80
CA TYR A 58 4.34 -6.59 2.53
C TYR A 58 3.85 -5.93 3.82
N LYS A 59 4.82 -5.65 4.69
CA LYS A 59 4.73 -5.00 5.97
C LYS A 59 3.95 -3.68 6.03
N ALA A 60 3.36 -3.38 7.20
CA ALA A 60 2.60 -2.20 7.47
C ALA A 60 3.32 -1.21 8.36
N CYS A 61 2.95 0.07 8.24
CA CYS A 61 3.30 1.09 9.18
C CYS A 61 2.12 2.03 9.26
N HIS A 62 2.02 2.75 10.38
CA HIS A 62 0.86 3.57 10.70
C HIS A 62 0.74 4.87 9.90
N ASN A 63 -0.49 5.43 9.89
CA ASN A 63 -0.81 6.71 9.30
C ASN A 63 -2.26 7.10 9.54
N SER A 64 -3.18 6.14 9.41
CA SER A 64 -4.62 6.36 9.50
C SER A 64 -5.21 5.66 10.72
N GLU A 65 -4.55 5.80 11.89
CA GLU A 65 -4.92 5.26 13.20
C GLU A 65 -6.31 5.64 13.71
N ILE A 66 -6.82 6.74 13.17
CA ILE A 66 -8.08 7.37 13.44
C ILE A 66 -8.38 8.18 12.19
N GLU A 67 -9.66 8.47 11.93
CA GLU A 67 -10.07 9.23 10.75
C GLU A 67 -10.94 10.48 11.09
CL CL B . -11.14 0.21 -3.18
CL CL C . 3.28 -5.65 9.74
CL CL D . 11.17 5.85 3.62
CL CL E . -2.84 2.90 10.12
CL CL F . 9.79 -0.38 4.82
CL CL G . -15.65 -22.27 -4.74
CL CL H . -5.61 0.00 -16.27
CL CL I . 5.91 -0.97 -9.86
CL CL J . 3.23 -12.70 1.41
CL CL K . 15.94 -0.49 -2.74
CL CL L . -4.43 -7.94 5.17
N GLY A 1 14.89 7.21 9.79
CA GLY A 1 14.75 7.54 8.35
C GLY A 1 13.36 7.31 7.85
N ASP A 2 12.98 8.01 6.78
CA ASP A 2 11.62 7.96 6.26
C ASP A 2 11.65 8.41 4.80
N ASP A 3 12.33 7.64 3.96
CA ASP A 3 12.54 7.99 2.57
C ASP A 3 12.74 6.75 1.73
N VAL A 4 11.83 5.78 1.90
CA VAL A 4 12.06 4.40 1.56
C VAL A 4 11.11 3.86 0.51
N LYS A 5 11.64 2.96 -0.35
CA LYS A 5 10.94 2.18 -1.34
C LYS A 5 10.20 0.97 -0.78
N SER A 6 10.27 0.78 0.53
CA SER A 6 9.47 -0.20 1.27
C SER A 6 7.98 -0.03 1.14
N ALA A 7 7.27 -1.09 0.74
CA ALA A 7 5.82 -1.10 0.71
C ALA A 7 5.23 -1.15 2.11
N CYS A 8 4.33 -0.20 2.42
CA CYS A 8 3.74 -0.11 3.74
C CYS A 8 2.27 -0.52 3.74
N CYS A 9 1.93 -1.66 4.37
CA CYS A 9 0.66 -2.35 4.19
C CYS A 9 0.06 -2.85 5.48
N ASP A 10 -0.92 -3.76 5.40
CA ASP A 10 -1.32 -4.77 6.38
C ASP A 10 -2.63 -5.36 5.94
N THR A 11 -3.57 -4.50 5.52
CA THR A 11 -4.68 -4.92 4.66
C THR A 11 -4.23 -5.03 3.22
N CYS A 12 -4.63 -6.11 2.56
CA CYS A 12 -4.06 -6.62 1.33
C CYS A 12 -5.11 -7.47 0.65
N LEU A 13 -5.03 -7.57 -0.68
CA LEU A 13 -6.09 -8.16 -1.48
C LEU A 13 -5.46 -8.66 -2.75
N CYS A 14 -5.97 -9.78 -3.28
CA CYS A 14 -5.21 -10.53 -4.25
C CYS A 14 -5.98 -11.22 -5.33
N THR A 15 -5.30 -11.42 -6.47
CA THR A 15 -5.68 -12.39 -7.48
C THR A 15 -5.25 -13.78 -7.08
N ARG A 16 -6.20 -14.72 -6.98
CA ARG A 16 -5.88 -16.12 -6.97
C ARG A 16 -5.70 -16.57 -8.41
N SER A 17 -4.54 -17.15 -8.72
CA SER A 17 -4.11 -17.32 -10.09
C SER A 17 -2.79 -18.09 -10.11
N GLN A 18 -1.99 -17.86 -11.16
CA GLN A 18 -0.82 -18.63 -11.52
C GLN A 18 0.11 -17.74 -12.34
N PRO A 19 1.08 -17.04 -11.73
CA PRO A 19 1.24 -16.85 -10.30
C PRO A 19 0.13 -15.99 -9.71
N PRO A 20 -0.26 -16.09 -8.44
CA PRO A 20 -1.12 -15.11 -7.82
C PRO A 20 -0.39 -13.80 -7.66
N THR A 21 -1.13 -12.70 -7.51
CA THR A 21 -0.56 -11.39 -7.78
C THR A 21 -1.42 -10.37 -7.08
N CYS A 22 -0.90 -9.88 -5.94
CA CYS A 22 -1.61 -9.11 -4.96
C CYS A 22 -1.48 -7.61 -5.10
N ARG A 23 -1.98 -6.91 -4.07
CA ARG A 23 -1.85 -5.49 -3.87
C ARG A 23 -2.44 -5.17 -2.52
N CYS A 24 -2.19 -3.96 -2.08
CA CYS A 24 -2.29 -3.48 -0.73
C CYS A 24 -3.23 -2.30 -0.74
N VAL A 25 -4.04 -2.08 0.31
CA VAL A 25 -5.40 -1.55 0.08
C VAL A 25 -6.15 -1.27 1.38
N ASP A 26 -5.40 -0.94 2.46
CA ASP A 26 -5.85 0.13 3.33
C ASP A 26 -5.19 1.40 2.83
N VAL A 27 -5.91 2.50 2.98
CA VAL A 27 -5.53 3.81 2.55
C VAL A 27 -4.65 4.52 3.56
N ARG A 28 -3.82 5.45 3.06
CA ARG A 28 -3.07 6.35 3.91
C ARG A 28 -3.26 7.74 3.37
N GLU A 29 -2.89 8.76 4.17
CA GLU A 29 -2.40 10.04 3.67
C GLU A 29 -1.25 9.91 2.68
N SER A 30 -0.19 9.22 3.13
CA SER A 30 1.04 8.87 2.43
C SER A 30 0.92 8.09 1.13
N CYS A 31 1.69 8.55 0.11
CA CYS A 31 1.83 7.86 -1.16
C CYS A 31 2.97 6.85 -1.08
N HIS A 32 3.66 6.48 -2.19
CA HIS A 32 4.56 5.33 -2.18
C HIS A 32 5.27 5.06 -3.50
N SER A 33 6.61 5.24 -3.53
CA SER A 33 7.52 4.82 -4.60
C SER A 33 7.62 3.31 -4.71
N ALA A 34 7.11 2.58 -3.70
CA ALA A 34 7.09 1.15 -3.62
C ALA A 34 6.13 0.47 -4.57
N CYS A 35 5.35 1.25 -5.32
CA CYS A 35 4.29 0.73 -6.15
C CYS A 35 4.12 1.54 -7.42
N ASP A 36 3.19 1.15 -8.29
CA ASP A 36 2.83 1.88 -9.49
C ASP A 36 1.71 2.84 -9.12
N LYS A 37 0.63 2.92 -9.94
CA LYS A 37 -0.55 3.75 -9.80
C LYS A 37 -1.07 4.13 -8.40
N CYS A 38 -0.49 5.20 -7.82
CA CYS A 38 -0.90 5.79 -6.57
C CYS A 38 -1.98 6.81 -6.85
N VAL A 39 -3.22 6.46 -6.49
CA VAL A 39 -4.36 7.30 -6.69
C VAL A 39 -4.64 7.94 -5.36
N CYS A 40 -4.69 9.28 -5.29
CA CYS A 40 -4.74 9.95 -4.03
C CYS A 40 -5.49 11.24 -4.08
N ALA A 41 -6.81 11.14 -4.18
CA ALA A 41 -7.70 12.28 -4.24
C ALA A 41 -7.75 13.07 -2.95
N TYR A 42 -7.95 14.38 -3.08
CA TYR A 42 -7.68 15.40 -2.08
C TYR A 42 -8.75 15.61 -1.03
N SER A 43 -9.28 14.48 -0.56
CA SER A 43 -10.12 14.29 0.61
C SER A 43 -9.45 14.70 1.92
N ASN A 44 -9.86 14.04 3.02
CA ASN A 44 -9.39 14.33 4.35
C ASN A 44 -9.39 13.03 5.16
N PRO A 45 -8.22 12.44 5.38
CA PRO A 45 -6.96 12.73 4.69
C PRO A 45 -7.03 12.34 3.21
N PRO A 46 -6.15 12.79 2.33
CA PRO A 46 -6.22 12.40 0.93
C PRO A 46 -5.99 10.91 0.78
N GLN A 47 -6.62 10.26 -0.20
CA GLN A 47 -6.85 8.85 -0.08
C GLN A 47 -5.89 8.03 -0.92
N CYS A 48 -4.65 7.92 -0.43
CA CYS A 48 -3.55 7.32 -1.18
C CYS A 48 -3.58 5.81 -1.14
N GLN A 49 -3.73 5.22 -2.34
CA GLN A 49 -3.80 3.80 -2.52
C GLN A 49 -3.21 3.39 -3.84
N CYS A 50 -2.48 2.26 -3.88
CA CYS A 50 -1.90 1.73 -5.10
C CYS A 50 -2.80 0.67 -5.72
N TYR A 51 -3.55 1.10 -6.75
CA TYR A 51 -4.44 0.33 -7.60
C TYR A 51 -3.86 -0.94 -8.23
N ASP A 52 -2.55 -0.92 -8.51
CA ASP A 52 -1.90 -1.87 -9.41
C ASP A 52 -1.52 -3.20 -8.74
N THR A 53 -1.83 -4.32 -9.40
CA THR A 53 -1.55 -5.67 -8.93
C THR A 53 -0.26 -6.26 -9.49
N HIS A 54 0.74 -6.42 -8.61
CA HIS A 54 2.03 -7.04 -8.87
C HIS A 54 2.54 -7.78 -7.63
N LYS A 55 2.68 -7.07 -6.49
CA LYS A 55 3.30 -7.53 -5.27
C LYS A 55 2.57 -8.58 -4.44
N PHE A 56 3.10 -8.86 -3.23
CA PHE A 56 2.59 -9.71 -2.19
C PHE A 56 2.26 -8.83 -0.96
N CYS A 57 1.82 -9.39 0.18
CA CYS A 57 1.48 -8.56 1.34
C CYS A 57 2.69 -8.24 2.20
N TYR A 58 2.76 -6.98 2.64
CA TYR A 58 3.88 -6.42 3.38
C TYR A 58 3.57 -6.06 4.82
N LYS A 59 4.65 -5.85 5.59
CA LYS A 59 4.76 -5.03 6.78
C LYS A 59 4.22 -3.60 6.67
N ALA A 60 4.02 -2.94 7.82
CA ALA A 60 3.11 -1.82 7.95
C ALA A 60 3.63 -0.39 7.91
N CYS A 61 2.66 0.54 7.79
CA CYS A 61 2.83 2.00 7.81
C CYS A 61 2.43 2.52 9.17
N HIS A 62 2.55 1.63 10.16
CA HIS A 62 1.89 1.69 11.44
C HIS A 62 2.80 2.30 12.48
N ASN A 63 3.32 3.49 12.16
CA ASN A 63 4.17 4.33 12.95
C ASN A 63 3.53 4.83 14.23
N SER A 64 2.32 5.37 14.11
CA SER A 64 1.70 6.22 15.11
C SER A 64 0.71 5.55 16.05
N GLU A 65 -0.14 4.63 15.56
CA GLU A 65 -1.24 4.02 16.31
C GLU A 65 -0.91 3.32 17.63
N ILE A 66 0.29 2.72 17.77
CA ILE A 66 0.72 2.12 19.04
C ILE A 66 1.26 3.21 19.95
N GLU A 67 2.36 3.91 19.58
CA GLU A 67 2.94 4.96 20.40
C GLU A 67 3.53 6.00 19.42
CL CL B . 12.66 -4.30 4.05
CL CL C . 0.02 -4.21 12.42
CL CL D . -9.80 -6.40 -7.59
CL CL E . -6.45 -14.56 -1.41
CL CL F . -8.60 -2.42 -9.78
CL CL G . 12.10 8.58 11.82
CL CL H . 6.47 -1.64 -8.81
CL CL I . 3.50 11.43 1.04
CL CL J . -1.83 3.02 9.66
CL CL K . -1.49 10.24 -14.40
CL CL L . 1.17 -12.63 0.93
N GLY A 1 7.96 6.56 9.34
CA GLY A 1 8.73 6.05 8.17
C GLY A 1 9.94 6.91 7.95
N ASP A 2 11.12 6.40 8.36
CA ASP A 2 12.35 7.17 8.39
C ASP A 2 13.50 6.16 8.39
N ASP A 3 13.49 5.25 7.42
CA ASP A 3 14.55 4.28 7.21
C ASP A 3 14.55 3.80 5.77
N VAL A 4 13.49 3.07 5.36
CA VAL A 4 13.38 2.46 4.05
C VAL A 4 12.10 2.99 3.43
N LYS A 5 12.14 3.36 2.13
CA LYS A 5 11.02 3.98 1.44
C LYS A 5 10.24 2.97 0.60
N SER A 6 10.45 1.69 0.94
CA SER A 6 9.72 0.53 0.45
C SER A 6 8.23 0.58 0.67
N ALA A 7 7.48 -0.35 0.05
CA ALA A 7 6.07 -0.54 0.29
C ALA A 7 5.75 -0.87 1.75
N CYS A 8 4.49 -0.72 2.15
CA CYS A 8 4.07 -1.13 3.47
C CYS A 8 2.64 -1.61 3.37
N CYS A 9 2.23 -2.58 4.21
CA CYS A 9 0.85 -3.02 4.15
C CYS A 9 0.42 -3.71 5.42
N ASP A 10 -0.74 -3.33 6.00
CA ASP A 10 -1.35 -4.07 7.10
C ASP A 10 -2.43 -5.07 6.68
N THR A 11 -3.09 -4.83 5.54
CA THR A 11 -4.34 -5.51 5.21
C THR A 11 -4.52 -5.41 3.71
N CYS A 12 -4.90 -6.53 3.07
CA CYS A 12 -4.70 -6.66 1.65
C CYS A 12 -5.62 -7.65 1.01
N LEU A 13 -6.20 -7.22 -0.12
CA LEU A 13 -6.99 -8.02 -1.01
C LEU A 13 -6.08 -8.75 -1.97
N CYS A 14 -5.97 -10.07 -1.81
CA CYS A 14 -5.27 -10.90 -2.73
C CYS A 14 -6.18 -11.48 -3.78
N THR A 15 -5.72 -11.41 -5.02
CA THR A 15 -6.37 -12.05 -6.14
C THR A 15 -6.15 -13.54 -6.13
N ARG A 16 -7.18 -14.29 -6.54
CA ARG A 16 -7.06 -15.68 -6.88
C ARG A 16 -6.54 -15.77 -8.30
N SER A 17 -5.33 -16.32 -8.48
CA SER A 17 -4.58 -16.24 -9.72
C SER A 17 -3.34 -17.06 -9.52
N GLN A 18 -2.47 -17.08 -10.51
CA GLN A 18 -1.20 -17.78 -10.44
C GLN A 18 -0.24 -17.15 -11.45
N PRO A 19 0.76 -16.36 -11.04
CA PRO A 19 1.03 -15.93 -9.67
C PRO A 19 -0.08 -15.03 -9.15
N PRO A 20 -0.33 -14.96 -7.84
CA PRO A 20 -1.28 -14.00 -7.28
C PRO A 20 -0.76 -12.59 -7.37
N THR A 21 -1.58 -11.64 -6.93
CA THR A 21 -1.29 -10.22 -7.03
C THR A 21 -2.17 -9.60 -6.00
N CYS A 22 -1.68 -8.62 -5.23
CA CYS A 22 -2.42 -8.25 -4.04
C CYS A 22 -2.32 -6.77 -3.75
N ARG A 23 -3.48 -6.11 -3.83
CA ARG A 23 -3.73 -4.75 -3.40
C ARG A 23 -3.60 -4.56 -1.92
N CYS A 24 -2.99 -3.45 -1.47
CA CYS A 24 -3.09 -3.05 -0.07
C CYS A 24 -4.31 -2.17 0.09
N VAL A 25 -5.38 -2.69 0.71
CA VAL A 25 -6.62 -1.97 0.90
C VAL A 25 -6.51 -0.72 1.74
N ASP A 26 -5.67 -0.76 2.80
CA ASP A 26 -5.56 0.33 3.75
C ASP A 26 -4.93 1.57 3.13
N VAL A 27 -5.71 2.65 2.97
CA VAL A 27 -5.26 3.86 2.30
C VAL A 27 -4.50 4.77 3.24
N ARG A 28 -3.63 5.59 2.66
CA ARG A 28 -2.82 6.51 3.45
C ARG A 28 -2.94 7.92 2.93
N GLU A 29 -2.29 8.84 3.65
CA GLU A 29 -1.91 10.17 3.26
C GLU A 29 -1.13 10.30 1.96
N SER A 30 -0.25 9.33 1.66
CA SER A 30 0.68 9.45 0.56
C SER A 30 1.19 8.11 0.02
N CYS A 31 2.02 8.21 -1.03
CA CYS A 31 2.69 7.11 -1.70
C CYS A 31 4.13 6.89 -1.21
N HIS A 32 4.67 5.66 -1.32
CA HIS A 32 6.08 5.37 -1.06
C HIS A 32 6.81 5.28 -2.40
N SER A 33 8.03 4.70 -2.49
CA SER A 33 8.79 4.70 -3.74
C SER A 33 8.24 3.79 -4.82
N ALA A 34 8.27 2.46 -4.62
CA ALA A 34 8.04 1.48 -5.64
C ALA A 34 6.58 1.13 -5.81
N CYS A 35 5.76 2.17 -5.96
CA CYS A 35 4.45 2.08 -6.58
C CYS A 35 4.39 3.14 -7.65
N ASP A 36 4.29 2.75 -8.93
CA ASP A 36 4.23 3.71 -10.02
C ASP A 36 2.87 4.39 -10.07
N LYS A 37 1.80 3.58 -9.98
CA LYS A 37 0.45 4.04 -10.07
C LYS A 37 -0.19 4.18 -8.69
N CYS A 38 0.22 5.24 -7.99
CA CYS A 38 -0.47 5.73 -6.82
C CYS A 38 -1.54 6.70 -7.27
N VAL A 39 -2.80 6.36 -7.01
CA VAL A 39 -3.93 7.16 -7.36
C VAL A 39 -4.51 7.60 -6.04
N CYS A 40 -4.92 8.87 -5.92
CA CYS A 40 -5.31 9.39 -4.65
C CYS A 40 -6.38 10.41 -4.79
N ALA A 41 -7.58 10.06 -4.31
CA ALA A 41 -8.67 10.99 -4.22
C ALA A 41 -8.40 12.10 -3.23
N TYR A 42 -9.00 13.27 -3.50
CA TYR A 42 -8.69 14.55 -2.90
C TYR A 42 -9.34 14.79 -1.56
N SER A 43 -9.87 13.71 -0.99
CA SER A 43 -10.64 13.63 0.22
C SER A 43 -9.92 14.11 1.47
N ASN A 44 -10.57 13.90 2.62
CA ASN A 44 -10.05 14.28 3.89
C ASN A 44 -10.57 13.27 4.89
N PRO A 45 -9.75 12.34 5.37
CA PRO A 45 -8.37 12.10 4.92
C PRO A 45 -8.32 11.54 3.49
N PRO A 46 -7.26 11.74 2.73
CA PRO A 46 -7.25 11.42 1.30
C PRO A 46 -7.16 9.93 1.06
N GLN A 47 -7.46 9.46 -0.17
CA GLN A 47 -7.60 8.03 -0.40
C GLN A 47 -6.47 7.53 -1.26
N CYS A 48 -5.23 7.61 -0.74
CA CYS A 48 -4.06 7.24 -1.51
C CYS A 48 -3.86 5.75 -1.53
N GLN A 49 -3.95 5.19 -2.77
CA GLN A 49 -3.99 3.79 -3.03
C GLN A 49 -2.99 3.42 -4.08
N CYS A 50 -2.24 2.33 -3.81
CA CYS A 50 -1.33 1.73 -4.77
C CYS A 50 -2.09 0.75 -5.66
N TYR A 51 -2.64 1.25 -6.77
CA TYR A 51 -3.22 0.49 -7.85
C TYR A 51 -2.33 -0.61 -8.39
N ASP A 52 -1.12 -0.21 -8.80
CA ASP A 52 -0.20 -1.09 -9.49
C ASP A 52 0.62 -1.91 -8.55
N THR A 53 0.30 -3.20 -8.50
CA THR A 53 0.91 -4.20 -7.68
C THR A 53 0.98 -5.42 -8.56
N HIS A 54 1.84 -6.37 -8.20
CA HIS A 54 2.05 -7.58 -8.97
C HIS A 54 2.36 -8.70 -8.02
N LYS A 55 3.32 -8.45 -7.12
CA LYS A 55 3.78 -9.37 -6.13
C LYS A 55 2.78 -9.71 -5.02
N PHE A 56 3.02 -9.28 -3.78
CA PHE A 56 2.30 -9.80 -2.63
C PHE A 56 2.25 -8.74 -1.56
N CYS A 57 1.64 -9.05 -0.39
CA CYS A 57 1.44 -8.07 0.64
C CYS A 57 2.70 -7.85 1.45
N TYR A 58 3.11 -6.59 1.60
CA TYR A 58 4.28 -6.25 2.39
C TYR A 58 4.09 -6.46 3.88
N LYS A 59 5.21 -6.44 4.59
CA LYS A 59 5.34 -6.22 6.02
C LYS A 59 4.57 -5.00 6.53
N ALA A 60 4.23 -5.03 7.82
CA ALA A 60 3.27 -4.12 8.37
C ALA A 60 3.71 -2.67 8.51
N CYS A 61 2.69 -1.79 8.43
CA CYS A 61 2.83 -0.36 8.37
C CYS A 61 2.25 0.28 9.62
N HIS A 62 2.46 -0.36 10.78
CA HIS A 62 2.15 0.23 12.06
C HIS A 62 3.39 0.92 12.57
N ASN A 63 3.29 2.22 12.90
CA ASN A 63 4.37 3.04 13.39
C ASN A 63 3.81 4.41 13.71
N SER A 64 3.00 4.46 14.78
CA SER A 64 2.55 5.70 15.37
C SER A 64 3.06 5.75 16.78
N GLU A 65 4.40 5.93 16.89
CA GLU A 65 5.18 6.05 18.11
C GLU A 65 4.72 7.13 19.08
N ILE A 66 4.05 8.15 18.53
CA ILE A 66 3.60 9.36 19.18
C ILE A 66 2.45 9.86 18.31
N GLU A 67 2.80 10.29 17.08
CA GLU A 67 1.92 10.52 15.96
C GLU A 67 2.65 9.79 14.80
CL CL B . 12.01 -3.33 6.27
CL CL C . 8.85 -2.72 -2.26
CL CL D . 1.72 11.23 -2.66
CL CL E . 12.66 11.96 0.87
CL CL F . -5.76 2.24 -16.29
CL CL G . 5.53 -11.13 -9.51
CL CL H . -3.93 -4.83 10.96
CL CL I . -11.14 -2.64 -3.78
CL CL J . 5.24 -4.44 -9.06
CL CL K . -7.52 4.98 -12.94
CL CL L . 15.16 3.43 0.25
N GLY A 1 16.29 -2.56 12.50
CA GLY A 1 15.52 -3.84 12.47
C GLY A 1 14.21 -3.66 11.77
N ASP A 2 13.32 -2.83 12.35
CA ASP A 2 12.03 -2.49 11.79
C ASP A 2 11.60 -1.19 12.42
N ASP A 3 12.35 -0.15 12.11
CA ASP A 3 12.19 1.20 12.58
C ASP A 3 12.75 2.08 11.49
N VAL A 4 12.08 2.03 10.34
CA VAL A 4 12.54 2.54 9.08
C VAL A 4 11.34 3.01 8.30
N LYS A 5 11.50 4.03 7.44
CA LYS A 5 10.46 4.56 6.58
C LYS A 5 10.40 3.83 5.26
N SER A 6 10.44 2.51 5.37
CA SER A 6 10.10 1.52 4.36
C SER A 6 8.67 1.66 3.83
N ALA A 7 8.30 0.85 2.83
CA ALA A 7 6.92 0.65 2.49
C ALA A 7 6.18 -0.09 3.61
N CYS A 8 4.85 0.10 3.66
CA CYS A 8 3.97 -0.58 4.57
C CYS A 8 2.88 -1.27 3.79
N CYS A 9 2.37 -2.41 4.26
CA CYS A 9 1.18 -3.00 3.69
C CYS A 9 0.41 -3.69 4.82
N ASP A 10 -0.56 -3.00 5.47
CA ASP A 10 -1.34 -3.61 6.55
C ASP A 10 -2.47 -4.45 5.98
N THR A 11 -3.53 -3.79 5.49
CA THR A 11 -4.62 -4.46 4.80
C THR A 11 -4.22 -4.72 3.37
N CYS A 12 -4.40 -5.97 2.92
CA CYS A 12 -3.78 -6.47 1.73
C CYS A 12 -4.58 -7.64 1.23
N LEU A 13 -4.53 -7.87 -0.07
CA LEU A 13 -5.40 -8.80 -0.72
C LEU A 13 -4.73 -9.28 -1.98
N CYS A 14 -5.06 -10.51 -2.37
CA CYS A 14 -4.37 -11.24 -3.39
C CYS A 14 -5.37 -12.07 -4.12
N THR A 15 -5.17 -12.23 -5.42
CA THR A 15 -6.11 -12.94 -6.28
C THR A 15 -6.02 -14.45 -6.17
N ARG A 16 -7.14 -15.14 -6.45
CA ARG A 16 -7.11 -16.54 -6.77
C ARG A 16 -6.75 -16.68 -8.24
N SER A 17 -5.52 -17.14 -8.51
CA SER A 17 -4.94 -17.07 -9.82
C SER A 17 -3.60 -17.74 -9.77
N GLN A 18 -2.74 -17.46 -10.74
CA GLN A 18 -1.54 -18.18 -11.01
C GLN A 18 -0.57 -17.27 -11.75
N PRO A 19 0.50 -16.77 -11.13
CA PRO A 19 0.65 -16.64 -9.67
C PRO A 19 -0.36 -15.64 -9.11
N PRO A 20 -0.65 -15.60 -7.81
CA PRO A 20 -1.56 -14.63 -7.25
C PRO A 20 -0.98 -13.23 -7.28
N THR A 21 -1.67 -12.29 -7.94
CA THR A 21 -1.33 -10.88 -7.99
C THR A 21 -1.82 -10.21 -6.74
N CYS A 22 -1.14 -9.14 -6.28
CA CYS A 22 -1.36 -8.69 -4.92
C CYS A 22 -1.25 -7.19 -4.82
N ARG A 23 -1.79 -6.67 -3.73
CA ARG A 23 -2.26 -5.30 -3.72
C ARG A 23 -2.70 -4.97 -2.31
N CYS A 24 -2.18 -3.84 -1.81
CA CYS A 24 -2.58 -3.26 -0.53
C CYS A 24 -3.81 -2.41 -0.81
N VAL A 25 -4.58 -2.04 0.22
CA VAL A 25 -6.01 -1.78 0.06
C VAL A 25 -6.48 -1.30 1.44
N ASP A 26 -5.61 -0.47 2.00
CA ASP A 26 -5.89 0.58 2.94
C ASP A 26 -5.35 1.80 2.23
N VAL A 27 -6.08 2.92 2.28
CA VAL A 27 -5.66 4.17 1.66
C VAL A 27 -4.77 4.95 2.60
N ARG A 28 -3.73 5.56 2.03
CA ARG A 28 -2.74 6.28 2.81
C ARG A 28 -2.71 7.72 2.38
N GLU A 29 -2.10 8.57 3.21
CA GLU A 29 -1.76 9.96 2.96
C GLU A 29 -0.99 10.25 1.70
N SER A 30 -0.22 9.25 1.25
CA SER A 30 0.76 9.41 0.19
C SER A 30 1.05 8.11 -0.48
N CYS A 31 1.84 8.18 -1.56
CA CYS A 31 2.39 7.04 -2.25
C CYS A 31 3.70 6.58 -1.62
N HIS A 32 4.11 5.34 -1.93
CA HIS A 32 5.47 4.90 -1.74
C HIS A 32 5.91 4.33 -3.05
N SER A 33 7.22 4.39 -3.33
CA SER A 33 7.88 4.04 -4.58
C SER A 33 7.75 2.60 -5.05
N ALA A 34 7.01 1.76 -4.31
CA ALA A 34 6.68 0.40 -4.66
C ALA A 34 5.44 0.27 -5.54
N CYS A 35 4.68 1.37 -5.68
CA CYS A 35 3.46 1.43 -6.44
C CYS A 35 3.68 2.11 -7.79
N ASP A 36 3.00 1.63 -8.85
CA ASP A 36 3.09 2.23 -10.16
C ASP A 36 2.11 3.39 -10.35
N LYS A 37 0.83 3.20 -9.98
CA LYS A 37 -0.23 4.16 -10.21
C LYS A 37 -0.92 4.50 -8.90
N CYS A 38 -0.42 5.53 -8.21
CA CYS A 38 -1.03 6.09 -7.03
C CYS A 38 -2.06 7.13 -7.35
N VAL A 39 -3.35 6.84 -7.11
CA VAL A 39 -4.42 7.77 -7.33
C VAL A 39 -4.92 8.23 -5.97
N CYS A 40 -4.57 9.46 -5.58
CA CYS A 40 -5.02 10.06 -4.36
C CYS A 40 -6.27 10.86 -4.54
N ALA A 41 -7.36 10.46 -3.88
CA ALA A 41 -8.51 11.34 -3.73
C ALA A 41 -8.19 12.53 -2.84
N TYR A 42 -8.90 13.64 -3.06
CA TYR A 42 -8.59 14.98 -2.58
C TYR A 42 -9.04 15.29 -1.17
N SER A 43 -9.48 14.24 -0.51
CA SER A 43 -10.08 14.12 0.81
C SER A 43 -9.26 14.60 2.01
N ASN A 44 -9.63 14.10 3.21
CA ASN A 44 -9.02 14.48 4.46
C ASN A 44 -9.07 13.30 5.42
N PRO A 45 -7.94 12.64 5.70
CA PRO A 45 -6.69 12.75 4.95
C PRO A 45 -6.86 12.21 3.54
N PRO A 46 -5.98 12.50 2.58
CA PRO A 46 -6.20 12.10 1.20
C PRO A 46 -6.10 10.60 1.04
N GLN A 47 -6.78 10.06 0.01
CA GLN A 47 -6.99 8.64 -0.08
C GLN A 47 -6.22 8.09 -1.25
N CYS A 48 -4.93 7.82 -1.01
CA CYS A 48 -4.05 7.22 -1.99
C CYS A 48 -4.21 5.73 -2.08
N GLN A 49 -4.70 5.26 -3.24
CA GLN A 49 -4.82 3.87 -3.58
C GLN A 49 -3.83 3.52 -4.66
N CYS A 50 -3.30 2.29 -4.57
CA CYS A 50 -2.44 1.72 -5.58
C CYS A 50 -3.26 0.94 -6.57
N TYR A 51 -3.71 1.62 -7.65
CA TYR A 51 -4.49 1.05 -8.74
C TYR A 51 -3.91 -0.18 -9.40
N ASP A 52 -2.60 -0.14 -9.65
CA ASP A 52 -1.87 -1.19 -10.32
C ASP A 52 -1.29 -2.15 -9.29
N THR A 53 -1.36 -3.47 -9.56
CA THR A 53 -0.78 -4.50 -8.70
C THR A 53 0.73 -4.49 -8.75
N HIS A 54 1.42 -5.06 -7.74
CA HIS A 54 2.88 -5.03 -7.77
C HIS A 54 3.51 -6.26 -7.15
N LYS A 55 3.68 -6.27 -5.82
CA LYS A 55 4.51 -7.21 -5.11
C LYS A 55 3.67 -8.24 -4.36
N PHE A 56 4.15 -8.73 -3.21
CA PHE A 56 3.42 -9.59 -2.30
C PHE A 56 2.83 -8.75 -1.17
N CYS A 57 2.20 -9.34 -0.14
CA CYS A 57 1.80 -8.59 1.03
C CYS A 57 2.98 -8.37 1.94
N TYR A 58 3.49 -7.11 1.92
CA TYR A 58 4.66 -6.66 2.64
C TYR A 58 4.45 -6.67 4.14
N LYS A 59 5.44 -6.17 4.88
CA LYS A 59 5.34 -5.89 6.29
C LYS A 59 4.13 -5.05 6.69
N ALA A 60 3.47 -5.49 7.77
CA ALA A 60 2.33 -4.82 8.32
C ALA A 60 2.78 -3.69 9.21
N CYS A 61 2.13 -2.55 9.08
CA CYS A 61 2.33 -1.37 9.87
C CYS A 61 1.06 -0.97 10.53
N HIS A 62 1.13 0.01 11.43
CA HIS A 62 -0.01 0.58 12.11
C HIS A 62 -0.13 2.03 11.70
N ASN A 63 -1.34 2.59 11.70
CA ASN A 63 -1.61 3.95 11.31
C ASN A 63 -3.09 4.21 11.54
N SER A 64 -3.91 3.78 10.58
CA SER A 64 -5.35 3.93 10.57
C SER A 64 -6.00 2.56 10.58
N GLU A 65 -5.67 1.73 11.59
CA GLU A 65 -6.43 0.53 11.95
C GLU A 65 -7.89 0.78 12.26
N ILE A 66 -8.17 1.99 12.75
CA ILE A 66 -9.45 2.49 13.17
C ILE A 66 -9.33 3.99 13.09
N GLU A 67 -10.49 4.68 13.09
CA GLU A 67 -10.59 6.12 12.96
C GLU A 67 -10.52 6.87 14.32
CL CL B . 0.83 8.16 -10.71
CL CL C . -3.48 -3.15 11.92
CL CL D . 13.80 6.24 10.02
CL CL E . -13.52 2.94 13.54
CL CL F . 4.41 -3.18 13.49
CL CL G . -7.11 -5.22 -10.66
CL CL H . 4.77 10.33 -5.12
CL CL I . 10.62 -2.19 -1.62
CL CL J . -7.75 -15.42 -0.50
CL CL K . 11.18 -10.74 9.20
CL CL L . -12.75 -3.10 -3.24
N GLY A 1 12.01 -1.41 13.69
CA GLY A 1 12.01 -1.01 12.26
C GLY A 1 10.64 -0.65 11.80
N ASP A 2 10.43 0.62 11.43
CA ASP A 2 9.16 1.18 10.97
C ASP A 2 9.50 2.44 10.17
N ASP A 3 10.66 2.39 9.51
CA ASP A 3 11.34 3.53 8.96
C ASP A 3 12.36 3.03 7.95
N VAL A 4 11.86 2.46 6.86
CA VAL A 4 12.64 2.00 5.75
C VAL A 4 11.84 2.27 4.50
N LYS A 5 12.52 2.63 3.40
CA LYS A 5 11.93 3.05 2.15
C LYS A 5 11.47 1.87 1.31
N SER A 6 11.63 0.66 1.87
CA SER A 6 11.01 -0.59 1.43
C SER A 6 9.49 -0.51 1.41
N ALA A 7 8.83 -1.56 0.96
CA ALA A 7 7.40 -1.66 1.05
C ALA A 7 6.83 -1.83 2.46
N CYS A 8 5.78 -1.05 2.74
CA CYS A 8 4.92 -1.21 3.89
C CYS A 8 3.55 -1.65 3.39
N CYS A 9 2.76 -2.33 4.24
CA CYS A 9 1.40 -2.69 3.91
C CYS A 9 0.60 -2.91 5.17
N ASP A 10 -0.58 -2.27 5.37
CA ASP A 10 -1.48 -2.72 6.44
C ASP A 10 -2.44 -3.74 5.84
N THR A 11 -3.54 -3.32 5.19
CA THR A 11 -4.46 -4.27 4.56
C THR A 11 -3.98 -4.76 3.22
N CYS A 12 -3.51 -6.02 3.22
CA CYS A 12 -3.15 -6.76 2.05
C CYS A 12 -4.35 -7.37 1.37
N LEU A 13 -4.25 -7.61 0.06
CA LEU A 13 -5.25 -8.36 -0.66
C LEU A 13 -4.56 -8.94 -1.86
N CYS A 14 -4.94 -10.18 -2.20
CA CYS A 14 -4.25 -11.01 -3.13
C CYS A 14 -5.25 -11.85 -3.86
N THR A 15 -4.98 -12.08 -5.14
CA THR A 15 -5.83 -12.88 -6.01
C THR A 15 -5.40 -14.32 -6.06
N ARG A 16 -6.38 -15.21 -6.34
CA ARG A 16 -6.15 -16.62 -6.65
C ARG A 16 -5.78 -16.84 -8.11
N SER A 17 -5.34 -15.79 -8.83
CA SER A 17 -5.01 -15.84 -10.25
C SER A 17 -3.83 -16.75 -10.61
N GLN A 18 -3.30 -16.59 -11.82
CA GLN A 18 -2.29 -17.41 -12.42
C GLN A 18 -1.58 -16.53 -13.45
N PRO A 19 -0.43 -15.94 -13.15
CA PRO A 19 0.23 -15.93 -11.84
C PRO A 19 -0.58 -15.13 -10.81
N PRO A 20 -0.71 -15.50 -9.54
CA PRO A 20 -1.48 -14.74 -8.57
C PRO A 20 -0.76 -13.47 -8.18
N THR A 21 -1.49 -12.47 -7.68
CA THR A 21 -0.90 -11.14 -7.51
C THR A 21 -1.68 -10.34 -6.52
N CYS A 22 -1.08 -9.24 -6.05
CA CYS A 22 -1.44 -8.61 -4.80
C CYS A 22 -1.31 -7.10 -4.83
N ARG A 23 -1.72 -6.49 -3.71
CA ARG A 23 -1.55 -5.08 -3.43
C ARG A 23 -2.03 -4.78 -2.03
N CYS A 24 -1.69 -3.57 -1.56
CA CYS A 24 -2.18 -3.02 -0.32
C CYS A 24 -3.45 -2.24 -0.60
N VAL A 25 -4.63 -2.86 -0.41
CA VAL A 25 -5.94 -2.22 -0.49
C VAL A 25 -6.18 -1.09 0.49
N ASP A 26 -5.26 -1.00 1.46
CA ASP A 26 -5.09 0.03 2.46
C ASP A 26 -4.97 1.44 1.88
N VAL A 27 -5.70 2.41 2.48
CA VAL A 27 -5.78 3.74 1.94
C VAL A 27 -5.38 4.80 2.94
N ARG A 28 -4.37 5.59 2.59
CA ARG A 28 -3.64 6.42 3.52
C ARG A 28 -3.42 7.81 2.99
N GLU A 29 -2.84 8.70 3.81
CA GLU A 29 -2.37 10.03 3.45
C GLU A 29 -1.43 10.10 2.26
N SER A 30 -0.74 8.99 2.00
CA SER A 30 0.26 8.81 0.95
C SER A 30 0.37 7.34 0.65
N CYS A 31 1.18 6.96 -0.36
CA CYS A 31 1.52 5.58 -0.64
C CYS A 31 2.91 5.25 -0.10
N HIS A 32 3.92 4.90 -0.93
CA HIS A 32 5.25 4.61 -0.41
C HIS A 32 6.29 4.75 -1.52
N SER A 33 7.20 3.79 -1.77
CA SER A 33 8.23 3.96 -2.78
C SER A 33 7.84 3.34 -4.12
N ALA A 34 7.81 1.99 -4.25
CA ALA A 34 7.71 1.31 -5.52
C ALA A 34 6.30 1.04 -5.99
N CYS A 35 5.36 1.87 -5.56
CA CYS A 35 3.98 1.78 -5.96
C CYS A 35 3.75 2.47 -7.32
N ASP A 36 3.42 1.69 -8.37
CA ASP A 36 3.25 2.18 -9.72
C ASP A 36 2.06 3.11 -9.89
N LYS A 37 0.89 2.66 -9.44
CA LYS A 37 -0.34 3.41 -9.46
C LYS A 37 -0.83 3.69 -8.06
N CYS A 38 -0.27 4.74 -7.45
CA CYS A 38 -0.83 5.40 -6.31
C CYS A 38 -1.81 6.47 -6.77
N VAL A 39 -3.13 6.23 -6.69
CA VAL A 39 -4.07 7.29 -6.96
C VAL A 39 -4.24 8.06 -5.66
N CYS A 40 -3.72 9.29 -5.58
CA CYS A 40 -3.76 10.05 -4.35
C CYS A 40 -5.01 10.89 -4.34
N ALA A 41 -6.07 10.35 -3.71
CA ALA A 41 -7.38 10.95 -3.75
C ALA A 41 -7.50 12.27 -3.05
N TYR A 42 -8.37 13.12 -3.61
CA TYR A 42 -8.54 14.54 -3.46
C TYR A 42 -9.39 14.91 -2.27
N SER A 43 -9.88 13.86 -1.63
CA SER A 43 -10.80 13.77 -0.54
C SER A 43 -10.38 14.44 0.73
N ASN A 44 -11.35 14.59 1.63
CA ASN A 44 -11.18 15.12 2.96
C ASN A 44 -10.90 14.06 4.04
N PRO A 45 -9.74 13.95 4.63
CA PRO A 45 -8.43 14.27 4.07
C PRO A 45 -7.99 13.26 3.00
N PRO A 46 -6.82 13.37 2.36
CA PRO A 46 -6.49 12.55 1.19
C PRO A 46 -6.38 11.06 1.39
N GLN A 47 -6.79 10.32 0.34
CA GLN A 47 -6.98 8.88 0.41
C GLN A 47 -6.27 8.18 -0.72
N CYS A 48 -4.97 8.00 -0.54
CA CYS A 48 -4.00 7.46 -1.45
C CYS A 48 -3.96 5.95 -1.53
N GLN A 49 -4.19 5.42 -2.74
CA GLN A 49 -4.40 4.01 -2.97
C GLN A 49 -3.49 3.40 -4.01
N CYS A 50 -2.73 2.36 -3.63
CA CYS A 50 -2.00 1.48 -4.52
C CYS A 50 -2.90 0.49 -5.22
N TYR A 51 -3.60 1.00 -6.25
CA TYR A 51 -4.69 0.39 -7.01
C TYR A 51 -4.43 -1.00 -7.57
N ASP A 52 -3.27 -1.06 -8.23
CA ASP A 52 -2.92 -1.98 -9.29
C ASP A 52 -2.46 -3.35 -8.77
N THR A 53 -2.46 -4.37 -9.64
CA THR A 53 -1.83 -5.66 -9.36
C THR A 53 -0.33 -5.59 -9.47
N HIS A 54 0.38 -5.52 -8.33
CA HIS A 54 1.83 -5.34 -8.34
C HIS A 54 2.66 -5.99 -7.26
N LYS A 55 2.16 -6.09 -6.03
CA LYS A 55 3.00 -6.00 -4.85
C LYS A 55 2.55 -6.91 -3.72
N PHE A 56 3.41 -7.81 -3.22
CA PHE A 56 2.99 -8.82 -2.24
C PHE A 56 2.73 -8.29 -0.83
N CYS A 57 2.23 -9.15 0.08
CA CYS A 57 1.92 -8.75 1.44
C CYS A 57 3.14 -8.57 2.32
N TYR A 58 3.64 -7.34 2.32
CA TYR A 58 4.67 -6.85 3.21
C TYR A 58 4.13 -6.57 4.60
N LYS A 59 5.05 -6.51 5.56
CA LYS A 59 4.88 -6.00 6.90
C LYS A 59 4.23 -4.63 7.04
N ALA A 60 3.73 -4.31 8.24
CA ALA A 60 2.94 -3.13 8.57
C ALA A 60 3.43 -1.74 8.14
N CYS A 61 2.48 -0.80 8.05
CA CYS A 61 2.71 0.60 7.74
C CYS A 61 2.31 1.51 8.88
N HIS A 62 2.88 1.27 10.05
CA HIS A 62 2.75 2.09 11.23
C HIS A 62 3.99 2.95 11.37
N ASN A 63 3.93 4.22 10.93
CA ASN A 63 5.06 5.12 10.86
C ASN A 63 5.68 5.44 12.22
N SER A 64 4.93 6.19 13.04
CA SER A 64 5.41 6.71 14.32
C SER A 64 4.34 6.45 15.37
N GLU A 65 4.16 5.18 15.78
CA GLU A 65 3.28 4.77 16.86
C GLU A 65 3.52 5.43 18.21
N ILE A 66 4.77 5.82 18.46
CA ILE A 66 5.25 6.35 19.70
C ILE A 66 6.52 7.14 19.40
N GLU A 67 6.93 8.02 20.35
CA GLU A 67 8.18 8.72 20.35
C GLU A 67 8.52 8.94 21.85
CL CL B . -0.98 1.16 -13.95
CL CL C . -5.04 0.81 8.40
CL CL D . 2.77 -0.57 15.83
CL CL E . 0.83 4.15 14.04
CL CL F . 9.31 -8.62 12.14
CL CL G . -5.00 -0.74 -12.49
CL CL H . 9.45 8.92 -0.64
CL CL I . 7.92 -4.37 -5.35
CL CL J . -10.32 -11.12 -5.20
CL CL K . 8.58 -9.05 3.92
CL CL L . -8.55 -1.24 4.18
N GLY A 1 15.33 0.33 10.84
CA GLY A 1 15.27 0.82 9.44
C GLY A 1 16.60 0.64 8.79
N ASP A 2 16.66 -0.18 7.71
CA ASP A 2 17.88 -0.48 6.99
C ASP A 2 17.44 -0.94 5.61
N ASP A 3 16.42 -0.26 5.07
CA ASP A 3 15.86 -0.50 3.78
C ASP A 3 15.09 0.75 3.45
N VAL A 4 15.65 1.60 2.58
CA VAL A 4 15.11 2.92 2.29
C VAL A 4 13.86 2.86 1.43
N LYS A 5 13.66 1.76 0.69
CA LYS A 5 12.47 1.47 -0.07
C LYS A 5 11.53 0.55 0.68
N SER A 6 11.47 0.74 2.01
CA SER A 6 10.46 0.23 2.92
C SER A 6 9.04 0.64 2.57
N ALA A 7 8.08 -0.29 2.67
CA ALA A 7 6.68 -0.03 2.44
C ALA A 7 5.87 -0.34 3.69
N CYS A 8 4.68 0.27 3.79
CA CYS A 8 3.68 -0.10 4.77
C CYS A 8 2.40 -0.56 4.07
N CYS A 9 1.93 -1.76 4.43
CA CYS A 9 0.68 -2.35 3.99
C CYS A 9 -0.13 -2.73 5.21
N ASP A 10 -1.47 -2.66 5.13
CA ASP A 10 -2.34 -3.15 6.18
C ASP A 10 -3.20 -4.25 5.60
N THR A 11 -4.36 -3.92 4.98
CA THR A 11 -5.23 -4.92 4.37
C THR A 11 -4.71 -5.32 3.02
N CYS A 12 -4.17 -6.54 3.00
CA CYS A 12 -3.69 -7.23 1.83
C CYS A 12 -4.83 -7.89 1.08
N LEU A 13 -4.64 -8.11 -0.23
CA LEU A 13 -5.56 -8.88 -1.02
C LEU A 13 -4.76 -9.42 -2.18
N CYS A 14 -4.42 -10.72 -2.07
CA CYS A 14 -3.88 -11.52 -3.13
C CYS A 14 -4.95 -12.27 -3.86
N THR A 15 -4.83 -12.40 -5.18
CA THR A 15 -5.78 -13.19 -5.95
C THR A 15 -5.54 -14.68 -5.87
N ARG A 16 -6.64 -15.45 -5.86
CA ARG A 16 -6.63 -16.87 -6.15
C ARG A 16 -6.62 -17.05 -7.66
N SER A 17 -5.50 -17.55 -8.21
CA SER A 17 -5.24 -17.50 -9.64
C SER A 17 -3.94 -18.21 -9.90
N GLN A 18 -3.42 -18.07 -11.13
CA GLN A 18 -2.31 -18.84 -11.65
C GLN A 18 -1.65 -18.02 -12.77
N PRO A 19 -0.62 -17.25 -12.50
CA PRO A 19 -0.04 -16.97 -11.18
C PRO A 19 -0.89 -16.01 -10.36
N PRO A 20 -0.84 -16.05 -9.03
CA PRO A 20 -1.49 -15.05 -8.18
C PRO A 20 -0.81 -13.71 -8.30
N THR A 21 -1.52 -12.65 -7.92
CA THR A 21 -1.16 -11.29 -8.27
C THR A 21 -1.87 -10.47 -7.24
N CYS A 22 -1.21 -9.42 -6.70
CA CYS A 22 -1.59 -8.99 -5.37
C CYS A 22 -1.45 -7.50 -5.21
N ARG A 23 -1.92 -7.03 -4.05
CA ARG A 23 -2.02 -5.63 -3.77
C ARG A 23 -2.47 -5.44 -2.34
N CYS A 24 -2.31 -4.20 -1.86
CA CYS A 24 -2.77 -3.76 -0.56
C CYS A 24 -3.95 -2.85 -0.78
N VAL A 25 -5.17 -3.38 -0.58
CA VAL A 25 -6.43 -2.67 -0.69
C VAL A 25 -6.62 -1.51 0.27
N ASP A 26 -5.91 -1.52 1.41
CA ASP A 26 -6.04 -0.44 2.37
C ASP A 26 -5.30 0.82 1.92
N VAL A 27 -5.93 1.96 2.19
CA VAL A 27 -5.43 3.26 1.78
C VAL A 27 -4.39 3.84 2.73
N ARG A 28 -3.49 4.64 2.17
CA ARG A 28 -2.52 5.40 2.91
C ARG A 28 -2.76 6.89 2.75
N GLU A 29 -2.22 7.69 3.69
CA GLU A 29 -2.08 9.13 3.67
C GLU A 29 -1.40 9.73 2.45
N SER A 30 -0.52 8.93 1.85
CA SER A 30 0.48 9.32 0.88
C SER A 30 0.81 8.07 0.11
N CYS A 31 1.83 8.10 -0.76
CA CYS A 31 2.33 6.90 -1.39
C CYS A 31 3.85 6.83 -1.28
N HIS A 32 4.47 6.10 -2.22
CA HIS A 32 5.88 5.79 -2.25
C HIS A 32 6.13 5.25 -3.62
N SER A 33 7.37 5.36 -4.14
CA SER A 33 7.71 4.95 -5.51
C SER A 33 7.91 3.45 -5.65
N ALA A 34 7.24 2.65 -4.81
CA ALA A 34 7.27 1.21 -4.83
C ALA A 34 6.13 0.64 -5.66
N CYS A 35 5.27 1.53 -6.20
CA CYS A 35 4.18 1.14 -7.03
C CYS A 35 3.89 2.25 -8.03
N ASP A 36 3.38 1.88 -9.22
CA ASP A 36 3.33 2.75 -10.38
C ASP A 36 2.18 3.74 -10.31
N LYS A 37 0.93 3.31 -10.58
CA LYS A 37 -0.21 4.20 -10.67
C LYS A 37 -0.86 4.49 -9.34
N CYS A 38 -0.15 5.24 -8.49
CA CYS A 38 -0.67 5.72 -7.24
C CYS A 38 -1.42 7.02 -7.39
N VAL A 39 -2.74 6.97 -7.26
CA VAL A 39 -3.59 8.11 -7.35
C VAL A 39 -4.04 8.43 -5.94
N CYS A 40 -4.57 9.64 -5.68
CA CYS A 40 -4.89 10.02 -4.33
C CYS A 40 -6.09 10.93 -4.32
N ALA A 41 -7.12 10.54 -3.58
CA ALA A 41 -8.20 11.40 -3.22
C ALA A 41 -7.76 12.52 -2.29
N TYR A 42 -8.17 13.73 -2.65
CA TYR A 42 -7.83 15.00 -2.03
C TYR A 42 -8.70 15.32 -0.83
N SER A 43 -9.22 14.26 -0.22
CA SER A 43 -10.07 14.18 0.95
C SER A 43 -9.48 14.75 2.24
N ASN A 44 -10.09 14.36 3.37
CA ASN A 44 -9.70 14.74 4.70
C ASN A 44 -10.08 13.56 5.59
N PRO A 45 -9.12 12.78 6.10
CA PRO A 45 -7.72 12.77 5.68
C PRO A 45 -7.56 12.25 4.26
N PRO A 46 -6.46 12.48 3.56
CA PRO A 46 -6.32 12.07 2.17
C PRO A 46 -6.21 10.57 2.05
N GLN A 47 -6.55 10.03 0.87
CA GLN A 47 -6.57 8.61 0.64
C GLN A 47 -5.75 8.38 -0.60
N CYS A 48 -5.11 7.23 -0.73
CA CYS A 48 -4.17 7.00 -1.81
C CYS A 48 -4.07 5.50 -1.97
N GLN A 49 -4.16 5.07 -3.23
CA GLN A 49 -4.20 3.70 -3.64
C GLN A 49 -3.41 3.54 -4.91
N CYS A 50 -2.68 2.44 -5.03
CA CYS A 50 -2.02 2.06 -6.26
C CYS A 50 -2.90 1.15 -7.09
N TYR A 51 -3.51 1.72 -8.14
CA TYR A 51 -4.24 1.02 -9.19
C TYR A 51 -3.51 -0.14 -9.88
N ASP A 52 -2.18 -0.13 -9.84
CA ASP A 52 -1.37 -1.22 -10.37
C ASP A 52 -1.01 -2.25 -9.31
N THR A 53 -0.95 -3.51 -9.71
CA THR A 53 -0.48 -4.61 -8.90
C THR A 53 1.03 -4.69 -8.90
N HIS A 54 1.66 -4.88 -7.72
CA HIS A 54 3.09 -5.12 -7.69
C HIS A 54 3.42 -6.06 -6.56
N LYS A 55 3.32 -5.57 -5.31
CA LYS A 55 3.70 -6.28 -4.13
C LYS A 55 2.64 -7.21 -3.58
N PHE A 56 3.08 -8.10 -2.67
CA PHE A 56 2.24 -9.01 -1.91
C PHE A 56 1.99 -8.44 -0.52
N CYS A 57 1.62 -9.27 0.46
CA CYS A 57 1.37 -8.80 1.81
C CYS A 57 2.67 -8.45 2.52
N TYR A 58 2.72 -7.25 3.10
CA TYR A 58 3.92 -6.71 3.67
C TYR A 58 3.75 -6.33 5.12
N LYS A 59 4.85 -5.85 5.70
CA LYS A 59 4.92 -5.12 6.95
C LYS A 59 3.97 -3.95 7.04
N ALA A 60 3.53 -3.62 8.25
CA ALA A 60 2.72 -2.47 8.52
C ALA A 60 3.50 -1.41 9.25
N CYS A 61 2.94 -0.19 9.30
CA CYS A 61 3.41 0.85 10.17
C CYS A 61 2.26 1.68 10.70
N HIS A 62 1.80 1.32 11.91
CA HIS A 62 0.86 2.10 12.70
C HIS A 62 1.56 3.16 13.53
N ASN A 63 2.87 2.99 13.69
CA ASN A 63 3.77 3.75 14.50
C ASN A 63 5.12 3.12 14.20
N SER A 64 6.09 3.13 15.14
CA SER A 64 7.49 2.83 14.85
C SER A 64 7.86 1.36 14.74
N GLU A 65 7.18 0.59 13.86
CA GLU A 65 7.54 -0.76 13.47
C GLU A 65 8.94 -0.85 12.88
N ILE A 66 9.10 -0.49 11.60
CA ILE A 66 10.35 -0.54 10.87
C ILE A 66 11.25 0.65 11.12
N GLU A 67 10.61 1.83 11.13
CA GLU A 67 11.10 3.15 11.34
C GLU A 67 9.83 3.87 11.89
CL CL B . 9.92 -7.19 11.13
CL CL C . 8.97 -0.54 -9.58
CL CL D . 4.58 3.34 1.95
CL CL E . 10.26 6.27 -2.50
CL CL F . -0.70 2.69 -16.05
CL CL G . 2.05 -13.76 0.51
CL CL H . 1.67 -3.91 13.33
CL CL I . -5.95 -8.07 -9.96
CL CL J . 7.21 -5.55 -5.11
CL CL K . 1.04 8.13 -11.82
CL CL L . 16.76 -0.31 0.04
N GLY A 1 16.88 5.94 11.06
CA GLY A 1 15.95 6.91 11.69
C GLY A 1 14.69 7.10 10.89
N ASP A 2 14.83 7.72 9.72
CA ASP A 2 13.74 7.94 8.78
C ASP A 2 14.44 8.16 7.45
N ASP A 3 14.92 7.05 6.88
CA ASP A 3 15.69 7.05 5.65
C ASP A 3 15.74 5.65 5.07
N VAL A 4 14.56 5.02 4.94
CA VAL A 4 14.41 3.68 4.44
C VAL A 4 13.43 3.74 3.28
N LYS A 5 13.69 2.98 2.21
CA LYS A 5 12.94 3.00 0.97
C LYS A 5 11.91 1.88 0.89
N SER A 6 11.59 1.30 2.05
CA SER A 6 10.60 0.25 2.24
C SER A 6 9.19 0.57 1.78
N ALA A 7 8.46 -0.47 1.35
CA ALA A 7 7.02 -0.43 1.26
C ALA A 7 6.41 -0.99 2.54
N CYS A 8 5.23 -0.47 2.90
CA CYS A 8 4.47 -0.92 4.04
C CYS A 8 3.00 -0.97 3.63
N CYS A 9 2.20 -1.78 4.35
CA CYS A 9 0.80 -1.95 3.98
C CYS A 9 0.05 -2.52 5.18
N ASP A 10 -1.14 -1.97 5.52
CA ASP A 10 -1.91 -2.41 6.67
C ASP A 10 -3.14 -3.23 6.32
N THR A 11 -3.50 -3.31 5.03
CA THR A 11 -4.78 -3.88 4.62
C THR A 11 -4.64 -4.29 3.18
N CYS A 12 -4.79 -5.58 2.90
CA CYS A 12 -4.10 -6.21 1.81
C CYS A 12 -4.82 -7.47 1.37
N LEU A 13 -4.56 -7.90 0.14
CA LEU A 13 -5.32 -8.89 -0.57
C LEU A 13 -4.43 -9.52 -1.63
N CYS A 14 -4.06 -10.79 -1.40
CA CYS A 14 -3.47 -11.65 -2.39
C CYS A 14 -4.50 -12.46 -3.13
N THR A 15 -4.30 -12.68 -4.44
CA THR A 15 -5.26 -13.38 -5.29
C THR A 15 -5.11 -14.89 -5.29
N ARG A 16 -6.20 -15.58 -5.65
CA ARG A 16 -6.13 -16.84 -6.36
C ARG A 16 -5.95 -16.54 -7.85
N SER A 17 -4.86 -17.03 -8.46
CA SER A 17 -4.56 -16.86 -9.88
C SER A 17 -3.30 -17.62 -10.17
N GLN A 18 -2.90 -17.66 -11.43
CA GLN A 18 -1.77 -18.41 -11.94
C GLN A 18 -1.33 -17.74 -13.23
N PRO A 19 -0.30 -16.90 -13.24
CA PRO A 19 0.54 -16.51 -12.10
C PRO A 19 -0.22 -15.67 -11.06
N PRO A 20 0.16 -15.68 -9.78
CA PRO A 20 -0.58 -14.95 -8.74
C PRO A 20 -0.37 -13.46 -8.83
N THR A 21 -1.05 -12.70 -7.97
CA THR A 21 -0.99 -11.25 -7.97
C THR A 21 -1.44 -10.80 -6.61
N CYS A 22 -0.91 -9.67 -6.13
CA CYS A 22 -1.28 -9.23 -4.80
C CYS A 22 -1.29 -7.73 -4.77
N ARG A 23 -1.81 -7.14 -3.68
CA ARG A 23 -2.42 -5.84 -3.76
C ARG A 23 -2.79 -5.37 -2.38
N CYS A 24 -2.60 -4.07 -2.17
CA CYS A 24 -3.17 -3.37 -1.03
C CYS A 24 -4.52 -2.86 -1.45
N VAL A 25 -5.29 -2.29 -0.52
CA VAL A 25 -6.73 -2.15 -0.63
C VAL A 25 -7.10 -1.39 0.63
N ASP A 26 -6.34 -0.29 0.80
CA ASP A 26 -6.61 0.80 1.71
C ASP A 26 -6.56 2.11 0.94
N VAL A 27 -7.32 3.11 1.39
CA VAL A 27 -7.30 4.45 0.83
C VAL A 27 -6.90 5.41 1.92
N ARG A 28 -5.58 5.55 2.07
CA ARG A 28 -4.93 6.30 3.10
C ARG A 28 -3.53 6.55 2.64
N GLU A 29 -2.75 5.46 2.78
CA GLU A 29 -1.35 5.31 2.65
C GLU A 29 -0.73 5.85 1.39
N SER A 30 0.06 6.89 1.62
CA SER A 30 1.07 7.41 0.71
C SER A 30 2.06 6.38 0.20
N CYS A 31 2.58 6.60 -1.00
CA CYS A 31 3.29 5.56 -1.74
C CYS A 31 4.75 5.39 -1.35
N HIS A 32 5.36 4.30 -1.83
CA HIS A 32 6.80 4.11 -1.75
C HIS A 32 7.23 3.58 -3.10
N SER A 33 8.22 2.68 -3.20
CA SER A 33 8.82 2.33 -4.46
C SER A 33 8.08 1.26 -5.25
N ALA A 34 7.51 0.24 -4.57
CA ALA A 34 6.73 -0.83 -5.17
C ALA A 34 5.39 -0.41 -5.77
N CYS A 35 5.00 0.84 -5.49
CA CYS A 35 3.76 1.42 -5.97
C CYS A 35 4.03 2.49 -7.02
N ASP A 36 3.63 2.24 -8.29
CA ASP A 36 3.73 3.20 -9.37
C ASP A 36 2.44 4.03 -9.48
N LYS A 37 1.27 3.38 -9.71
CA LYS A 37 0.01 4.06 -9.90
C LYS A 37 -0.66 4.42 -8.58
N CYS A 38 -0.18 5.54 -8.03
CA CYS A 38 -0.70 6.26 -6.92
C CYS A 38 -1.73 7.23 -7.41
N VAL A 39 -3.00 7.11 -7.00
CA VAL A 39 -3.97 8.14 -7.26
C VAL A 39 -4.52 8.53 -5.89
N CYS A 40 -5.07 9.75 -5.74
CA CYS A 40 -5.36 10.26 -4.42
C CYS A 40 -6.58 11.17 -4.43
N ALA A 41 -7.56 10.77 -3.61
CA ALA A 41 -8.76 11.51 -3.26
C ALA A 41 -8.58 12.77 -2.42
N TYR A 42 -9.45 13.77 -2.67
CA TYR A 42 -9.66 14.91 -1.81
C TYR A 42 -10.62 14.65 -0.66
N SER A 43 -10.26 13.83 0.30
CA SER A 43 -10.85 13.92 1.62
C SER A 43 -10.68 15.20 2.46
N ASN A 44 -10.58 15.00 3.79
CA ASN A 44 -10.10 15.88 4.84
C ASN A 44 -9.50 14.98 5.91
N PRO A 45 -8.20 14.85 6.06
CA PRO A 45 -7.16 15.21 5.10
C PRO A 45 -7.09 14.20 3.96
N PRO A 46 -6.45 14.45 2.82
CA PRO A 46 -6.58 13.61 1.63
C PRO A 46 -5.98 12.21 1.75
N GLN A 47 -6.38 11.29 0.86
CA GLN A 47 -6.20 9.87 1.04
C GLN A 47 -5.85 9.28 -0.32
N CYS A 48 -5.30 8.05 -0.41
CA CYS A 48 -4.47 7.68 -1.53
C CYS A 48 -4.42 6.18 -1.65
N GLN A 49 -4.38 5.70 -2.90
CA GLN A 49 -4.55 4.32 -3.23
C GLN A 49 -3.58 3.83 -4.29
N CYS A 50 -2.96 2.66 -4.04
CA CYS A 50 -2.10 1.96 -4.98
C CYS A 50 -2.88 1.02 -5.85
N TYR A 51 -3.43 1.57 -6.94
CA TYR A 51 -4.21 0.90 -7.97
C TYR A 51 -3.59 -0.35 -8.60
N ASP A 52 -2.27 -0.33 -8.84
CA ASP A 52 -1.59 -1.37 -9.61
C ASP A 52 -1.15 -2.57 -8.78
N THR A 53 -1.37 -3.78 -9.34
CA THR A 53 -0.80 -5.03 -8.84
C THR A 53 0.59 -5.28 -9.41
N HIS A 54 1.55 -5.51 -8.50
CA HIS A 54 2.86 -5.98 -8.85
C HIS A 54 3.37 -6.87 -7.74
N LYS A 55 3.51 -6.23 -6.57
CA LYS A 55 4.07 -6.72 -5.35
C LYS A 55 3.18 -7.60 -4.49
N PHE A 56 3.61 -7.83 -3.23
CA PHE A 56 2.99 -8.71 -2.26
C PHE A 56 2.57 -7.92 -1.02
N CYS A 57 2.06 -8.59 0.05
CA CYS A 57 1.69 -7.90 1.26
C CYS A 57 2.90 -7.60 2.12
N TYR A 58 3.14 -6.31 2.35
CA TYR A 58 4.23 -5.86 3.19
C TYR A 58 3.82 -5.77 4.64
N LYS A 59 4.82 -5.59 5.50
CA LYS A 59 4.73 -5.27 6.91
C LYS A 59 3.79 -4.10 7.21
N ALA A 60 3.11 -4.16 8.36
CA ALA A 60 2.20 -3.13 8.80
C ALA A 60 2.91 -1.86 9.25
N CYS A 61 2.36 -0.71 8.83
CA CYS A 61 3.00 0.58 8.87
C CYS A 61 2.65 1.36 10.11
N HIS A 62 3.55 1.38 11.09
CA HIS A 62 3.35 2.13 12.32
C HIS A 62 4.49 3.08 12.56
N ASN A 63 4.16 4.34 12.88
CA ASN A 63 5.08 5.44 12.99
C ASN A 63 4.28 6.63 13.46
N SER A 64 3.52 7.26 12.56
CA SER A 64 2.59 8.35 12.88
C SER A 64 1.24 7.81 13.34
N GLU A 65 1.21 7.31 14.59
CA GLU A 65 0.01 6.94 15.35
C GLU A 65 -0.98 8.10 15.47
N ILE A 66 -0.41 9.27 15.75
CA ILE A 66 -1.02 10.55 15.93
C ILE A 66 0.07 11.55 15.66
N GLU A 67 -0.30 12.81 15.42
CA GLU A 67 0.60 13.90 15.19
C GLU A 67 0.43 14.90 16.35
CL CL B . 9.47 0.67 8.25
CL CL C . 9.97 -1.67 -2.46
CL CL D . 2.19 9.74 -2.66
CL CL E . 9.35 6.08 8.42
CL CL F . 1.36 6.95 -14.29
CL CL G . 2.17 -12.34 1.20
CL CL H . -3.88 1.56 10.43
CL CL I . -9.17 -13.67 -5.54
CL CL J . 7.51 -6.02 -6.94
CL CL K . -5.83 1.30 -12.69
CL CL L . 19.44 3.14 0.78
N GLY A 1 15.33 5.68 8.91
CA GLY A 1 15.49 6.49 7.69
C GLY A 1 14.22 7.17 7.28
N ASP A 2 14.29 7.95 6.20
CA ASP A 2 13.17 8.75 5.70
C ASP A 2 13.45 9.02 4.23
N ASP A 3 14.21 8.08 3.65
CA ASP A 3 14.75 8.07 2.32
C ASP A 3 14.88 6.61 1.96
N VAL A 4 13.73 5.93 1.99
CA VAL A 4 13.62 4.52 1.71
C VAL A 4 12.45 4.33 0.76
N LYS A 5 12.60 3.42 -0.21
CA LYS A 5 11.66 3.22 -1.29
C LYS A 5 10.55 2.24 -0.92
N SER A 6 10.64 1.71 0.31
CA SER A 6 9.77 0.71 0.90
C SER A 6 8.31 1.08 0.98
N ALA A 7 7.45 0.05 0.87
CA ALA A 7 6.04 0.17 1.08
C ALA A 7 5.69 -0.03 2.54
N CYS A 8 4.50 0.43 2.95
CA CYS A 8 3.82 -0.10 4.11
C CYS A 8 2.53 -0.72 3.60
N CYS A 9 2.22 -1.96 4.04
CA CYS A 9 0.97 -2.61 3.71
C CYS A 9 0.46 -3.34 4.94
N ASP A 10 -0.67 -2.89 5.54
CA ASP A 10 -1.22 -3.60 6.70
C ASP A 10 -2.31 -4.60 6.35
N THR A 11 -3.01 -4.43 5.22
CA THR A 11 -4.32 -5.04 5.00
C THR A 11 -4.53 -5.06 3.51
N CYS A 12 -4.78 -6.25 2.93
CA CYS A 12 -4.46 -6.50 1.55
C CYS A 12 -5.25 -7.62 0.93
N LEU A 13 -5.77 -7.32 -0.27
CA LEU A 13 -6.44 -8.25 -1.14
C LEU A 13 -5.41 -8.97 -1.95
N CYS A 14 -5.17 -10.24 -1.58
CA CYS A 14 -4.46 -11.18 -2.41
C CYS A 14 -5.43 -11.98 -3.24
N THR A 15 -5.18 -12.05 -4.55
CA THR A 15 -5.99 -12.82 -5.50
C THR A 15 -5.69 -14.30 -5.49
N ARG A 16 -6.70 -15.11 -5.84
CA ARG A 16 -6.52 -16.46 -6.33
C ARG A 16 -6.21 -16.40 -7.82
N SER A 17 -5.03 -16.88 -8.25
CA SER A 17 -4.56 -16.75 -9.62
C SER A 17 -3.24 -17.48 -9.76
N GLN A 18 -2.50 -17.20 -10.85
CA GLN A 18 -1.30 -17.89 -11.26
C GLN A 18 -0.46 -16.95 -12.14
N PRO A 19 0.53 -16.26 -11.61
CA PRO A 19 0.86 -16.15 -10.19
C PRO A 19 -0.20 -15.36 -9.42
N PRO A 20 -0.36 -15.50 -8.12
CA PRO A 20 -1.22 -14.61 -7.35
C PRO A 20 -0.62 -13.23 -7.29
N THR A 21 -1.42 -12.25 -6.90
CA THR A 21 -1.19 -10.87 -7.27
C THR A 21 -1.95 -10.08 -6.24
N CYS A 22 -1.30 -9.11 -5.58
CA CYS A 22 -1.81 -8.62 -4.31
C CYS A 22 -1.53 -7.15 -4.15
N ARG A 23 -2.30 -6.50 -3.25
CA ARG A 23 -2.28 -5.06 -3.08
C ARG A 23 -3.15 -4.67 -1.91
N CYS A 24 -2.74 -3.60 -1.22
CA CYS A 24 -3.30 -3.11 0.01
C CYS A 24 -4.64 -2.41 -0.19
N VAL A 25 -5.74 -2.96 0.36
CA VAL A 25 -7.02 -2.26 0.48
C VAL A 25 -6.93 -1.01 1.33
N ASP A 26 -5.92 -0.98 2.23
CA ASP A 26 -5.70 0.08 3.17
C ASP A 26 -5.25 1.38 2.52
N VAL A 27 -6.03 2.44 2.75
CA VAL A 27 -5.69 3.80 2.40
C VAL A 27 -4.48 4.31 3.17
N ARG A 28 -3.65 5.10 2.49
CA ARG A 28 -2.47 5.70 3.03
C ARG A 28 -2.58 7.22 3.04
N GLU A 29 -1.73 7.86 3.86
CA GLU A 29 -1.43 9.28 3.83
C GLU A 29 -1.01 9.81 2.47
N SER A 30 -0.18 9.01 1.77
CA SER A 30 0.48 9.40 0.55
C SER A 30 0.71 8.17 -0.30
N CYS A 31 1.61 8.25 -1.29
CA CYS A 31 2.05 7.11 -2.06
C CYS A 31 3.35 6.56 -1.49
N HIS A 32 3.75 5.36 -1.98
CA HIS A 32 5.04 4.79 -1.69
C HIS A 32 5.68 4.35 -2.98
N SER A 33 7.01 4.45 -3.08
CA SER A 33 7.74 4.25 -4.31
C SER A 33 7.82 2.85 -4.84
N ALA A 34 7.67 1.80 -4.01
CA ALA A 34 7.71 0.42 -4.44
C ALA A 34 6.65 0.04 -5.48
N CYS A 35 5.52 0.75 -5.49
CA CYS A 35 4.50 0.61 -6.52
C CYS A 35 4.70 1.59 -7.66
N ASP A 36 4.06 1.36 -8.81
CA ASP A 36 4.36 2.14 -10.01
C ASP A 36 3.26 3.12 -10.39
N LYS A 37 1.98 2.78 -10.17
CA LYS A 37 0.87 3.68 -10.39
C LYS A 37 0.13 3.91 -9.11
N CYS A 38 0.01 5.18 -8.70
CA CYS A 38 -0.55 5.54 -7.43
C CYS A 38 -1.13 6.93 -7.57
N VAL A 39 -2.33 7.08 -7.01
CA VAL A 39 -3.13 8.27 -7.13
C VAL A 39 -3.34 8.73 -5.72
N CYS A 40 -3.33 10.04 -5.46
CA CYS A 40 -3.41 10.57 -4.13
C CYS A 40 -4.12 11.89 -4.16
N ALA A 41 -4.76 12.24 -3.04
CA ALA A 41 -5.70 13.33 -3.04
C ALA A 41 -6.19 13.66 -1.65
N TYR A 42 -6.58 14.95 -1.51
CA TYR A 42 -6.75 15.70 -0.29
C TYR A 42 -8.09 15.50 0.37
N SER A 43 -8.81 14.49 -0.11
CA SER A 43 -10.21 14.20 0.00
C SER A 43 -10.74 14.02 1.40
N ASN A 44 -11.98 13.54 1.50
CA ASN A 44 -12.66 13.35 2.75
C ASN A 44 -13.58 12.15 2.54
N PRO A 45 -13.20 10.95 2.94
CA PRO A 45 -11.93 10.63 3.59
C PRO A 45 -10.73 10.77 2.65
N PRO A 46 -9.54 11.17 3.10
CA PRO A 46 -8.39 11.38 2.22
C PRO A 46 -7.93 10.07 1.63
N GLN A 47 -7.40 10.09 0.41
CA GLN A 47 -7.42 8.91 -0.40
C GLN A 47 -6.17 8.84 -1.23
N CYS A 48 -5.38 7.78 -1.03
CA CYS A 48 -4.12 7.62 -1.69
C CYS A 48 -3.82 6.15 -1.64
N GLN A 49 -3.72 5.53 -2.83
CA GLN A 49 -3.51 4.13 -2.97
C GLN A 49 -2.77 3.83 -4.25
N CYS A 50 -2.05 2.70 -4.23
CA CYS A 50 -1.32 2.18 -5.38
C CYS A 50 -2.25 1.35 -6.23
N TYR A 51 -2.84 1.96 -7.26
CA TYR A 51 -3.80 1.35 -8.18
C TYR A 51 -3.38 0.05 -8.79
N ASP A 52 -2.10 -0.02 -9.22
CA ASP A 52 -1.53 -1.22 -9.80
C ASP A 52 -1.38 -2.37 -8.80
N THR A 53 -2.16 -3.43 -9.00
CA THR A 53 -2.17 -4.63 -8.17
C THR A 53 -1.16 -5.59 -8.73
N HIS A 54 -0.07 -5.90 -7.98
CA HIS A 54 1.06 -6.57 -8.59
C HIS A 54 1.77 -7.52 -7.66
N LYS A 55 2.57 -7.01 -6.71
CA LYS A 55 3.49 -7.82 -5.96
C LYS A 55 2.82 -8.51 -4.78
N PHE A 56 3.62 -8.94 -3.78
CA PHE A 56 3.14 -9.60 -2.58
C PHE A 56 2.57 -8.60 -1.58
N CYS A 57 1.98 -9.08 -0.46
CA CYS A 57 1.56 -8.22 0.62
C CYS A 57 2.76 -7.88 1.48
N TYR A 58 3.18 -6.60 1.41
CA TYR A 58 4.37 -6.12 2.06
C TYR A 58 4.29 -6.14 3.58
N LYS A 59 5.44 -5.88 4.22
CA LYS A 59 5.54 -5.56 5.63
C LYS A 59 4.60 -4.46 6.12
N ALA A 60 4.16 -4.62 7.38
CA ALA A 60 3.20 -3.77 8.00
C ALA A 60 3.83 -2.84 8.99
N CYS A 61 3.74 -1.53 8.71
CA CYS A 61 4.09 -0.48 9.63
C CYS A 61 3.02 -0.28 10.68
N HIS A 62 3.15 0.82 11.42
CA HIS A 62 2.12 1.33 12.28
C HIS A 62 1.98 2.79 11.90
N ASN A 63 0.92 3.48 12.35
CA ASN A 63 0.73 4.90 12.10
C ASN A 63 -0.51 5.31 12.83
N SER A 64 -1.66 4.74 12.45
CA SER A 64 -2.93 4.93 13.14
C SER A 64 -3.11 3.85 14.19
N GLU A 65 -2.57 2.65 13.90
CA GLU A 65 -2.33 1.49 14.78
C GLU A 65 -1.49 1.71 16.04
N ILE A 66 -1.65 2.84 16.72
CA ILE A 66 -0.99 3.21 17.96
C ILE A 66 -1.85 4.28 18.63
N GLU A 67 -1.63 4.50 19.94
CA GLU A 67 -2.21 5.57 20.70
C GLU A 67 -1.28 5.72 21.92
CL CL B . 5.57 -6.94 10.16
CL CL C . 11.13 9.55 -4.83
CL CL D . 2.48 6.98 3.37
CL CL E . 16.64 3.07 6.40
CL CL F . 3.98 8.59 -6.61
CL CL G . 6.06 -12.78 6.32
CL CL H . -2.61 1.70 10.51
CL CL I . -7.27 -4.62 -8.97
CL CL J . 7.92 -5.42 -11.96
CL CL K . -7.65 10.94 -13.10
CL CL L . 10.99 -3.10 4.91
N GLY A 1 22.16 2.92 8.09
CA GLY A 1 21.16 1.95 7.58
C GLY A 1 19.83 2.60 7.49
N ASP A 2 19.56 3.31 6.38
CA ASP A 2 18.31 4.01 6.17
C ASP A 2 18.18 4.21 4.67
N ASP A 3 18.15 3.10 3.94
CA ASP A 3 18.09 3.10 2.50
C ASP A 3 17.47 1.82 2.01
N VAL A 4 16.25 1.58 2.49
CA VAL A 4 15.39 0.50 2.09
C VAL A 4 14.14 1.11 1.48
N LYS A 5 13.70 0.56 0.34
CA LYS A 5 12.49 0.96 -0.32
C LYS A 5 11.43 -0.06 0.00
N SER A 6 11.29 -0.35 1.30
CA SER A 6 10.23 -1.16 1.86
C SER A 6 8.84 -0.62 1.57
N ALA A 7 7.90 -1.49 1.17
CA ALA A 7 6.49 -1.15 1.12
C ALA A 7 5.85 -1.38 2.47
N CYS A 8 4.67 -0.81 2.72
CA CYS A 8 3.87 -1.13 3.89
C CYS A 8 2.47 -1.51 3.47
N CYS A 9 1.69 -2.15 4.36
CA CYS A 9 0.28 -2.40 4.10
C CYS A 9 -0.38 -2.89 5.38
N ASP A 10 -1.56 -2.37 5.77
CA ASP A 10 -2.33 -2.94 6.85
C ASP A 10 -3.23 -4.08 6.42
N THR A 11 -3.74 -4.08 5.17
CA THR A 11 -4.89 -4.90 4.79
C THR A 11 -4.90 -5.10 3.28
N CYS A 12 -5.09 -6.35 2.85
CA CYS A 12 -4.79 -6.73 1.51
C CYS A 12 -5.54 -7.95 1.08
N LEU A 13 -5.46 -8.24 -0.22
CA LEU A 13 -6.28 -9.22 -0.85
C LEU A 13 -5.50 -9.68 -2.06
N CYS A 14 -5.32 -11.01 -2.10
CA CYS A 14 -4.63 -11.71 -3.15
C CYS A 14 -5.53 -12.23 -4.25
N THR A 15 -4.95 -12.37 -5.44
CA THR A 15 -5.58 -13.06 -6.55
C THR A 15 -5.53 -14.56 -6.36
N ARG A 16 -6.55 -15.28 -6.86
CA ARG A 16 -6.40 -16.66 -7.22
C ARG A 16 -5.79 -16.70 -8.60
N SER A 17 -4.62 -17.32 -8.75
CA SER A 17 -3.84 -17.23 -9.97
C SER A 17 -2.62 -18.11 -9.82
N GLN A 18 -1.81 -18.19 -10.86
CA GLN A 18 -0.70 -19.11 -10.95
C GLN A 18 0.33 -18.54 -11.94
N PRO A 19 1.38 -17.85 -11.51
CA PRO A 19 1.71 -17.49 -10.14
C PRO A 19 0.79 -16.42 -9.55
N PRO A 20 0.74 -16.23 -8.23
CA PRO A 20 -0.19 -15.31 -7.59
C PRO A 20 0.16 -13.84 -7.78
N THR A 21 -0.67 -12.96 -7.21
CA THR A 21 -0.48 -11.51 -7.27
C THR A 21 -1.28 -10.95 -6.13
N CYS A 22 -0.88 -9.82 -5.54
CA CYS A 22 -1.60 -9.35 -4.37
C CYS A 22 -1.59 -7.85 -4.35
N ARG A 23 -2.31 -7.25 -3.39
CA ARG A 23 -2.75 -5.89 -3.60
C ARG A 23 -3.41 -5.38 -2.34
N CYS A 24 -2.95 -4.17 -1.94
CA CYS A 24 -3.25 -3.56 -0.65
C CYS A 24 -4.52 -2.77 -0.80
N VAL A 25 -5.64 -3.31 -0.29
CA VAL A 25 -6.93 -2.68 -0.22
C VAL A 25 -6.94 -1.43 0.64
N ASP A 26 -6.01 -1.40 1.62
CA ASP A 26 -5.86 -0.31 2.56
C ASP A 26 -5.35 0.96 1.89
N VAL A 27 -5.62 2.08 2.56
CA VAL A 27 -5.50 3.40 2.02
C VAL A 27 -4.49 4.17 2.84
N ARG A 28 -3.62 4.94 2.17
CA ARG A 28 -2.62 5.71 2.86
C ARG A 28 -2.69 7.15 2.43
N GLU A 29 -2.20 8.07 3.27
CA GLU A 29 -1.61 9.31 2.81
C GLU A 29 -0.50 9.13 1.77
N SER A 30 0.65 8.63 2.28
CA SER A 30 1.89 8.39 1.57
C SER A 30 1.92 7.19 0.66
N CYS A 31 2.33 7.43 -0.59
CA CYS A 31 2.55 6.39 -1.56
C CYS A 31 4.04 6.28 -1.89
N HIS A 32 4.43 5.20 -2.58
CA HIS A 32 5.81 4.75 -2.67
C HIS A 32 6.31 4.72 -4.08
N SER A 33 7.64 4.73 -4.24
CA SER A 33 8.37 4.65 -5.50
C SER A 33 8.03 3.45 -6.36
N ALA A 34 7.53 2.40 -5.70
CA ALA A 34 7.04 1.18 -6.29
C ALA A 34 5.78 1.35 -7.12
N CYS A 35 4.96 2.36 -6.80
CA CYS A 35 3.72 2.63 -7.51
C CYS A 35 3.87 3.85 -8.42
N ASP A 36 3.67 3.64 -9.72
CA ASP A 36 3.65 4.67 -10.74
C ASP A 36 2.32 5.44 -10.71
N LYS A 37 1.21 4.70 -10.73
CA LYS A 37 -0.13 5.22 -10.90
C LYS A 37 -0.84 5.26 -9.56
N CYS A 38 -0.30 6.06 -8.61
CA CYS A 38 -0.92 6.24 -7.32
C CYS A 38 -1.93 7.36 -7.34
N VAL A 39 -3.22 6.99 -7.24
CA VAL A 39 -4.35 7.85 -7.43
C VAL A 39 -4.84 8.39 -6.08
N CYS A 40 -4.48 9.65 -5.76
CA CYS A 40 -4.80 10.31 -4.51
C CYS A 40 -6.09 11.11 -4.55
N ALA A 41 -7.09 10.73 -3.74
CA ALA A 41 -8.15 11.60 -3.29
C ALA A 41 -7.70 12.71 -2.36
N TYR A 42 -8.35 13.88 -2.45
CA TYR A 42 -7.95 15.10 -1.78
C TYR A 42 -8.41 15.22 -0.34
N SER A 43 -9.02 14.15 0.18
CA SER A 43 -9.86 14.05 1.36
C SER A 43 -9.25 14.43 2.70
N ASN A 44 -9.76 13.86 3.80
CA ASN A 44 -9.48 14.35 5.13
C ASN A 44 -9.49 13.19 6.12
N PRO A 45 -8.35 12.63 6.50
CA PRO A 45 -7.03 12.90 5.95
C PRO A 45 -6.92 12.39 4.51
N PRO A 46 -5.97 12.81 3.69
CA PRO A 46 -5.98 12.50 2.26
C PRO A 46 -5.77 11.02 2.04
N GLN A 47 -6.26 10.51 0.90
CA GLN A 47 -6.40 9.08 0.73
C GLN A 47 -5.78 8.77 -0.59
N CYS A 48 -5.10 7.64 -0.71
CA CYS A 48 -4.36 7.39 -1.91
C CYS A 48 -4.15 5.91 -2.00
N GLN A 49 -4.42 5.41 -3.22
CA GLN A 49 -4.43 4.03 -3.56
C GLN A 49 -3.55 3.81 -4.75
N CYS A 50 -2.86 2.67 -4.78
CA CYS A 50 -2.15 2.26 -5.98
C CYS A 50 -3.10 1.54 -6.89
N TYR A 51 -3.26 2.06 -8.11
CA TYR A 51 -4.13 1.55 -9.15
C TYR A 51 -3.97 0.06 -9.42
N ASP A 52 -2.71 -0.33 -9.61
CA ASP A 52 -2.27 -1.67 -9.96
C ASP A 52 -1.88 -2.55 -8.78
N THR A 53 -1.66 -3.84 -9.05
CA THR A 53 -1.20 -4.83 -8.09
C THR A 53 0.15 -4.50 -7.50
N HIS A 54 0.41 -4.97 -6.26
CA HIS A 54 1.65 -4.64 -5.57
C HIS A 54 2.63 -5.77 -5.84
N LYS A 55 2.72 -6.74 -4.93
CA LYS A 55 3.55 -7.89 -5.06
C LYS A 55 2.95 -8.91 -4.13
N PHE A 56 3.50 -9.01 -2.92
CA PHE A 56 2.91 -9.67 -1.77
C PHE A 56 2.54 -8.61 -0.74
N CYS A 57 2.04 -9.00 0.45
CA CYS A 57 1.67 -8.07 1.49
C CYS A 57 2.82 -7.80 2.42
N TYR A 58 2.96 -6.54 2.83
CA TYR A 58 3.98 -6.11 3.74
C TYR A 58 3.44 -5.89 5.13
N LYS A 59 4.37 -5.63 6.05
CA LYS A 59 4.18 -5.15 7.40
C LYS A 59 3.29 -3.92 7.50
N ALA A 60 2.68 -3.73 8.68
CA ALA A 60 1.75 -2.68 8.94
C ALA A 60 2.35 -1.29 8.96
N CYS A 61 1.57 -0.30 8.54
CA CYS A 61 2.06 1.05 8.28
C CYS A 61 1.71 2.00 9.41
N HIS A 62 1.86 1.54 10.66
CA HIS A 62 1.49 2.33 11.82
C HIS A 62 2.54 3.36 12.23
N ASN A 63 2.56 4.47 11.49
CA ASN A 63 3.42 5.63 11.65
C ASN A 63 3.19 6.35 12.97
N SER A 64 1.97 6.84 13.14
CA SER A 64 1.53 7.63 14.27
C SER A 64 0.75 6.76 15.24
N GLU A 65 1.42 6.05 16.17
CA GLU A 65 0.76 5.25 17.21
C GLU A 65 -0.23 6.02 18.10
N ILE A 66 0.30 6.79 19.05
CA ILE A 66 -0.46 7.70 19.88
C ILE A 66 -0.71 9.01 19.17
N GLU A 67 0.36 9.54 18.54
CA GLU A 67 0.34 10.61 17.59
C GLU A 67 1.55 10.30 16.68
CL CL B . 11.16 -6.42 4.40
CL CL C . 11.03 0.82 -5.95
CL CL D . 2.94 10.25 -2.58
CL CL E . 11.70 6.73 1.43
CL CL F . -2.44 -0.07 -15.22
CL CL G . 1.27 -12.29 1.01
CL CL H . -1.86 0.88 5.38
CL CL I . -9.07 -13.20 -8.14
CL CL J . 8.00 -2.47 -3.05
CL CL K . -10.79 -1.50 -5.80
CL CL L . 5.04 2.36 1.31
N GLY A 1 22.15 -5.25 6.62
CA GLY A 1 21.45 -5.01 5.34
C GLY A 1 21.08 -3.57 5.18
N ASP A 2 19.88 -3.31 4.66
CA ASP A 2 19.34 -1.98 4.48
C ASP A 2 17.82 -2.05 4.39
N ASP A 3 17.16 -0.89 4.46
CA ASP A 3 15.75 -0.72 4.22
C ASP A 3 15.63 0.55 3.39
N VAL A 4 15.21 0.39 2.13
CA VAL A 4 15.26 1.42 1.11
C VAL A 4 13.88 1.69 0.52
N LYS A 5 13.44 0.98 -0.54
CA LYS A 5 12.26 1.30 -1.31
C LYS A 5 11.04 0.57 -0.81
N SER A 6 10.85 0.69 0.51
CA SER A 6 9.79 0.08 1.28
C SER A 6 8.37 0.44 0.85
N ALA A 7 7.49 -0.56 0.90
CA ALA A 7 6.07 -0.37 1.01
C ALA A 7 5.64 -0.70 2.43
N CYS A 8 4.60 -0.04 2.91
CA CYS A 8 3.92 -0.43 4.12
C CYS A 8 2.55 -1.04 3.80
N CYS A 9 2.14 -2.05 4.60
CA CYS A 9 0.99 -2.84 4.29
C CYS A 9 0.32 -3.37 5.54
N ASP A 10 -0.86 -2.83 5.91
CA ASP A 10 -1.63 -3.33 7.03
C ASP A 10 -2.62 -4.44 6.68
N THR A 11 -3.11 -4.45 5.42
CA THR A 11 -4.32 -5.13 5.04
C THR A 11 -4.24 -5.35 3.55
N CYS A 12 -4.62 -6.54 3.08
CA CYS A 12 -4.20 -7.03 1.81
C CYS A 12 -5.13 -8.07 1.28
N LEU A 13 -5.01 -8.29 -0.03
CA LEU A 13 -5.95 -9.05 -0.80
C LEU A 13 -5.18 -9.57 -1.97
N CYS A 14 -5.46 -10.82 -2.34
CA CYS A 14 -4.66 -11.59 -3.25
C CYS A 14 -5.54 -12.49 -4.04
N THR A 15 -5.24 -12.60 -5.33
CA THR A 15 -6.00 -13.42 -6.25
C THR A 15 -5.64 -14.89 -6.19
N ARG A 16 -6.64 -15.76 -6.39
CA ARG A 16 -6.38 -17.09 -6.89
C ARG A 16 -6.21 -16.97 -8.39
N SER A 17 -5.05 -17.36 -8.89
CA SER A 17 -4.62 -17.13 -10.25
C SER A 17 -3.29 -17.81 -10.35
N GLN A 18 -2.55 -17.57 -11.43
CA GLN A 18 -1.35 -18.28 -11.75
C GLN A 18 -0.49 -17.39 -12.65
N PRO A 19 0.54 -16.75 -12.15
CA PRO A 19 0.91 -16.63 -10.74
C PRO A 19 -0.10 -15.78 -9.96
N PRO A 20 -0.21 -15.86 -8.64
CA PRO A 20 -1.06 -14.96 -7.87
C PRO A 20 -0.48 -13.57 -7.79
N THR A 21 -1.33 -12.59 -7.45
CA THR A 21 -1.06 -11.18 -7.68
C THR A 21 -1.95 -10.46 -6.73
N CYS A 22 -1.50 -9.34 -6.13
CA CYS A 22 -2.13 -8.84 -4.93
C CYS A 22 -2.12 -7.33 -4.90
N ARG A 23 -2.44 -6.79 -3.71
CA ARG A 23 -2.44 -5.38 -3.44
C ARG A 23 -2.72 -5.24 -1.96
N CYS A 24 -1.97 -4.33 -1.32
CA CYS A 24 -2.24 -3.88 0.03
C CYS A 24 -3.33 -2.83 -0.03
N VAL A 25 -4.57 -3.25 0.25
CA VAL A 25 -5.80 -2.47 0.16
C VAL A 25 -5.85 -1.28 1.10
N ASP A 26 -5.00 -1.32 2.14
CA ASP A 26 -4.94 -0.29 3.17
C ASP A 26 -4.43 1.04 2.63
N VAL A 27 -5.37 1.96 2.48
CA VAL A 27 -5.21 3.31 2.00
C VAL A 27 -4.56 4.25 3.00
N ARG A 28 -3.64 5.09 2.51
CA ARG A 28 -2.96 6.06 3.34
C ARG A 28 -3.01 7.41 2.71
N GLU A 29 -2.84 8.47 3.52
CA GLU A 29 -2.39 9.77 3.12
C GLU A 29 -1.11 9.75 2.29
N SER A 30 -0.01 9.32 2.95
CA SER A 30 1.31 9.17 2.35
C SER A 30 1.46 8.02 1.41
N CYS A 31 1.78 8.36 0.15
CA CYS A 31 2.15 7.37 -0.84
C CYS A 31 3.65 7.23 -0.92
N HIS A 32 4.10 6.13 -1.53
CA HIS A 32 5.47 5.71 -1.60
C HIS A 32 5.46 4.80 -2.80
N SER A 33 6.57 4.75 -3.55
CA SER A 33 6.64 4.17 -4.87
C SER A 33 6.80 2.68 -4.84
N ALA A 34 5.70 1.99 -4.47
CA ALA A 34 5.54 0.56 -4.57
C ALA A 34 5.26 0.14 -6.01
N CYS A 35 4.56 1.00 -6.75
CA CYS A 35 4.32 0.91 -8.17
C CYS A 35 4.70 2.24 -8.79
N ASP A 36 4.34 2.48 -10.07
CA ASP A 36 4.70 3.71 -10.75
C ASP A 36 3.53 4.68 -10.92
N LYS A 37 2.29 4.27 -10.60
CA LYS A 37 1.11 5.09 -10.71
C LYS A 37 0.29 5.06 -9.43
N CYS A 38 0.66 5.92 -8.46
CA CYS A 38 -0.12 6.19 -7.29
C CYS A 38 -1.14 7.29 -7.55
N VAL A 39 -2.40 6.97 -7.25
CA VAL A 39 -3.55 7.76 -7.50
C VAL A 39 -4.17 8.16 -6.17
N CYS A 40 -4.77 9.36 -6.07
CA CYS A 40 -5.07 9.94 -4.79
C CYS A 40 -6.32 10.79 -4.82
N ALA A 41 -7.32 10.36 -4.05
CA ALA A 41 -8.52 11.12 -3.73
C ALA A 41 -8.27 12.34 -2.84
N TYR A 42 -8.87 13.48 -3.23
CA TYR A 42 -8.68 14.77 -2.62
C TYR A 42 -9.52 15.06 -1.38
N SER A 43 -9.79 14.00 -0.64
CA SER A 43 -10.56 13.91 0.60
C SER A 43 -10.07 14.75 1.78
N ASN A 44 -10.54 14.41 2.99
CA ASN A 44 -10.23 15.06 4.23
C ASN A 44 -10.31 13.94 5.28
N PRO A 45 -9.19 13.39 5.73
CA PRO A 45 -7.85 13.58 5.18
C PRO A 45 -7.72 12.91 3.81
N PRO A 46 -6.80 13.30 2.93
CA PRO A 46 -6.74 12.77 1.58
C PRO A 46 -6.23 11.35 1.56
N GLN A 47 -6.40 10.65 0.44
CA GLN A 47 -6.23 9.22 0.40
C GLN A 47 -5.46 8.87 -0.85
N CYS A 48 -4.71 7.77 -0.82
CA CYS A 48 -3.79 7.44 -1.87
C CYS A 48 -3.52 5.95 -1.79
N GLN A 49 -3.53 5.36 -3.01
CA GLN A 49 -3.46 3.95 -3.29
C GLN A 49 -2.69 3.78 -4.59
N CYS A 50 -2.18 2.57 -4.85
CA CYS A 50 -1.72 2.21 -6.19
C CYS A 50 -2.92 1.86 -7.05
N TYR A 51 -2.98 2.43 -8.26
CA TYR A 51 -3.94 2.07 -9.30
C TYR A 51 -3.96 0.57 -9.60
N ASP A 52 -2.77 0.04 -9.88
CA ASP A 52 -2.52 -1.34 -10.24
C ASP A 52 -2.05 -2.21 -9.08
N THR A 53 -1.56 -3.42 -9.41
CA THR A 53 -1.21 -4.45 -8.45
C THR A 53 0.21 -4.37 -7.91
N HIS A 54 0.46 -4.99 -6.74
CA HIS A 54 1.80 -5.10 -6.22
C HIS A 54 1.95 -6.40 -5.46
N LYS A 55 3.19 -6.89 -5.33
CA LYS A 55 3.67 -8.07 -4.61
C LYS A 55 2.69 -8.92 -3.79
N PHE A 56 2.67 -8.76 -2.45
CA PHE A 56 1.92 -9.60 -1.54
C PHE A 56 1.68 -8.83 -0.25
N CYS A 57 1.23 -9.50 0.84
CA CYS A 57 1.06 -8.91 2.15
C CYS A 57 2.38 -8.63 2.84
N TYR A 58 2.84 -7.37 2.74
CA TYR A 58 4.17 -6.96 3.15
C TYR A 58 4.25 -6.51 4.60
N LYS A 59 5.36 -5.83 4.93
CA LYS A 59 5.67 -5.21 6.21
C LYS A 59 4.58 -4.33 6.77
N ALA A 60 4.43 -4.36 8.10
CA ALA A 60 3.39 -3.63 8.78
C ALA A 60 3.60 -2.13 8.81
N CYS A 61 2.48 -1.39 8.97
CA CYS A 61 2.46 0.05 8.91
C CYS A 61 1.82 0.62 10.15
N HIS A 62 2.44 0.40 11.32
CA HIS A 62 2.05 1.08 12.54
C HIS A 62 3.21 1.90 13.05
N ASN A 63 3.26 3.19 12.68
CA ASN A 63 4.28 4.14 13.08
C ASN A 63 4.36 4.47 14.57
N SER A 64 3.53 5.44 15.01
CA SER A 64 3.59 5.99 16.35
C SER A 64 2.72 5.22 17.35
N GLU A 65 2.61 5.75 18.58
CA GLU A 65 1.84 5.21 19.70
C GLU A 65 0.36 4.94 19.48
N ILE A 66 -0.21 5.55 18.44
CA ILE A 66 -1.58 5.38 18.00
C ILE A 66 -1.62 5.78 16.55
N GLU A 67 -2.66 5.32 15.83
CA GLU A 67 -3.10 5.76 14.54
C GLU A 67 -4.59 5.35 14.55
CL CL B . 12.79 -8.11 6.25
CL CL C . 11.96 5.06 -6.90
CL CL D . 2.39 11.53 -0.89
CL CL E . 9.18 6.10 -2.13
CL CL F . -4.48 5.60 -17.06
CL CL G . 7.83 -3.44 -1.40
CL CL H . -3.80 0.57 11.27
CL CL I . -9.68 -14.81 -5.12
CL CL J . 5.15 -5.47 -7.76
CL CL K . -2.82 0.06 -15.16
CL CL L . 6.50 3.91 3.45
N GLY A 1 13.52 -0.20 0.59
CA GLY A 1 14.77 -0.98 0.46
C GLY A 1 15.06 -1.70 1.75
N ASP A 2 16.09 -1.25 2.49
CA ASP A 2 16.49 -1.85 3.75
C ASP A 2 17.28 -0.82 4.56
N ASP A 3 17.10 0.46 4.21
CA ASP A 3 17.49 1.58 5.02
C ASP A 3 16.62 2.75 4.63
N VAL A 4 16.62 3.14 3.35
CA VAL A 4 15.64 4.08 2.81
C VAL A 4 14.24 3.50 2.92
N LYS A 5 13.26 4.37 3.24
CA LYS A 5 11.91 4.04 3.64
C LYS A 5 11.25 2.89 2.90
N SER A 6 10.95 1.86 3.69
CA SER A 6 10.14 0.71 3.35
C SER A 6 8.73 0.99 2.89
N ALA A 7 8.07 -0.05 2.34
CA ALA A 7 6.67 -0.04 2.05
C ALA A 7 5.81 -0.27 3.28
N CYS A 8 4.51 0.10 3.21
CA CYS A 8 3.54 -0.26 4.20
C CYS A 8 2.20 -0.47 3.53
N CYS A 9 1.44 -1.52 3.90
CA CYS A 9 0.07 -1.68 3.47
C CYS A 9 -0.74 -2.12 4.66
N ASP A 10 -1.88 -1.45 4.97
CA ASP A 10 -2.61 -1.82 6.17
C ASP A 10 -3.57 -2.97 5.93
N THR A 11 -3.84 -3.30 4.67
CA THR A 11 -4.70 -4.39 4.27
C THR A 11 -4.33 -4.73 2.85
N CYS A 12 -4.32 -6.01 2.50
CA CYS A 12 -3.85 -6.49 1.23
C CYS A 12 -4.45 -7.82 0.89
N LEU A 13 -4.30 -8.18 -0.40
CA LEU A 13 -5.16 -9.12 -1.03
C LEU A 13 -4.36 -9.71 -2.17
N CYS A 14 -3.95 -10.96 -1.98
CA CYS A 14 -3.31 -11.75 -2.99
C CYS A 14 -4.31 -12.62 -3.74
N THR A 15 -4.12 -12.77 -5.05
CA THR A 15 -5.05 -13.51 -5.89
C THR A 15 -4.91 -15.02 -5.84
N ARG A 16 -6.06 -15.70 -5.89
CA ARG A 16 -6.21 -17.08 -6.29
C ARG A 16 -6.25 -17.16 -7.81
N SER A 17 -5.15 -17.59 -8.42
CA SER A 17 -4.92 -17.42 -9.84
C SER A 17 -3.61 -18.10 -10.12
N GLN A 18 -3.09 -18.00 -11.34
CA GLN A 18 -1.86 -18.62 -11.72
C GLN A 18 -1.28 -17.81 -12.88
N PRO A 19 -0.11 -17.22 -12.73
CA PRO A 19 0.65 -17.09 -11.48
C PRO A 19 -0.09 -16.22 -10.45
N PRO A 20 0.25 -16.24 -9.17
CA PRO A 20 -0.36 -15.33 -8.20
C PRO A 20 0.09 -13.91 -8.43
N THR A 21 -0.66 -12.95 -7.88
CA THR A 21 -0.56 -11.55 -8.23
C THR A 21 -1.17 -10.87 -7.03
N CYS A 22 -0.64 -9.73 -6.57
CA CYS A 22 -1.12 -9.23 -5.30
C CYS A 22 -1.11 -7.73 -5.29
N ARG A 23 -1.77 -7.16 -4.29
CA ARG A 23 -2.11 -5.76 -4.26
C ARG A 23 -2.73 -5.43 -2.93
N CYS A 24 -2.80 -4.14 -2.63
CA CYS A 24 -3.33 -3.63 -1.39
C CYS A 24 -4.70 -3.05 -1.64
N VAL A 25 -5.40 -2.61 -0.59
CA VAL A 25 -6.85 -2.49 -0.61
C VAL A 25 -7.26 -1.89 0.73
N ASP A 26 -6.41 -0.98 1.23
CA ASP A 26 -6.76 -0.02 2.24
C ASP A 26 -5.86 1.17 2.04
N VAL A 27 -6.46 2.35 2.18
CA VAL A 27 -5.88 3.64 1.96
C VAL A 27 -4.90 4.09 3.02
N ARG A 28 -3.87 4.82 2.59
CA ARG A 28 -2.90 5.43 3.45
C ARG A 28 -2.77 6.87 3.05
N GLU A 29 -2.05 7.66 3.85
CA GLU A 29 -1.64 9.02 3.60
C GLU A 29 -0.94 9.33 2.29
N SER A 30 -0.24 8.33 1.75
CA SER A 30 0.65 8.50 0.61
C SER A 30 0.84 7.17 -0.09
N CYS A 31 1.44 7.19 -1.29
CA CYS A 31 1.91 6.01 -1.99
C CYS A 31 3.38 5.68 -1.63
N HIS A 32 4.09 4.95 -2.50
CA HIS A 32 5.47 4.60 -2.33
C HIS A 32 5.93 4.21 -3.72
N SER A 33 7.25 4.05 -3.92
CA SER A 33 7.84 3.64 -5.20
C SER A 33 7.39 2.29 -5.72
N ALA A 34 6.83 1.45 -4.82
CA ALA A 34 6.17 0.19 -5.08
C ALA A 34 4.77 0.36 -5.66
N CYS A 35 4.66 1.25 -6.65
CA CYS A 35 3.41 1.56 -7.31
C CYS A 35 3.62 1.98 -8.76
N ASP A 36 2.60 1.82 -9.63
CA ASP A 36 2.59 2.42 -10.95
C ASP A 36 1.57 3.56 -10.96
N LYS A 37 0.24 3.27 -10.93
CA LYS A 37 -0.78 4.30 -10.79
C LYS A 37 -1.15 4.51 -9.33
N CYS A 38 -0.74 5.65 -8.78
CA CYS A 38 -1.22 6.17 -7.52
C CYS A 38 -2.46 7.02 -7.72
N VAL A 39 -3.55 6.69 -7.02
CA VAL A 39 -4.77 7.46 -7.02
C VAL A 39 -4.85 8.15 -5.68
N CYS A 40 -5.29 9.42 -5.60
CA CYS A 40 -5.22 10.17 -4.36
C CYS A 40 -6.34 11.17 -4.24
N ALA A 41 -7.33 10.83 -3.40
CA ALA A 41 -8.39 11.74 -3.02
C ALA A 41 -7.94 12.93 -2.21
N TYR A 42 -8.48 14.11 -2.55
CA TYR A 42 -8.17 15.42 -2.01
C TYR A 42 -8.92 15.73 -0.73
N SER A 43 -9.36 14.66 -0.06
CA SER A 43 -9.98 14.59 1.24
C SER A 43 -9.14 15.11 2.39
N ASN A 44 -9.57 14.81 3.62
CA ASN A 44 -9.02 15.35 4.84
C ASN A 44 -9.18 14.27 5.90
N PRO A 45 -8.13 13.64 6.38
CA PRO A 45 -6.74 13.81 5.94
C PRO A 45 -6.52 13.29 4.52
N PRO A 46 -5.44 13.60 3.80
CA PRO A 46 -5.33 13.25 2.40
C PRO A 46 -5.16 11.75 2.20
N GLN A 47 -5.67 11.23 1.09
CA GLN A 47 -5.82 9.83 0.85
C GLN A 47 -5.03 9.46 -0.36
N CYS A 48 -4.47 8.24 -0.40
CA CYS A 48 -3.78 7.75 -1.57
C CYS A 48 -3.73 6.25 -1.51
N GLN A 49 -4.00 5.65 -2.68
CA GLN A 49 -4.12 4.24 -2.88
C GLN A 49 -3.29 3.87 -4.09
N CYS A 50 -2.50 2.79 -3.96
CA CYS A 50 -1.87 2.22 -5.14
C CYS A 50 -2.85 1.26 -5.79
N TYR A 51 -3.42 1.69 -6.93
CA TYR A 51 -4.19 0.87 -7.85
C TYR A 51 -3.50 -0.41 -8.29
N ASP A 52 -2.26 -0.27 -8.77
CA ASP A 52 -1.59 -1.37 -9.44
C ASP A 52 -1.10 -2.51 -8.56
N THR A 53 -1.06 -3.69 -9.19
CA THR A 53 -0.49 -4.90 -8.65
C THR A 53 1.03 -4.88 -8.67
N HIS A 54 1.65 -5.60 -7.73
CA HIS A 54 3.05 -5.94 -7.82
C HIS A 54 3.17 -7.31 -7.18
N LYS A 55 3.82 -7.45 -6.00
CA LYS A 55 4.10 -8.76 -5.45
C LYS A 55 3.88 -8.82 -3.95
N PHE A 56 4.95 -8.74 -3.12
CA PHE A 56 4.85 -9.09 -1.72
C PHE A 56 4.19 -8.01 -0.87
N CYS A 57 3.33 -8.43 0.08
CA CYS A 57 2.62 -7.52 0.96
C CYS A 57 3.44 -7.20 2.18
N TYR A 58 3.71 -5.89 2.38
CA TYR A 58 4.23 -5.39 3.63
C TYR A 58 3.07 -5.15 4.56
N LYS A 59 3.16 -5.78 5.73
CA LYS A 59 2.25 -5.68 6.85
C LYS A 59 1.92 -4.25 7.30
N ALA A 60 0.90 -4.13 8.17
CA ALA A 60 0.57 -2.87 8.77
C ALA A 60 1.66 -2.41 9.73
N CYS A 61 2.32 -1.30 9.35
CA CYS A 61 3.65 -0.96 9.83
C CYS A 61 3.68 -0.05 11.03
N HIS A 62 2.66 -0.10 11.89
CA HIS A 62 2.61 0.76 13.08
C HIS A 62 3.64 0.33 14.11
N ASN A 63 3.84 -0.99 14.22
CA ASN A 63 4.90 -1.67 14.90
C ASN A 63 6.26 -1.35 14.27
N SER A 64 6.48 -1.93 13.08
CA SER A 64 7.78 -2.00 12.43
C SER A 64 7.83 -1.19 11.14
N GLU A 65 7.71 0.15 11.24
CA GLU A 65 7.96 1.10 10.16
C GLU A 65 9.33 1.07 9.52
N ILE A 66 10.30 0.50 10.24
CA ILE A 66 11.63 0.21 9.75
C ILE A 66 12.28 -0.87 10.60
N GLU A 67 12.60 -0.60 11.87
CA GLU A 67 13.15 -1.57 12.76
C GLU A 67 12.80 -1.11 14.18
CL CL B . -9.63 -0.31 -2.14
CL CL C . 1.84 10.26 -2.67
CL CL D . 12.23 -9.55 -3.31
CL CL E . 6.70 -4.58 -4.64
CL CL F . 10.67 0.44 -2.99
CL CL G . 0.78 8.17 -10.78
CL CL H . -2.79 -15.29 0.41
CL CL I . -0.63 -2.16 12.93
CL CL J . 7.86 7.46 -1.02
CL CL K . 10.25 -2.75 1.73
CL CL L . -7.31 8.64 -11.88
N GLY A 1 20.17 -4.29 7.34
CA GLY A 1 18.95 -3.54 6.96
C GLY A 1 19.25 -2.42 6.03
N ASP A 2 18.62 -2.40 4.83
CA ASP A 2 18.86 -1.43 3.79
C ASP A 2 17.63 -1.42 2.90
N ASP A 3 16.73 -0.42 3.09
CA ASP A 3 15.41 -0.34 2.49
C ASP A 3 14.50 -1.45 3.02
N VAL A 4 14.00 -1.23 4.24
CA VAL A 4 13.20 -2.18 5.00
C VAL A 4 11.76 -1.74 5.20
N LYS A 5 11.46 -0.44 5.09
CA LYS A 5 10.12 0.12 5.16
C LYS A 5 9.73 0.60 3.78
N SER A 6 10.17 -0.13 2.75
CA SER A 6 9.99 0.15 1.34
C SER A 6 8.56 0.27 0.89
N ALA A 7 7.69 -0.55 1.49
CA ALA A 7 6.27 -0.57 1.29
C ALA A 7 5.63 -0.73 2.65
N CYS A 8 4.32 -0.50 2.76
CA CYS A 8 3.58 -0.85 3.96
C CYS A 8 2.16 -1.27 3.61
N CYS A 9 1.61 -2.25 4.36
CA CYS A 9 0.40 -2.91 3.91
C CYS A 9 -0.35 -3.51 5.09
N ASP A 10 -1.26 -2.75 5.75
CA ASP A 10 -1.93 -3.23 6.95
C ASP A 10 -2.98 -4.30 6.75
N THR A 11 -3.60 -4.34 5.56
CA THR A 11 -4.73 -5.22 5.28
C THR A 11 -4.77 -5.35 3.78
N CYS A 12 -4.92 -6.57 3.27
CA CYS A 12 -4.56 -6.88 1.92
C CYS A 12 -5.26 -8.08 1.36
N LEU A 13 -5.06 -8.28 0.06
CA LEU A 13 -5.82 -9.25 -0.69
C LEU A 13 -4.94 -9.62 -1.86
N CYS A 14 -4.41 -10.84 -1.79
CA CYS A 14 -3.77 -11.52 -2.88
C CYS A 14 -4.72 -12.41 -3.62
N THR A 15 -4.59 -12.50 -4.95
CA THR A 15 -5.34 -13.46 -5.74
C THR A 15 -4.79 -14.87 -5.67
N ARG A 16 -5.69 -15.87 -5.74
CA ARG A 16 -5.32 -17.23 -6.05
C ARG A 16 -5.19 -17.37 -7.54
N SER A 17 -3.97 -17.64 -8.02
CA SER A 17 -3.60 -17.52 -9.41
C SER A 17 -2.17 -18.00 -9.53
N GLN A 18 -1.55 -17.82 -10.70
CA GLN A 18 -0.20 -18.27 -10.98
C GLN A 18 0.35 -17.40 -12.12
N PRO A 19 1.24 -16.44 -11.91
CA PRO A 19 1.62 -15.87 -10.62
C PRO A 19 0.46 -15.12 -9.99
N PRO A 20 0.49 -14.76 -8.71
CA PRO A 20 -0.56 -13.95 -8.11
C PRO A 20 -0.53 -12.51 -8.57
N THR A 21 -1.38 -11.71 -7.95
CA THR A 21 -1.66 -10.35 -8.30
C THR A 21 -2.25 -9.86 -7.01
N CYS A 22 -1.68 -8.81 -6.40
CA CYS A 22 -2.00 -8.55 -5.02
C CYS A 22 -2.00 -7.06 -4.77
N ARG A 23 -2.52 -6.66 -3.60
CA ARG A 23 -2.74 -5.26 -3.32
C ARG A 23 -3.23 -5.06 -1.90
N CYS A 24 -2.86 -3.89 -1.35
CA CYS A 24 -3.20 -3.42 -0.04
C CYS A 24 -4.51 -2.66 -0.10
N VAL A 25 -5.60 -3.25 0.42
CA VAL A 25 -6.93 -2.66 0.45
C VAL A 25 -7.05 -1.38 1.26
N ASP A 26 -6.11 -1.17 2.20
CA ASP A 26 -6.08 -0.03 3.08
C ASP A 26 -5.54 1.25 2.43
N VAL A 27 -6.23 2.36 2.65
CA VAL A 27 -5.82 3.69 2.26
C VAL A 27 -4.88 4.27 3.28
N ARG A 28 -3.87 5.04 2.82
CA ARG A 28 -3.13 5.91 3.70
C ARG A 28 -3.00 7.25 3.06
N GLU A 29 -2.73 8.30 3.85
CA GLU A 29 -2.19 9.56 3.43
C GLU A 29 -0.93 9.46 2.57
N SER A 30 0.08 8.77 3.14
CA SER A 30 1.31 8.39 2.44
C SER A 30 1.13 7.31 1.42
N CYS A 31 1.92 7.41 0.33
CA CYS A 31 2.03 6.42 -0.71
C CYS A 31 3.51 6.28 -0.99
N HIS A 32 3.96 5.16 -1.58
CA HIS A 32 5.34 5.00 -1.96
C HIS A 32 5.36 4.48 -3.37
N SER A 33 6.33 4.94 -4.17
CA SER A 33 6.41 4.56 -5.58
C SER A 33 7.27 3.33 -5.74
N ALA A 34 6.77 2.19 -5.24
CA ALA A 34 7.28 0.88 -5.53
C ALA A 34 6.20 0.17 -6.34
N CYS A 35 5.57 0.95 -7.24
CA CYS A 35 4.35 0.63 -7.93
C CYS A 35 4.49 0.96 -9.40
N ASP A 36 3.40 1.43 -10.03
CA ASP A 36 3.42 1.96 -11.38
C ASP A 36 2.64 3.26 -11.39
N LYS A 37 1.34 3.23 -10.99
CA LYS A 37 0.56 4.43 -10.77
C LYS A 37 -0.02 4.47 -9.37
N CYS A 38 0.39 5.44 -8.53
CA CYS A 38 -0.35 5.86 -7.36
C CYS A 38 -1.38 6.93 -7.69
N VAL A 39 -2.60 6.79 -7.17
CA VAL A 39 -3.66 7.77 -7.30
C VAL A 39 -3.89 8.33 -5.92
N CYS A 40 -4.23 9.63 -5.81
CA CYS A 40 -4.25 10.27 -4.51
C CYS A 40 -5.30 11.34 -4.46
N ALA A 41 -6.45 11.01 -3.84
CA ALA A 41 -7.56 11.91 -3.62
C ALA A 41 -7.27 13.03 -2.65
N TYR A 42 -7.84 14.23 -2.90
CA TYR A 42 -7.50 15.45 -2.19
C TYR A 42 -8.24 15.63 -0.87
N SER A 43 -9.05 14.64 -0.54
CA SER A 43 -10.11 14.58 0.47
C SER A 43 -9.71 14.83 1.92
N ASN A 44 -10.42 14.20 2.87
CA ASN A 44 -10.32 14.52 4.27
C ASN A 44 -10.58 13.26 5.10
N PRO A 45 -9.56 12.59 5.63
CA PRO A 45 -8.14 12.86 5.38
C PRO A 45 -7.77 12.48 3.94
N PRO A 46 -6.65 12.89 3.37
CA PRO A 46 -6.35 12.59 1.98
C PRO A 46 -6.06 11.12 1.78
N GLN A 47 -6.36 10.61 0.59
CA GLN A 47 -6.41 9.18 0.34
C GLN A 47 -5.38 8.89 -0.69
N CYS A 48 -4.68 7.75 -0.59
CA CYS A 48 -3.59 7.47 -1.48
C CYS A 48 -3.38 5.97 -1.45
N GLN A 49 -3.31 5.40 -2.67
CA GLN A 49 -3.13 3.99 -2.94
C GLN A 49 -2.51 3.79 -4.29
N CYS A 50 -1.76 2.69 -4.44
CA CYS A 50 -1.29 2.23 -5.73
C CYS A 50 -2.38 1.48 -6.49
N TYR A 51 -2.93 2.13 -7.53
CA TYR A 51 -3.91 1.59 -8.46
C TYR A 51 -3.55 0.27 -9.11
N ASP A 52 -2.27 0.11 -9.44
CA ASP A 52 -1.78 -1.08 -10.11
C ASP A 52 -1.68 -2.28 -9.16
N THR A 53 -2.55 -3.27 -9.38
CA THR A 53 -2.57 -4.56 -8.72
C THR A 53 -1.35 -5.37 -9.07
N HIS A 54 -0.37 -5.50 -8.15
CA HIS A 54 0.87 -6.15 -8.48
C HIS A 54 1.45 -6.89 -7.29
N LYS A 55 2.27 -6.19 -6.48
CA LYS A 55 3.15 -6.79 -5.51
C LYS A 55 2.46 -7.32 -4.27
N PHE A 56 3.17 -8.19 -3.54
CA PHE A 56 2.64 -8.98 -2.45
C PHE A 56 2.37 -8.19 -1.18
N CYS A 57 1.77 -8.85 -0.17
CA CYS A 57 1.38 -8.19 1.05
C CYS A 57 2.53 -8.01 2.02
N TYR A 58 2.92 -6.75 2.21
CA TYR A 58 4.01 -6.34 3.08
C TYR A 58 3.69 -6.31 4.56
N LYS A 59 4.71 -5.92 5.32
CA LYS A 59 4.70 -5.47 6.70
C LYS A 59 3.66 -4.39 7.00
N ALA A 60 3.26 -4.29 8.26
CA ALA A 60 2.31 -3.29 8.71
C ALA A 60 2.87 -1.89 8.78
N CYS A 61 2.00 -0.88 8.61
CA CYS A 61 2.37 0.52 8.57
C CYS A 61 2.32 1.14 9.95
N HIS A 62 2.92 0.41 10.89
CA HIS A 62 3.30 0.91 12.20
C HIS A 62 4.78 1.21 12.16
N ASN A 63 5.25 2.08 13.06
CA ASN A 63 6.53 2.71 13.00
C ASN A 63 6.67 3.55 14.26
N SER A 64 6.15 4.77 14.21
CA SER A 64 6.36 5.84 15.18
C SER A 64 5.07 6.25 15.87
N GLU A 65 4.24 5.25 16.22
CA GLU A 65 3.01 5.28 17.00
C GLU A 65 3.03 5.87 18.40
N ILE A 66 3.75 6.96 18.61
CA ILE A 66 4.02 7.53 19.90
C ILE A 66 4.35 9.01 19.74
N GLU A 67 4.20 9.76 20.84
CA GLU A 67 4.37 11.17 20.92
C GLU A 67 4.74 11.46 22.38
CL CL B . 9.60 -8.69 10.43
CL CL C . 14.32 4.28 -2.92
CL CL D . 6.30 3.51 7.19
CL CL E . 3.84 0.87 -1.22
CL CL F . 2.94 7.60 -9.39
CL CL G . 6.64 -9.03 4.44
CL CL H . -4.72 2.85 11.00
CL CL I . -9.15 -4.26 -4.24
CL CL J . 8.22 -4.49 -7.94
CL CL K . -4.48 11.50 -8.97
CL CL L . 16.68 -6.92 6.59
N GLY A 1 5.32 9.50 4.09
CA GLY A 1 6.36 8.90 4.97
C GLY A 1 7.70 8.96 4.31
N ASP A 2 8.77 9.07 5.11
CA ASP A 2 10.09 9.37 4.56
C ASP A 2 11.14 8.93 5.54
N ASP A 3 11.44 7.62 5.51
CA ASP A 3 12.52 7.06 6.29
C ASP A 3 13.08 5.83 5.58
N VAL A 4 12.24 4.79 5.39
CA VAL A 4 12.66 3.50 4.90
C VAL A 4 12.16 3.33 3.46
N LYS A 5 12.94 2.63 2.62
CA LYS A 5 12.57 2.23 1.29
C LYS A 5 11.68 1.00 1.25
N SER A 6 11.42 0.43 2.42
CA SER A 6 10.35 -0.51 2.71
C SER A 6 8.96 0.03 2.41
N ALA A 7 7.99 -0.86 2.15
CA ALA A 7 6.60 -0.49 2.08
C ALA A 7 5.98 -0.58 3.45
N CYS A 8 4.74 -0.07 3.63
CA CYS A 8 3.96 -0.45 4.78
C CYS A 8 2.54 -0.73 4.36
N CYS A 9 1.91 -1.74 4.99
CA CYS A 9 0.64 -2.26 4.59
C CYS A 9 -0.09 -2.76 5.83
N ASP A 10 -1.33 -2.33 6.10
CA ASP A 10 -2.03 -2.80 7.30
C ASP A 10 -2.55 -4.23 7.15
N THR A 11 -2.94 -4.58 5.91
CA THR A 11 -3.62 -5.82 5.55
C THR A 11 -3.41 -6.06 4.07
N CYS A 12 -2.60 -7.09 3.80
CA CYS A 12 -2.29 -7.67 2.52
C CYS A 12 -3.38 -8.63 2.10
N LEU A 13 -3.62 -8.73 0.78
CA LEU A 13 -4.66 -9.57 0.24
C LEU A 13 -4.27 -9.91 -1.18
N CYS A 14 -4.19 -11.22 -1.45
CA CYS A 14 -3.89 -11.78 -2.74
C CYS A 14 -5.12 -12.14 -3.56
N THR A 15 -5.05 -11.90 -4.88
CA THR A 15 -6.12 -12.27 -5.81
C THR A 15 -6.18 -13.75 -6.14
N ARG A 16 -7.40 -14.26 -6.40
CA ARG A 16 -7.59 -15.43 -7.21
C ARG A 16 -7.56 -15.04 -8.69
N SER A 17 -6.55 -15.51 -9.42
CA SER A 17 -6.30 -15.13 -10.79
C SER A 17 -5.13 -15.97 -11.23
N GLN A 18 -4.49 -15.67 -12.36
CA GLN A 18 -3.48 -16.53 -12.92
C GLN A 18 -2.55 -15.70 -13.79
N PRO A 19 -1.36 -15.35 -13.33
CA PRO A 19 -0.84 -15.56 -11.97
C PRO A 19 -1.60 -14.73 -10.94
N PRO A 20 -1.52 -15.02 -9.65
CA PRO A 20 -2.04 -14.13 -8.62
C PRO A 20 -1.21 -12.88 -8.53
N THR A 21 -1.71 -11.89 -7.80
CA THR A 21 -1.30 -10.51 -7.91
C THR A 21 -1.76 -9.99 -6.59
N CYS A 22 -0.87 -9.32 -5.85
CA CYS A 22 -1.06 -9.25 -4.43
C CYS A 22 -0.58 -7.93 -3.92
N ARG A 23 -1.28 -7.40 -2.90
CA ARG A 23 -1.09 -6.04 -2.48
C ARG A 23 -1.92 -5.81 -1.26
N CYS A 24 -1.75 -4.65 -0.59
CA CYS A 24 -2.57 -4.30 0.54
C CYS A 24 -3.75 -3.44 0.16
N VAL A 25 -4.93 -3.86 0.63
CA VAL A 25 -6.24 -3.25 0.38
C VAL A 25 -6.40 -1.82 0.86
N ASP A 26 -5.50 -1.42 1.77
CA ASP A 26 -5.62 -0.23 2.57
C ASP A 26 -5.35 1.08 1.85
N VAL A 27 -6.31 2.00 1.96
CA VAL A 27 -6.20 3.33 1.42
C VAL A 27 -5.55 4.29 2.39
N ARG A 28 -4.47 4.95 1.94
CA ARG A 28 -3.59 5.71 2.81
C ARG A 28 -3.48 7.16 2.37
N GLU A 29 -2.78 7.98 3.19
CA GLU A 29 -2.35 9.33 2.92
C GLU A 29 -1.61 9.54 1.62
N SER A 30 -0.84 8.52 1.25
CA SER A 30 0.19 8.58 0.23
C SER A 30 0.38 7.19 -0.32
N CYS A 31 1.20 7.07 -1.37
CA CYS A 31 1.73 5.81 -1.84
C CYS A 31 3.19 5.71 -1.45
N HIS A 32 3.78 4.53 -1.66
CA HIS A 32 5.21 4.33 -1.57
C HIS A 32 5.69 3.90 -2.93
N SER A 33 7.02 3.78 -3.07
CA SER A 33 7.77 3.32 -4.23
C SER A 33 7.38 1.94 -4.77
N ALA A 34 6.52 1.23 -4.01
CA ALA A 34 5.88 -0.02 -4.35
C ALA A 34 4.80 0.10 -5.43
N CYS A 35 4.37 1.34 -5.72
CA CYS A 35 3.22 1.66 -6.53
C CYS A 35 3.60 2.37 -7.82
N ASP A 36 3.21 1.81 -8.98
CA ASP A 36 3.49 2.45 -10.26
C ASP A 36 2.34 3.32 -10.76
N LYS A 37 1.09 3.00 -10.37
CA LYS A 37 -0.01 3.93 -10.49
C LYS A 37 -0.51 4.20 -9.09
N CYS A 38 -0.06 5.31 -8.51
CA CYS A 38 -0.65 5.92 -7.36
C CYS A 38 -1.76 6.85 -7.78
N VAL A 39 -3.01 6.47 -7.53
CA VAL A 39 -4.14 7.33 -7.81
C VAL A 39 -4.52 7.96 -6.49
N CYS A 40 -5.06 9.21 -6.45
CA CYS A 40 -5.33 9.83 -5.17
C CYS A 40 -6.51 10.77 -5.18
N ALA A 41 -7.59 10.38 -4.48
CA ALA A 41 -8.73 11.23 -4.17
C ALA A 41 -8.44 12.39 -3.23
N TYR A 42 -9.11 13.51 -3.51
CA TYR A 42 -8.91 14.82 -2.90
C TYR A 42 -9.62 15.06 -1.58
N SER A 43 -9.90 13.96 -0.88
CA SER A 43 -10.50 13.82 0.44
C SER A 43 -9.73 14.49 1.57
N ASN A 44 -10.15 14.22 2.81
CA ASN A 44 -9.60 14.74 4.03
C ASN A 44 -9.83 13.66 5.08
N PRO A 45 -8.82 12.88 5.46
CA PRO A 45 -7.45 12.92 4.96
C PRO A 45 -7.39 12.42 3.52
N PRO A 46 -6.40 12.75 2.70
CA PRO A 46 -6.41 12.38 1.30
C PRO A 46 -6.31 10.88 1.15
N GLN A 47 -6.84 10.34 0.06
CA GLN A 47 -6.86 8.93 -0.13
C GLN A 47 -5.94 8.67 -1.27
N CYS A 48 -5.30 7.51 -1.28
CA CYS A 48 -4.38 7.15 -2.31
C CYS A 48 -4.27 5.66 -2.29
N GLN A 49 -4.39 5.07 -3.49
CA GLN A 49 -4.38 3.66 -3.71
C GLN A 49 -3.31 3.26 -4.68
N CYS A 50 -2.76 2.07 -4.43
CA CYS A 50 -1.65 1.48 -5.14
C CYS A 50 -2.18 0.61 -6.25
N TYR A 51 -2.80 1.25 -7.27
CA TYR A 51 -3.52 0.64 -8.38
C TYR A 51 -2.72 -0.42 -9.08
N ASP A 52 -1.54 -0.02 -9.55
CA ASP A 52 -0.66 -0.85 -10.34
C ASP A 52 0.51 -1.28 -9.47
N THR A 53 0.38 -2.49 -8.91
CA THR A 53 1.45 -3.21 -8.24
C THR A 53 1.11 -4.68 -8.34
N HIS A 54 2.08 -5.56 -8.12
CA HIS A 54 1.91 -7.00 -8.22
C HIS A 54 2.78 -7.70 -7.21
N LYS A 55 3.56 -6.92 -6.43
CA LYS A 55 4.76 -7.37 -5.79
C LYS A 55 5.00 -6.90 -4.36
N PHE A 56 3.94 -6.64 -3.55
CA PHE A 56 4.17 -6.25 -2.16
C PHE A 56 3.14 -6.83 -1.22
N CYS A 57 3.63 -7.43 -0.13
CA CYS A 57 2.82 -7.96 0.94
C CYS A 57 3.58 -7.74 2.22
N TYR A 58 3.36 -6.58 2.87
CA TYR A 58 4.19 -6.12 3.96
C TYR A 58 3.49 -6.09 5.30
N LYS A 59 4.32 -6.01 6.36
CA LYS A 59 4.03 -5.46 7.67
C LYS A 59 3.41 -4.06 7.66
N ALA A 60 2.81 -3.66 8.79
CA ALA A 60 2.30 -2.33 9.00
C ALA A 60 3.39 -1.34 9.38
N CYS A 61 3.07 -0.04 9.28
CA CYS A 61 3.96 1.06 9.64
C CYS A 61 4.21 1.04 11.14
N HIS A 62 3.13 1.24 11.90
CA HIS A 62 3.10 0.98 13.32
C HIS A 62 3.03 -0.52 13.63
N ASN A 63 3.52 -0.94 14.80
CA ASN A 63 3.61 -2.31 15.22
C ASN A 63 4.13 -2.38 16.63
N SER A 64 5.45 -2.32 16.82
CA SER A 64 6.11 -2.59 18.10
C SER A 64 6.41 -1.34 18.88
N GLU A 65 5.40 -0.49 19.10
CA GLU A 65 5.35 0.60 20.07
C GLU A 65 5.56 0.19 21.53
N ILE A 66 6.75 -0.30 21.83
CA ILE A 66 7.20 -0.80 23.11
C ILE A 66 8.70 -0.71 23.07
N GLU A 67 9.34 -0.83 24.24
CA GLU A 67 10.77 -0.81 24.43
C GLU A 67 11.03 -1.56 25.74
CL CL B . 0.66 9.30 -11.69
CL CL C . -8.05 -3.87 7.08
CL CL D . -3.12 4.37 11.57
CL CL E . 2.47 6.17 11.07
CL CL F . 2.05 -8.48 11.53
CL CL G . -2.35 -1.03 -15.20
CL CL H . 6.31 5.38 2.92
CL CL I . 2.92 -4.47 -11.76
CL CL J . -9.92 -11.90 -6.58
CL CL K . 5.96 -11.97 3.72
CL CL L . -8.61 6.38 -4.48
N GLY A 1 8.83 -1.83 10.00
CA GLY A 1 9.23 -0.62 10.76
C GLY A 1 10.53 -0.86 11.45
N ASP A 2 11.62 -0.29 10.91
CA ASP A 2 12.97 -0.63 11.32
C ASP A 2 13.91 0.51 10.95
N ASP A 3 13.44 1.75 11.11
CA ASP A 3 14.16 2.99 10.85
C ASP A 3 14.53 3.22 9.40
N VAL A 4 13.53 3.01 8.54
CA VAL A 4 13.63 3.16 7.11
C VAL A 4 12.26 3.48 6.58
N LYS A 5 12.18 4.33 5.54
CA LYS A 5 10.96 4.69 4.85
C LYS A 5 10.61 3.66 3.80
N SER A 6 10.55 2.41 4.24
CA SER A 6 10.01 1.27 3.53
C SER A 6 8.55 1.44 3.11
N ALA A 7 8.09 0.62 2.15
CA ALA A 7 6.69 0.50 1.85
C ALA A 7 5.91 -0.19 2.96
N CYS A 8 4.72 0.33 3.27
CA CYS A 8 3.82 -0.22 4.25
C CYS A 8 2.47 -0.51 3.62
N CYS A 9 1.69 -1.38 4.27
CA CYS A 9 0.37 -1.74 3.83
C CYS A 9 -0.46 -2.07 5.06
N ASP A 10 -1.72 -1.58 5.16
CA ASP A 10 -2.55 -1.93 6.30
C ASP A 10 -3.26 -3.27 6.13
N THR A 11 -3.79 -3.55 4.93
CA THR A 11 -4.74 -4.64 4.70
C THR A 11 -4.70 -4.98 3.24
N CYS A 12 -4.69 -6.28 2.90
CA CYS A 12 -4.32 -6.76 1.60
C CYS A 12 -4.88 -8.11 1.29
N LEU A 13 -4.78 -8.47 0.01
CA LEU A 13 -5.54 -9.53 -0.57
C LEU A 13 -4.72 -9.97 -1.75
N CYS A 14 -4.27 -11.23 -1.67
CA CYS A 14 -3.62 -11.94 -2.73
C CYS A 14 -4.59 -12.75 -3.52
N THR A 15 -4.42 -12.81 -4.84
CA THR A 15 -5.27 -13.61 -5.70
C THR A 15 -4.81 -15.04 -5.75
N ARG A 16 -5.77 -15.98 -5.84
CA ARG A 16 -5.48 -17.38 -6.10
C ARG A 16 -5.28 -17.68 -7.58
N SER A 17 -5.07 -16.63 -8.40
CA SER A 17 -4.73 -16.71 -9.81
C SER A 17 -3.40 -17.39 -10.08
N GLN A 18 -3.07 -17.58 -11.36
CA GLN A 18 -1.91 -18.28 -11.83
C GLN A 18 -1.66 -17.73 -13.23
N PRO A 19 -0.79 -16.74 -13.41
CA PRO A 19 0.14 -16.18 -12.44
C PRO A 19 -0.53 -15.41 -11.29
N PRO A 20 0.00 -15.40 -10.07
CA PRO A 20 -0.62 -14.75 -8.94
C PRO A 20 -0.43 -13.24 -8.95
N THR A 21 -1.11 -12.54 -8.03
CA THR A 21 -1.08 -11.09 -7.96
C THR A 21 -1.50 -10.74 -6.56
N CYS A 22 -1.05 -9.60 -6.03
CA CYS A 22 -1.44 -9.19 -4.70
C CYS A 22 -1.52 -7.69 -4.64
N ARG A 23 -2.22 -7.16 -3.63
CA ARG A 23 -2.51 -5.75 -3.59
C ARG A 23 -3.20 -5.38 -2.28
N CYS A 24 -2.97 -4.15 -1.82
CA CYS A 24 -3.58 -3.57 -0.64
C CYS A 24 -4.98 -3.06 -0.89
N VAL A 25 -5.99 -3.69 -0.28
CA VAL A 25 -7.37 -3.24 -0.23
C VAL A 25 -7.56 -1.90 0.45
N ASP A 26 -6.70 -1.60 1.43
CA ASP A 26 -6.71 -0.37 2.20
C ASP A 26 -5.69 0.59 1.64
N VAL A 27 -5.90 1.88 1.88
CA VAL A 27 -5.06 2.94 1.39
C VAL A 27 -3.85 3.18 2.27
N ARG A 28 -2.92 4.03 1.79
CA ARG A 28 -1.90 4.64 2.61
C ARG A 28 -2.07 6.13 2.60
N GLU A 29 -1.49 6.78 3.64
CA GLU A 29 -1.37 8.22 3.86
C GLU A 29 -0.80 9.03 2.72
N SER A 30 0.03 8.35 1.91
CA SER A 30 0.82 8.89 0.82
C SER A 30 1.16 7.73 -0.08
N CYS A 31 1.80 7.99 -1.23
CA CYS A 31 2.29 6.92 -2.09
C CYS A 31 3.80 6.83 -1.99
N HIS A 32 4.32 5.60 -1.78
CA HIS A 32 5.75 5.36 -1.79
C HIS A 32 6.19 4.90 -3.18
N SER A 33 7.44 4.44 -3.29
CA SER A 33 8.11 4.14 -4.53
C SER A 33 7.60 2.90 -5.26
N ALA A 34 7.37 1.79 -4.53
CA ALA A 34 7.09 0.48 -5.08
C ALA A 34 5.65 0.27 -5.51
N CYS A 35 5.10 1.28 -6.18
CA CYS A 35 3.82 1.29 -6.83
C CYS A 35 4.01 1.70 -8.28
N ASP A 36 3.08 1.34 -9.19
CA ASP A 36 3.07 1.91 -10.54
C ASP A 36 2.11 3.09 -10.59
N LYS A 37 0.80 2.88 -10.37
CA LYS A 37 -0.20 3.91 -10.50
C LYS A 37 -0.65 4.44 -9.15
N CYS A 38 -0.04 5.55 -8.71
CA CYS A 38 -0.39 6.24 -7.49
C CYS A 38 -1.50 7.24 -7.78
N VAL A 39 -2.75 6.93 -7.40
CA VAL A 39 -3.81 7.91 -7.44
C VAL A 39 -4.01 8.41 -6.03
N CYS A 40 -4.38 9.68 -5.82
CA CYS A 40 -4.43 10.23 -4.48
C CYS A 40 -5.52 11.28 -4.35
N ALA A 41 -6.59 10.91 -3.63
CA ALA A 41 -7.63 11.82 -3.23
C ALA A 41 -7.22 12.87 -2.23
N TYR A 42 -7.81 14.07 -2.35
CA TYR A 42 -7.43 15.26 -1.62
C TYR A 42 -8.04 15.37 -0.22
N SER A 43 -8.75 14.31 0.15
CA SER A 43 -9.72 14.13 1.21
C SER A 43 -9.25 14.38 2.63
N ASN A 44 -9.99 13.85 3.61
CA ASN A 44 -9.74 14.07 5.01
C ASN A 44 -10.17 12.81 5.76
N PRO A 45 -9.25 11.93 6.15
CA PRO A 45 -7.82 12.01 5.89
C PRO A 45 -7.51 11.80 4.42
N PRO A 46 -6.40 12.31 3.86
CA PRO A 46 -6.12 12.16 2.45
C PRO A 46 -5.80 10.71 2.12
N GLN A 47 -5.97 10.32 0.85
CA GLN A 47 -5.89 8.94 0.49
C GLN A 47 -4.89 8.81 -0.62
N CYS A 48 -4.33 7.61 -0.79
CA CYS A 48 -3.47 7.30 -1.90
C CYS A 48 -3.51 5.81 -2.02
N GLN A 49 -3.86 5.36 -3.22
CA GLN A 49 -4.11 3.99 -3.55
C GLN A 49 -3.23 3.61 -4.71
N CYS A 50 -2.64 2.41 -4.63
CA CYS A 50 -1.94 1.83 -5.75
C CYS A 50 -2.95 1.08 -6.59
N TYR A 51 -3.54 1.77 -7.57
CA TYR A 51 -4.53 1.25 -8.50
C TYR A 51 -4.13 -0.04 -9.20
N ASP A 52 -2.85 -0.11 -9.55
CA ASP A 52 -2.27 -1.23 -10.26
C ASP A 52 -1.97 -2.37 -9.29
N THR A 53 -2.02 -3.60 -9.80
CA THR A 53 -1.61 -4.79 -9.09
C THR A 53 -0.13 -4.81 -8.77
N HIS A 54 0.28 -5.64 -7.80
CA HIS A 54 1.67 -5.79 -7.44
C HIS A 54 1.78 -7.25 -7.06
N LYS A 55 2.79 -7.63 -6.28
CA LYS A 55 2.99 -9.02 -5.93
C LYS A 55 3.65 -9.14 -4.57
N PHE A 56 3.11 -8.39 -3.60
CA PHE A 56 3.65 -8.37 -2.27
C PHE A 56 2.57 -7.87 -1.33
N CYS A 57 2.88 -7.86 -0.04
CA CYS A 57 2.12 -7.15 0.96
C CYS A 57 3.03 -6.96 2.17
N TYR A 58 3.29 -5.71 2.53
CA TYR A 58 4.11 -5.36 3.68
C TYR A 58 3.33 -5.33 4.99
N LYS A 59 4.09 -5.30 6.09
CA LYS A 59 3.69 -4.85 7.41
C LYS A 59 3.02 -3.48 7.44
N ALA A 60 2.31 -3.19 8.54
CA ALA A 60 1.69 -1.92 8.77
C ALA A 60 2.62 -0.85 9.31
N CYS A 61 2.36 0.40 8.86
CA CYS A 61 2.96 1.61 9.38
C CYS A 61 1.93 2.20 10.29
N HIS A 62 2.06 2.02 11.61
CA HIS A 62 1.21 2.66 12.59
C HIS A 62 2.07 3.46 13.55
N ASN A 63 1.52 4.52 14.15
CA ASN A 63 2.19 5.29 15.18
C ASN A 63 2.46 4.46 16.41
N SER A 64 1.38 3.86 16.95
CA SER A 64 1.47 2.97 18.10
C SER A 64 1.71 1.53 17.69
N GLU A 65 2.58 1.30 16.69
CA GLU A 65 3.05 -0.01 16.23
C GLU A 65 3.68 -0.91 17.26
N ILE A 66 4.11 -0.31 18.37
CA ILE A 66 4.89 -0.88 19.43
C ILE A 66 4.64 -0.04 20.66
N GLU A 67 5.01 -0.57 21.84
CA GLU A 67 4.97 0.13 23.09
C GLU A 67 5.95 -0.66 23.99
CL CL B . 0.45 9.80 -11.53
CL CL C . -12.43 -1.74 -3.28
CL CL D . -2.59 2.46 16.07
CL CL E . -2.77 3.32 9.57
CL CL F . 11.88 -3.23 5.33
CL CL G . -7.03 -8.68 -10.05
CL CL H . 5.08 6.49 2.59
CL CL I . 3.05 -3.52 -1.66
CL CL J . -9.91 -15.65 -3.17
CL CL K . 5.90 -3.15 14.03
CL CL L . -8.27 7.35 -3.87
N GLY A 1 14.65 1.24 14.77
CA GLY A 1 14.71 1.89 13.45
C GLY A 1 13.48 2.71 13.23
N ASP A 2 13.62 3.86 12.56
CA ASP A 2 12.49 4.75 12.33
C ASP A 2 12.76 5.68 11.16
N ASP A 3 13.89 5.50 10.45
CA ASP A 3 14.26 6.21 9.26
C ASP A 3 14.65 5.15 8.24
N VAL A 4 13.71 4.24 7.99
CA VAL A 4 13.82 3.14 7.04
C VAL A 4 12.84 3.46 5.93
N LYS A 5 13.19 3.20 4.66
CA LYS A 5 12.38 3.58 3.52
C LYS A 5 11.54 2.43 2.99
N SER A 6 11.32 1.43 3.84
CA SER A 6 10.40 0.33 3.60
C SER A 6 8.98 0.77 3.34
N ALA A 7 8.36 0.27 2.25
CA ALA A 7 6.94 0.40 2.06
C ALA A 7 6.18 -0.45 3.07
N CYS A 8 4.90 -0.12 3.30
CA CYS A 8 4.11 -0.81 4.29
C CYS A 8 2.74 -1.14 3.75
N CYS A 9 2.03 -2.09 4.37
CA CYS A 9 0.67 -2.40 3.99
C CYS A 9 0.00 -3.05 5.19
N ASP A 10 -1.23 -2.64 5.54
CA ASP A 10 -1.93 -3.20 6.67
C ASP A 10 -2.82 -4.38 6.32
N THR A 11 -3.17 -4.58 5.04
CA THR A 11 -4.01 -5.70 4.62
C THR A 11 -3.78 -5.93 3.15
N CYS A 12 -2.99 -6.98 2.86
CA CYS A 12 -2.71 -7.46 1.53
C CYS A 12 -3.84 -8.33 1.03
N LEU A 13 -4.61 -7.87 0.04
CA LEU A 13 -5.56 -8.69 -0.66
C LEU A 13 -4.83 -9.43 -1.76
N CYS A 14 -4.84 -10.76 -1.67
CA CYS A 14 -4.36 -11.62 -2.72
C CYS A 14 -5.45 -12.04 -3.65
N THR A 15 -5.21 -11.90 -4.96
CA THR A 15 -6.19 -12.17 -5.99
C THR A 15 -6.28 -13.64 -6.30
N ARG A 16 -7.49 -14.12 -6.64
CA ARG A 16 -7.65 -15.43 -7.26
C ARG A 16 -7.41 -15.41 -8.76
N SER A 17 -6.47 -14.56 -9.22
CA SER A 17 -6.01 -14.49 -10.60
C SER A 17 -5.31 -15.75 -11.10
N GLN A 18 -4.50 -15.63 -12.16
CA GLN A 18 -3.79 -16.72 -12.80
C GLN A 18 -2.57 -16.12 -13.50
N PRO A 19 -1.35 -16.23 -12.96
CA PRO A 19 -1.06 -16.67 -11.60
C PRO A 19 -1.56 -15.65 -10.57
N PRO A 20 -1.79 -16.00 -9.32
CA PRO A 20 -2.32 -15.05 -8.34
C PRO A 20 -1.29 -14.03 -7.93
N THR A 21 -1.73 -12.89 -7.41
CA THR A 21 -0.83 -11.77 -7.16
C THR A 21 -1.52 -10.91 -6.14
N CYS A 22 -0.89 -9.86 -5.58
CA CYS A 22 -1.48 -9.26 -4.40
C CYS A 22 -1.25 -7.77 -4.38
N ARG A 23 -1.98 -7.06 -3.51
CA ARG A 23 -2.02 -5.62 -3.50
C ARG A 23 -2.84 -5.17 -2.32
N CYS A 24 -2.69 -3.89 -1.94
CA CYS A 24 -3.10 -3.44 -0.61
C CYS A 24 -4.46 -2.77 -0.62
N VAL A 25 -5.47 -3.35 0.06
CA VAL A 25 -6.76 -2.68 0.28
C VAL A 25 -6.65 -1.39 1.06
N ASP A 26 -5.67 -1.33 1.99
CA ASP A 26 -5.44 -0.14 2.78
C ASP A 26 -4.72 0.93 1.98
N VAL A 27 -5.12 2.17 2.24
CA VAL A 27 -4.66 3.34 1.56
C VAL A 27 -3.79 4.16 2.48
N ARG A 28 -3.08 5.13 1.92
CA ARG A 28 -2.17 5.95 2.66
C ARG A 28 -2.60 7.41 2.65
N GLU A 29 -2.22 8.16 3.70
CA GLU A 29 -2.22 9.60 3.83
C GLU A 29 -1.51 10.40 2.75
N SER A 30 -0.58 9.71 2.08
CA SER A 30 0.44 10.24 1.19
C SER A 30 0.80 9.10 0.27
N CYS A 31 1.87 9.17 -0.54
CA CYS A 31 2.32 8.01 -1.28
C CYS A 31 3.81 7.77 -1.07
N HIS A 32 4.30 6.55 -1.33
CA HIS A 32 5.69 6.21 -1.26
C HIS A 32 5.95 5.11 -2.24
N SER A 33 7.22 4.88 -2.56
CA SER A 33 7.72 3.97 -3.57
C SER A 33 7.33 2.52 -3.38
N ALA A 34 6.44 2.00 -4.24
CA ALA A 34 6.16 0.60 -4.33
C ALA A 34 5.79 0.25 -5.76
N CYS A 35 4.62 0.72 -6.23
CA CYS A 35 4.17 0.59 -7.59
C CYS A 35 4.29 1.91 -8.31
N ASP A 36 3.94 1.94 -9.60
CA ASP A 36 4.13 3.09 -10.46
C ASP A 36 2.81 3.77 -10.76
N LYS A 37 1.72 3.37 -10.08
CA LYS A 37 0.38 3.85 -10.36
C LYS A 37 -0.34 4.20 -9.07
N CYS A 38 0.10 5.29 -8.42
CA CYS A 38 -0.53 5.86 -7.27
C CYS A 38 -1.63 6.83 -7.67
N VAL A 39 -2.89 6.48 -7.37
CA VAL A 39 -4.06 7.25 -7.74
C VAL A 39 -4.70 7.61 -6.42
N CYS A 40 -5.21 8.84 -6.22
CA CYS A 40 -5.42 9.31 -4.87
C CYS A 40 -6.58 10.26 -4.74
N ALA A 41 -7.61 9.79 -4.01
CA ALA A 41 -8.83 10.52 -3.78
C ALA A 41 -8.64 11.75 -2.92
N TYR A 42 -9.36 12.83 -3.26
CA TYR A 42 -9.19 14.16 -2.71
C TYR A 42 -9.91 14.40 -1.39
N SER A 43 -10.06 13.30 -0.66
CA SER A 43 -10.82 13.09 0.57
C SER A 43 -10.43 13.94 1.77
N ASN A 44 -10.44 13.36 2.97
CA ASN A 44 -10.18 14.06 4.20
C ASN A 44 -9.54 13.11 5.21
N PRO A 45 -8.24 13.11 5.39
CA PRO A 45 -7.22 13.62 4.46
C PRO A 45 -7.15 12.75 3.20
N PRO A 46 -6.35 12.98 2.15
CA PRO A 46 -6.49 12.22 0.91
C PRO A 46 -6.09 10.78 1.06
N GLN A 47 -6.59 9.94 0.13
CA GLN A 47 -6.59 8.51 0.29
C GLN A 47 -5.97 7.93 -0.95
N CYS A 48 -4.65 7.74 -0.85
CA CYS A 48 -3.81 7.23 -1.92
C CYS A 48 -3.82 5.73 -2.07
N GLN A 49 -4.24 5.23 -3.24
CA GLN A 49 -4.31 3.82 -3.56
C GLN A 49 -3.21 3.46 -4.53
N CYS A 50 -2.63 2.27 -4.33
CA CYS A 50 -1.82 1.61 -5.35
C CYS A 50 -2.74 0.78 -6.22
N TYR A 51 -3.19 1.35 -7.36
CA TYR A 51 -4.04 0.72 -8.35
C TYR A 51 -3.59 -0.64 -8.84
N ASP A 52 -2.28 -0.72 -9.11
CA ASP A 52 -1.67 -1.83 -9.79
C ASP A 52 -1.26 -2.92 -8.79
N THR A 53 -1.08 -4.13 -9.30
CA THR A 53 -0.67 -5.29 -8.54
C THR A 53 0.79 -5.25 -8.15
N HIS A 54 1.17 -6.10 -7.20
CA HIS A 54 2.53 -6.24 -6.75
C HIS A 54 2.71 -7.70 -6.43
N LYS A 55 3.96 -8.11 -6.18
CA LYS A 55 4.30 -9.44 -5.77
C LYS A 55 5.03 -9.43 -4.45
N PHE A 56 4.68 -8.46 -3.58
CA PHE A 56 5.30 -8.32 -2.28
C PHE A 56 4.26 -7.76 -1.33
N CYS A 57 4.17 -8.36 -0.14
CA CYS A 57 3.39 -7.90 0.99
C CYS A 57 4.35 -7.51 2.09
N TYR A 58 4.16 -6.30 2.64
CA TYR A 58 5.03 -5.73 3.65
C TYR A 58 4.40 -5.74 5.02
N LYS A 59 5.22 -5.43 6.04
CA LYS A 59 4.82 -5.03 7.38
C LYS A 59 3.77 -3.92 7.43
N ALA A 60 3.10 -3.78 8.58
CA ALA A 60 2.08 -2.77 8.78
C ALA A 60 2.61 -1.36 9.05
N CYS A 61 1.82 -0.36 8.65
CA CYS A 61 2.15 1.06 8.61
C CYS A 61 2.04 1.74 9.96
N HIS A 62 2.66 1.16 10.99
CA HIS A 62 2.63 1.69 12.34
C HIS A 62 3.70 2.75 12.58
N ASN A 63 3.47 3.98 12.08
CA ASN A 63 4.22 5.16 12.47
C ASN A 63 4.01 5.49 13.93
N SER A 64 2.77 5.84 14.23
CA SER A 64 2.34 6.30 15.54
C SER A 64 1.76 5.13 16.29
N GLU A 65 2.58 4.42 17.08
CA GLU A 65 2.12 3.28 17.89
C GLU A 65 1.00 3.67 18.84
N ILE A 66 1.17 4.83 19.48
CA ILE A 66 0.26 5.43 20.41
C ILE A 66 0.59 6.91 20.41
N GLU A 67 -0.29 7.73 21.03
CA GLU A 67 -0.01 9.13 21.30
C GLU A 67 0.54 9.28 22.74
CL CL B . 10.77 -6.26 12.99
CL CL C . 14.43 7.39 -4.13
CL CL D . 7.09 6.15 3.67
CL CL E . 10.08 9.45 1.79
CL CL F . 2.27 7.54 -9.71
CL CL G . 4.30 -14.47 -9.45
CL CL H . -5.25 -1.81 12.35
CL CL I . -10.45 -4.29 -4.48
CL CL J . 3.15 -0.75 -11.30
CL CL K . -7.52 2.77 -14.50
CL CL L . 15.64 0.60 3.36
N GLY A 1 17.28 0.67 15.60
CA GLY A 1 16.62 1.37 14.48
C GLY A 1 15.29 0.77 14.14
N ASP A 2 14.34 1.60 13.69
CA ASP A 2 12.96 1.25 13.42
C ASP A 2 12.44 2.27 12.43
N ASP A 3 13.19 2.47 11.36
CA ASP A 3 12.86 3.43 10.33
C ASP A 3 13.53 2.98 9.05
N VAL A 4 12.73 2.47 8.13
CA VAL A 4 13.15 2.02 6.82
C VAL A 4 12.32 2.82 5.83
N LYS A 5 12.75 2.99 4.58
CA LYS A 5 11.99 3.65 3.56
C LYS A 5 11.31 2.63 2.67
N SER A 6 11.00 1.45 3.24
CA SER A 6 10.08 0.45 2.72
C SER A 6 8.66 0.93 2.49
N ALA A 7 7.88 0.24 1.64
CA ALA A 7 6.43 0.38 1.63
C ALA A 7 5.81 -0.46 2.75
N CYS A 8 4.52 -0.24 3.06
CA CYS A 8 3.87 -0.89 4.19
C CYS A 8 2.45 -1.31 3.83
N CYS A 9 1.84 -2.24 4.60
CA CYS A 9 0.48 -2.67 4.35
C CYS A 9 -0.08 -3.37 5.59
N ASP A 10 -1.35 -3.15 5.97
CA ASP A 10 -1.98 -3.92 7.04
C ASP A 10 -2.67 -5.19 6.56
N THR A 11 -3.36 -5.14 5.40
CA THR A 11 -4.36 -6.12 5.02
C THR A 11 -4.51 -6.03 3.52
N CYS A 12 -4.69 -7.18 2.85
CA CYS A 12 -4.48 -7.23 1.44
C CYS A 12 -5.21 -8.35 0.79
N LEU A 13 -5.76 -8.02 -0.38
CA LEU A 13 -6.48 -8.92 -1.24
C LEU A 13 -5.44 -9.62 -2.07
N CYS A 14 -5.61 -10.93 -2.28
CA CYS A 14 -4.66 -11.72 -3.00
C CYS A 14 -5.39 -12.79 -3.75
N THR A 15 -5.07 -12.89 -5.04
CA THR A 15 -5.73 -13.82 -5.94
C THR A 15 -5.11 -15.20 -5.88
N ARG A 16 -5.96 -16.23 -6.05
CA ARG A 16 -5.56 -17.60 -6.31
C ARG A 16 -5.27 -17.86 -7.79
N SER A 17 -4.98 -16.79 -8.54
CA SER A 17 -4.54 -16.79 -9.94
C SER A 17 -3.19 -17.46 -10.18
N GLN A 18 -2.60 -17.20 -11.34
CA GLN A 18 -1.44 -17.86 -11.88
C GLN A 18 -0.77 -16.90 -12.86
N PRO A 19 0.36 -16.28 -12.52
CA PRO A 19 0.89 -16.16 -11.17
C PRO A 19 -0.03 -15.29 -10.29
N PRO A 20 -0.10 -15.48 -8.99
CA PRO A 20 -1.00 -14.72 -8.14
C PRO A 20 -0.52 -13.30 -7.93
N THR A 21 -1.40 -12.45 -7.40
CA THR A 21 -1.22 -11.01 -7.42
C THR A 21 -2.08 -10.45 -6.34
N CYS A 22 -1.72 -9.27 -5.82
CA CYS A 22 -2.34 -8.75 -4.63
C CYS A 22 -2.43 -7.25 -4.75
N ARG A 23 -2.98 -6.59 -3.72
CA ARG A 23 -3.16 -5.16 -3.70
C ARG A 23 -3.70 -4.75 -2.34
N CYS A 24 -3.21 -3.59 -1.88
CA CYS A 24 -3.45 -3.00 -0.57
C CYS A 24 -4.89 -2.58 -0.35
N VAL A 25 -5.73 -3.30 0.45
CA VAL A 25 -7.13 -2.85 0.64
C VAL A 25 -7.28 -1.49 1.28
N ASP A 26 -6.26 -1.09 2.04
CA ASP A 26 -6.24 0.09 2.86
C ASP A 26 -5.87 1.33 2.08
N VAL A 27 -6.25 2.51 2.59
CA VAL A 27 -5.65 3.75 2.17
C VAL A 27 -4.39 4.06 2.96
N ARG A 28 -3.43 4.67 2.26
CA ARG A 28 -2.24 5.24 2.84
C ARG A 28 -2.20 6.73 2.57
N GLU A 29 -1.32 7.45 3.30
CA GLU A 29 -1.15 8.88 3.26
C GLU A 29 -0.91 9.49 1.89
N SER A 30 0.05 8.93 1.16
CA SER A 30 0.61 9.62 0.00
C SER A 30 1.02 8.61 -1.07
N CYS A 31 2.29 8.64 -1.52
CA CYS A 31 2.78 7.73 -2.53
C CYS A 31 4.18 7.32 -2.10
N HIS A 32 4.72 6.24 -2.69
CA HIS A 32 6.01 5.70 -2.36
C HIS A 32 6.72 5.41 -3.66
N SER A 33 7.96 4.92 -3.60
CA SER A 33 8.72 4.56 -4.81
C SER A 33 8.27 3.26 -5.45
N ALA A 34 8.17 2.16 -4.66
CA ALA A 34 7.73 0.86 -5.14
C ALA A 34 6.39 0.82 -5.86
N CYS A 35 5.41 1.61 -5.36
CA CYS A 35 4.16 1.81 -6.06
C CYS A 35 4.28 3.06 -6.91
N ASP A 36 4.67 2.89 -8.17
CA ASP A 36 4.90 3.97 -9.13
C ASP A 36 3.61 4.46 -9.79
N LYS A 37 2.48 3.82 -9.44
CA LYS A 37 1.17 4.11 -9.95
C LYS A 37 0.19 4.37 -8.81
N CYS A 38 0.39 5.50 -8.12
CA CYS A 38 -0.45 5.92 -7.03
C CYS A 38 -1.65 6.70 -7.52
N VAL A 39 -2.83 6.40 -6.94
CA VAL A 39 -4.06 7.09 -7.19
C VAL A 39 -4.65 7.64 -5.89
N CYS A 40 -4.55 8.96 -5.67
CA CYS A 40 -5.07 9.62 -4.49
C CYS A 40 -6.49 10.14 -4.63
N ALA A 41 -7.36 9.77 -3.68
CA ALA A 41 -8.51 10.53 -3.31
C ALA A 41 -8.22 11.86 -2.63
N TYR A 42 -8.93 12.92 -3.02
CA TYR A 42 -8.94 14.19 -2.32
C TYR A 42 -9.91 14.31 -1.14
N SER A 43 -9.73 13.50 -0.11
CA SER A 43 -10.31 13.65 1.23
C SER A 43 -9.96 14.89 2.06
N ASN A 44 -9.77 14.65 3.38
CA ASN A 44 -9.18 15.51 4.37
C ASN A 44 -8.51 14.58 5.39
N PRO A 45 -7.20 14.47 5.44
CA PRO A 45 -6.27 14.82 4.36
C PRO A 45 -6.42 13.84 3.21
N PRO A 46 -5.78 14.00 2.06
CA PRO A 46 -5.92 13.07 0.95
C PRO A 46 -5.34 11.70 1.27
N GLN A 47 -5.91 10.66 0.67
CA GLN A 47 -5.67 9.29 1.06
C GLN A 47 -5.71 8.52 -0.22
N CYS A 48 -5.05 7.37 -0.30
CA CYS A 48 -4.51 6.99 -1.59
C CYS A 48 -4.26 5.51 -1.64
N GLN A 49 -4.44 4.96 -2.84
CA GLN A 49 -4.38 3.57 -3.16
C GLN A 49 -3.44 3.41 -4.34
N CYS A 50 -3.13 2.18 -4.71
CA CYS A 50 -2.39 1.87 -5.92
C CYS A 50 -3.35 1.46 -7.02
N TYR A 51 -3.16 2.02 -8.23
CA TYR A 51 -3.90 1.67 -9.44
C TYR A 51 -3.96 0.18 -9.73
N ASP A 52 -2.77 -0.36 -9.99
CA ASP A 52 -2.56 -1.70 -10.45
C ASP A 52 -2.23 -2.60 -9.26
N THR A 53 -2.26 -3.91 -9.51
CA THR A 53 -1.83 -4.94 -8.60
C THR A 53 -0.34 -4.87 -8.30
N HIS A 54 0.09 -5.45 -7.17
CA HIS A 54 1.49 -5.61 -6.86
C HIS A 54 1.64 -6.90 -6.12
N LYS A 55 2.62 -7.71 -6.53
CA LYS A 55 2.84 -9.05 -6.03
C LYS A 55 3.49 -9.16 -4.64
N PHE A 56 3.08 -8.28 -3.71
CA PHE A 56 3.65 -8.29 -2.38
C PHE A 56 2.74 -7.57 -1.41
N CYS A 57 2.67 -8.06 -0.17
CA CYS A 57 2.07 -7.38 0.94
C CYS A 57 3.19 -7.15 1.94
N TYR A 58 3.53 -5.88 2.17
CA TYR A 58 4.60 -5.49 3.07
C TYR A 58 4.16 -5.50 4.52
N LYS A 59 5.12 -5.34 5.45
CA LYS A 59 4.94 -5.24 6.87
C LYS A 59 3.86 -4.27 7.33
N ALA A 60 3.29 -4.55 8.52
CA ALA A 60 2.21 -3.79 9.09
C ALA A 60 2.52 -2.32 9.37
N CYS A 61 1.66 -1.45 8.84
CA CYS A 61 1.88 -0.03 8.89
C CYS A 61 1.29 0.61 10.11
N HIS A 62 1.54 1.91 10.23
CA HIS A 62 1.07 2.72 11.31
C HIS A 62 0.59 4.02 10.72
N ASN A 63 -0.47 4.63 11.28
CA ASN A 63 -0.92 5.98 10.98
C ASN A 63 -2.08 6.33 11.87
N SER A 64 -3.12 5.52 11.84
CA SER A 64 -4.36 5.81 12.56
C SER A 64 -5.02 4.57 13.14
N GLU A 65 -4.32 3.42 13.17
CA GLU A 65 -4.75 2.16 13.75
C GLU A 65 -5.13 2.24 15.22
N ILE A 66 -4.50 3.21 15.88
CA ILE A 66 -4.71 3.69 17.21
C ILE A 66 -4.12 5.09 17.16
N GLU A 67 -4.04 5.81 18.28
CA GLU A 67 -3.45 7.14 18.33
C GLU A 67 -1.91 7.16 17.99
CL CL B . 8.43 6.24 -8.58
CL CL C . -7.72 -12.39 0.27
CL CL D . 7.17 1.69 10.55
CL CL E . 3.77 6.28 4.96
CL CL F . 8.28 -5.52 12.26
CL CL G . 4.29 -5.90 -9.20
CL CL H . 9.08 7.54 0.68
CL CL I . 8.88 -6.45 -4.98
CL CL J . 1.91 -14.25 -3.93
CL CL K . 11.26 -4.09 5.50
CL CL L . -11.43 4.15 -0.04
N GLY A 1 10.31 10.68 -9.24
CA GLY A 1 11.23 11.06 -8.16
C GLY A 1 10.85 10.35 -6.92
N ASP A 2 11.14 9.04 -6.86
CA ASP A 2 10.69 8.15 -5.81
C ASP A 2 11.65 6.98 -5.83
N ASP A 3 12.42 6.78 -4.75
CA ASP A 3 13.47 5.79 -4.70
C ASP A 3 13.70 5.36 -3.27
N VAL A 4 12.64 4.82 -2.64
CA VAL A 4 12.65 4.28 -1.30
C VAL A 4 11.78 3.04 -1.28
N LYS A 5 12.29 1.96 -0.66
CA LYS A 5 11.61 0.68 -0.55
C LYS A 5 10.64 0.62 0.61
N SER A 6 10.93 1.36 1.67
CA SER A 6 10.15 1.45 2.89
C SER A 6 8.70 1.88 2.70
N ALA A 7 7.79 0.91 2.73
CA ALA A 7 6.37 1.09 2.57
C ALA A 7 5.67 0.28 3.63
N CYS A 8 4.38 0.55 3.85
CA CYS A 8 3.49 -0.32 4.59
C CYS A 8 2.31 -0.67 3.72
N CYS A 9 1.72 -1.85 3.97
CA CYS A 9 0.60 -2.32 3.18
C CYS A 9 -0.22 -3.22 4.06
N ASP A 10 -1.02 -2.62 4.97
CA ASP A 10 -1.72 -3.32 6.03
C ASP A 10 -2.99 -4.02 5.63
N THR A 11 -3.19 -4.16 4.31
CA THR A 11 -4.26 -4.94 3.70
C THR A 11 -3.86 -5.27 2.28
N CYS A 12 -3.13 -6.39 2.20
CA CYS A 12 -2.74 -7.06 0.98
C CYS A 12 -3.88 -7.92 0.49
N LEU A 13 -4.64 -7.46 -0.49
CA LEU A 13 -5.60 -8.32 -1.16
C LEU A 13 -4.87 -9.06 -2.23
N CYS A 14 -5.14 -10.37 -2.37
CA CYS A 14 -4.43 -11.21 -3.28
C CYS A 14 -5.37 -12.24 -3.81
N THR A 15 -5.41 -12.38 -5.15
CA THR A 15 -6.34 -13.29 -5.80
C THR A 15 -5.88 -14.72 -5.78
N ARG A 16 -6.77 -15.66 -6.12
CA ARG A 16 -6.42 -17.05 -6.31
C ARG A 16 -5.81 -17.39 -7.68
N SER A 17 -5.23 -16.37 -8.35
CA SER A 17 -4.46 -16.53 -9.59
C SER A 17 -3.19 -17.37 -9.44
N GLN A 18 -2.26 -17.26 -10.39
CA GLN A 18 -1.08 -18.08 -10.49
C GLN A 18 -0.03 -17.29 -11.28
N PRO A 19 0.95 -16.64 -10.67
CA PRO A 19 1.05 -16.33 -9.24
C PRO A 19 -0.05 -15.37 -8.80
N PRO A 20 -0.36 -15.20 -7.52
CA PRO A 20 -1.51 -14.43 -7.08
C PRO A 20 -1.35 -12.95 -7.34
N THR A 21 -2.40 -12.32 -7.89
CA THR A 21 -2.39 -10.90 -8.19
C THR A 21 -2.68 -10.14 -6.93
N CYS A 22 -1.62 -9.57 -6.33
CA CYS A 22 -1.75 -8.80 -5.11
C CYS A 22 -1.89 -7.32 -5.39
N ARG A 23 -2.24 -6.57 -4.34
CA ARG A 23 -2.59 -5.18 -4.37
C ARG A 23 -2.77 -4.75 -2.94
N CYS A 24 -2.38 -3.49 -2.65
CA CYS A 24 -2.59 -2.88 -1.36
C CYS A 24 -3.89 -2.12 -1.41
N VAL A 25 -5.01 -2.76 -1.04
CA VAL A 25 -6.31 -2.13 -0.98
C VAL A 25 -6.41 -0.97 0.00
N ASP A 26 -5.56 -1.02 1.05
CA ASP A 26 -5.45 0.01 2.05
C ASP A 26 -4.66 1.20 1.53
N VAL A 27 -4.95 2.40 2.05
CA VAL A 27 -4.30 3.63 1.66
C VAL A 27 -3.27 4.12 2.65
N ARG A 28 -2.37 4.98 2.17
CA ARG A 28 -1.51 5.77 2.99
C ARG A 28 -1.94 7.22 2.85
N GLU A 29 -1.46 8.05 3.78
CA GLU A 29 -1.48 9.50 3.75
C GLU A 29 -0.93 10.17 2.50
N SER A 30 -0.04 9.48 1.79
CA SER A 30 0.77 10.02 0.72
C SER A 30 1.30 8.89 -0.12
N CYS A 31 2.00 9.20 -1.22
CA CYS A 31 2.62 8.23 -2.10
C CYS A 31 3.90 7.61 -1.54
N HIS A 32 3.75 6.66 -0.62
CA HIS A 32 4.72 5.65 -0.33
C HIS A 32 4.03 4.32 -0.33
N SER A 33 3.70 3.88 -1.54
CA SER A 33 3.13 2.59 -1.83
C SER A 33 4.15 1.75 -2.56
N ALA A 34 3.76 0.60 -3.13
CA ALA A 34 4.64 -0.25 -3.90
C ALA A 34 3.96 -0.62 -5.20
N CYS A 35 3.48 0.41 -5.90
CA CYS A 35 2.79 0.32 -7.16
C CYS A 35 3.35 1.32 -8.14
N ASP A 36 3.11 1.14 -9.46
CA ASP A 36 3.40 2.14 -10.46
C ASP A 36 2.52 3.37 -10.30
N LYS A 37 1.18 3.21 -10.33
CA LYS A 37 0.26 4.31 -10.16
C LYS A 37 -0.18 4.49 -8.72
N CYS A 38 0.27 5.59 -8.11
CA CYS A 38 -0.29 6.17 -6.93
C CYS A 38 -1.41 7.11 -7.33
N VAL A 39 -2.66 6.82 -6.97
CA VAL A 39 -3.75 7.72 -7.18
C VAL A 39 -4.18 8.19 -5.82
N CYS A 40 -4.82 9.35 -5.64
CA CYS A 40 -5.12 9.80 -4.30
C CYS A 40 -6.38 10.61 -4.31
N ALA A 41 -7.33 10.18 -3.45
CA ALA A 41 -8.50 10.98 -3.13
C ALA A 41 -8.12 12.21 -2.37
N TYR A 42 -8.69 13.34 -2.79
CA TYR A 42 -8.29 14.69 -2.43
C TYR A 42 -8.87 15.19 -1.12
N SER A 43 -9.64 14.31 -0.48
CA SER A 43 -10.24 14.42 0.83
C SER A 43 -9.26 14.63 1.96
N ASN A 44 -9.78 15.07 3.11
CA ASN A 44 -9.09 15.09 4.36
C ASN A 44 -9.28 13.82 5.19
N PRO A 45 -8.24 13.14 5.67
CA PRO A 45 -6.89 13.16 5.13
C PRO A 45 -6.84 12.42 3.79
N PRO A 46 -5.85 12.62 2.94
CA PRO A 46 -5.86 12.07 1.60
C PRO A 46 -5.71 10.58 1.59
N GLN A 47 -6.27 9.92 0.57
CA GLN A 47 -6.38 8.47 0.55
C GLN A 47 -5.64 7.97 -0.65
N CYS A 48 -4.32 7.83 -0.49
CA CYS A 48 -3.41 7.41 -1.55
C CYS A 48 -3.41 5.92 -1.75
N GLN A 49 -3.92 5.49 -2.90
CA GLN A 49 -4.21 4.14 -3.28
C GLN A 49 -3.16 3.59 -4.22
N CYS A 50 -2.88 2.30 -4.05
CA CYS A 50 -1.92 1.53 -4.83
C CYS A 50 -2.66 0.88 -5.98
N TYR A 51 -2.95 1.68 -7.04
CA TYR A 51 -3.70 1.28 -8.22
C TYR A 51 -3.24 0.03 -8.92
N ASP A 52 -1.91 -0.10 -9.08
CA ASP A 52 -1.31 -1.16 -9.87
C ASP A 52 -1.17 -2.47 -9.11
N THR A 53 -0.92 -3.56 -9.84
CA THR A 53 -0.72 -4.88 -9.28
C THR A 53 0.67 -5.08 -8.71
N HIS A 54 0.83 -6.05 -7.80
CA HIS A 54 2.13 -6.43 -7.31
C HIS A 54 2.09 -7.91 -7.03
N LYS A 55 3.24 -8.56 -6.99
CA LYS A 55 3.39 -9.95 -6.58
C LYS A 55 4.00 -10.06 -5.21
N PHE A 56 3.89 -9.00 -4.40
CA PHE A 56 4.65 -8.87 -3.16
C PHE A 56 3.85 -8.05 -2.18
N CYS A 57 3.89 -8.45 -0.90
CA CYS A 57 3.14 -7.86 0.19
C CYS A 57 4.08 -7.25 1.19
N TYR A 58 3.92 -5.95 1.46
CA TYR A 58 4.67 -5.29 2.51
C TYR A 58 3.98 -5.45 3.85
N LYS A 59 4.81 -5.48 4.89
CA LYS A 59 4.45 -5.45 6.28
C LYS A 59 3.48 -4.35 6.69
N ALA A 60 2.74 -4.57 7.78
CA ALA A 60 1.80 -3.64 8.30
C ALA A 60 2.41 -2.62 9.24
N CYS A 61 1.88 -1.39 9.16
CA CYS A 61 2.08 -0.34 10.11
C CYS A 61 0.89 0.59 10.02
N HIS A 62 0.75 1.50 10.99
CA HIS A 62 -0.31 2.48 11.02
C HIS A 62 0.10 3.77 10.32
N ASN A 63 -0.88 4.63 9.98
CA ASN A 63 -0.68 6.00 9.56
C ASN A 63 -2.05 6.63 9.36
N SER A 64 -2.86 6.03 8.49
CA SER A 64 -4.27 6.34 8.26
C SER A 64 -5.09 5.12 8.66
N GLU A 65 -4.78 4.53 9.83
CA GLU A 65 -5.45 3.37 10.37
C GLU A 65 -6.96 3.48 10.56
N ILE A 66 -7.36 4.33 11.52
CA ILE A 66 -8.75 4.56 11.87
C ILE A 66 -9.31 5.57 10.88
N GLU A 67 -8.70 6.77 10.88
CA GLU A 67 -8.65 7.65 9.74
C GLU A 67 -7.15 7.99 9.57
CL CL B . 8.70 -2.29 -6.91
CL CL C . -3.37 11.30 -8.89
CL CL D . -12.64 7.80 -2.89
CL CL E . 11.02 9.67 0.56
CL CL F . -9.89 0.54 -7.26
CL CL G . 5.19 -6.64 -9.51
CL CL H . 10.25 -1.12 8.29
CL CL I . 5.21 -11.42 0.11
CL CL J . -1.63 -8.59 -13.36
CL CL K . -8.71 -14.82 -9.93
CL CL L . 6.02 11.96 -7.60
N GLY A 1 19.89 1.27 9.43
CA GLY A 1 18.48 1.17 9.00
C GLY A 1 18.34 0.71 7.59
N ASP A 2 17.13 0.78 7.04
CA ASP A 2 16.83 0.33 5.70
C ASP A 2 15.56 1.04 5.28
N ASP A 3 15.61 1.81 4.17
CA ASP A 3 14.44 2.43 3.65
C ASP A 3 14.63 2.67 2.17
N VAL A 4 14.55 1.58 1.39
CA VAL A 4 14.73 1.57 -0.05
C VAL A 4 13.45 1.21 -0.77
N LYS A 5 12.95 -0.03 -0.67
CA LYS A 5 11.77 -0.49 -1.38
C LYS A 5 10.59 -0.68 -0.45
N SER A 6 10.64 0.03 0.68
CA SER A 6 9.62 0.06 1.72
C SER A 6 8.23 0.49 1.25
N ALA A 7 7.20 -0.28 1.61
CA ALA A 7 5.83 0.03 1.29
C ALA A 7 5.03 0.02 2.57
N CYS A 8 3.84 0.64 2.55
CA CYS A 8 2.91 0.59 3.65
C CYS A 8 1.57 0.11 3.15
N CYS A 9 1.05 -0.97 3.77
CA CYS A 9 -0.20 -1.57 3.35
C CYS A 9 -1.04 -1.91 4.56
N ASP A 10 -2.19 -1.22 4.75
CA ASP A 10 -3.07 -1.53 5.86
C ASP A 10 -3.83 -2.84 5.67
N THR A 11 -3.98 -3.26 4.40
CA THR A 11 -4.64 -4.50 4.02
C THR A 11 -4.15 -4.83 2.63
N CYS A 12 -3.25 -5.83 2.60
CA CYS A 12 -2.76 -6.49 1.42
C CYS A 12 -3.75 -7.56 0.98
N LEU A 13 -4.40 -7.37 -0.18
CA LEU A 13 -5.06 -8.43 -0.88
C LEU A 13 -4.08 -9.19 -1.74
N CYS A 14 -4.28 -10.50 -1.85
CA CYS A 14 -3.51 -11.36 -2.70
C CYS A 14 -4.45 -12.41 -3.21
N THR A 15 -4.20 -12.80 -4.47
CA THR A 15 -5.03 -13.77 -5.17
C THR A 15 -4.57 -15.17 -4.90
N ARG A 16 -5.53 -16.12 -4.98
CA ARG A 16 -5.27 -17.54 -4.99
C ARG A 16 -4.89 -18.04 -6.38
N SER A 17 -4.61 -17.10 -7.31
CA SER A 17 -4.26 -17.33 -8.70
C SER A 17 -2.96 -18.10 -8.91
N GLN A 18 -2.59 -18.24 -10.18
CA GLN A 18 -1.49 -19.04 -10.61
C GLN A 18 -1.00 -18.54 -11.96
N PRO A 19 0.05 -17.73 -12.05
CA PRO A 19 0.87 -17.19 -10.95
C PRO A 19 0.12 -16.12 -10.16
N PRO A 20 0.46 -15.85 -8.91
CA PRO A 20 -0.31 -14.98 -8.03
C PRO A 20 -0.13 -13.52 -8.35
N THR A 21 -0.91 -12.66 -7.66
CA THR A 21 -1.06 -11.26 -7.98
C THR A 21 -1.56 -10.61 -6.72
N CYS A 22 -1.09 -9.41 -6.38
CA CYS A 22 -1.43 -8.77 -5.12
C CYS A 22 -1.51 -7.28 -5.32
N ARG A 23 -2.11 -6.61 -4.33
CA ARG A 23 -2.47 -5.21 -4.41
C ARG A 23 -2.99 -4.84 -3.04
N CYS A 24 -2.55 -3.69 -2.51
CA CYS A 24 -2.91 -3.25 -1.18
C CYS A 24 -4.18 -2.41 -1.21
N VAL A 25 -5.32 -3.08 -0.95
CA VAL A 25 -6.67 -2.57 -1.07
C VAL A 25 -6.98 -1.39 -0.17
N ASP A 26 -6.56 -1.45 1.10
CA ASP A 26 -6.92 -0.43 2.05
C ASP A 26 -5.96 0.74 1.99
N VAL A 27 -6.56 1.94 1.92
CA VAL A 27 -5.87 3.20 1.75
C VAL A 27 -4.93 3.57 2.88
N ARG A 28 -3.99 4.47 2.54
CA ARG A 28 -2.94 4.89 3.41
C ARG A 28 -2.79 6.40 3.33
N GLU A 29 -1.85 6.95 4.11
CA GLU A 29 -1.38 8.32 4.03
C GLU A 29 -0.97 8.79 2.66
N SER A 30 0.00 8.08 2.08
CA SER A 30 0.77 8.54 0.93
C SER A 30 1.34 7.37 0.17
N CYS A 31 2.00 7.65 -0.97
CA CYS A 31 2.77 6.69 -1.73
C CYS A 31 4.13 6.51 -1.08
N HIS A 32 4.91 5.47 -1.46
CA HIS A 32 6.25 5.33 -0.94
C HIS A 32 7.23 4.85 -1.99
N SER A 33 7.03 3.64 -2.55
CA SER A 33 7.98 3.02 -3.44
C SER A 33 7.31 2.13 -4.46
N ALA A 34 6.84 0.93 -4.07
CA ALA A 34 6.60 -0.18 -4.97
C ALA A 34 5.24 -0.20 -5.66
N CYS A 35 4.81 0.98 -6.10
CA CYS A 35 3.64 1.15 -6.92
C CYS A 35 3.97 1.97 -8.18
N ASP A 36 3.24 1.71 -9.29
CA ASP A 36 3.26 2.55 -10.47
C ASP A 36 2.14 3.60 -10.40
N LYS A 37 0.88 3.12 -10.37
CA LYS A 37 -0.32 3.91 -10.36
C LYS A 37 -0.79 4.13 -8.92
N CYS A 38 0.01 4.90 -8.16
CA CYS A 38 -0.37 5.41 -6.88
C CYS A 38 -1.10 6.72 -7.04
N VAL A 39 -2.41 6.70 -6.80
CA VAL A 39 -3.25 7.87 -6.93
C VAL A 39 -3.51 8.33 -5.53
N CYS A 40 -3.60 9.64 -5.31
CA CYS A 40 -3.65 10.20 -4.00
C CYS A 40 -4.50 11.44 -4.08
N ALA A 41 -4.89 11.97 -2.93
CA ALA A 41 -5.77 13.10 -2.87
C ALA A 41 -5.93 13.62 -1.46
N TYR A 42 -6.07 14.95 -1.40
CA TYR A 42 -5.93 15.81 -0.24
C TYR A 42 -7.18 15.90 0.62
N SER A 43 -8.00 14.86 0.49
CA SER A 43 -9.27 14.60 1.13
C SER A 43 -9.20 14.49 2.65
N ASN A 44 -10.29 14.02 3.26
CA ASN A 44 -10.40 13.93 4.69
C ASN A 44 -11.30 12.73 5.01
N PRO A 45 -10.76 11.61 5.48
CA PRO A 45 -9.34 11.35 5.63
C PRO A 45 -8.66 11.23 4.26
N PRO A 46 -7.35 11.44 4.15
CA PRO A 46 -6.69 11.53 2.85
C PRO A 46 -6.69 10.20 2.17
N GLN A 47 -6.68 10.20 0.83
CA GLN A 47 -6.83 8.99 0.08
C GLN A 47 -5.53 8.75 -0.61
N CYS A 48 -5.07 7.50 -0.58
CA CYS A 48 -3.93 7.13 -1.37
C CYS A 48 -4.00 5.64 -1.51
N GLN A 49 -4.02 5.17 -2.76
CA GLN A 49 -4.22 3.78 -3.06
C GLN A 49 -3.31 3.41 -4.20
N CYS A 50 -2.66 2.23 -4.10
CA CYS A 50 -2.00 1.63 -5.23
C CYS A 50 -3.04 0.88 -6.05
N TYR A 51 -3.65 1.61 -7.01
CA TYR A 51 -4.68 1.15 -7.92
C TYR A 51 -4.37 -0.13 -8.67
N ASP A 52 -3.14 -0.22 -9.19
CA ASP A 52 -2.76 -1.27 -10.11
C ASP A 52 -2.11 -2.44 -9.39
N THR A 53 -2.35 -3.64 -9.94
CA THR A 53 -1.83 -4.89 -9.43
C THR A 53 -0.36 -5.12 -9.76
N HIS A 54 0.39 -5.71 -8.82
CA HIS A 54 1.69 -6.28 -9.10
C HIS A 54 1.80 -7.48 -8.19
N LYS A 55 2.96 -7.74 -7.55
CA LYS A 55 3.10 -8.79 -6.56
C LYS A 55 3.27 -8.32 -5.14
N PHE A 56 3.47 -7.01 -4.92
CA PHE A 56 4.01 -6.50 -3.66
C PHE A 56 2.97 -6.50 -2.54
N CYS A 57 3.46 -6.73 -1.30
CA CYS A 57 2.61 -6.98 -0.17
C CYS A 57 3.37 -6.60 1.07
N TYR A 58 2.73 -5.86 1.98
CA TYR A 58 3.36 -5.47 3.22
C TYR A 58 2.43 -5.57 4.40
N LYS A 59 3.05 -5.60 5.59
CA LYS A 59 2.56 -5.12 6.86
C LYS A 59 2.00 -3.70 6.86
N ALA A 60 1.27 -3.34 7.93
CA ALA A 60 0.84 -1.99 8.16
C ALA A 60 1.89 -1.22 8.92
N CYS A 61 2.18 0.01 8.46
CA CYS A 61 3.31 0.79 8.93
C CYS A 61 2.99 1.67 10.13
N HIS A 62 2.02 1.27 10.97
CA HIS A 62 1.66 2.08 12.13
C HIS A 62 2.67 1.99 13.25
N ASN A 63 3.17 0.76 13.52
CA ASN A 63 4.02 0.39 14.60
C ASN A 63 4.33 -1.07 14.36
N SER A 64 5.10 -1.71 15.25
CA SER A 64 5.38 -3.15 15.20
C SER A 64 4.13 -3.99 15.38
N GLU A 65 4.20 -5.32 15.14
CA GLU A 65 3.06 -6.20 14.94
C GLU A 65 2.06 -6.17 16.08
N ILE A 66 2.54 -6.35 17.33
CA ILE A 66 1.77 -6.04 18.52
C ILE A 66 1.82 -4.55 18.89
N GLU A 67 2.97 -4.08 19.42
CA GLU A 67 3.24 -2.68 19.69
C GLU A 67 4.67 -2.43 19.18
CL CL B . -0.08 8.61 -14.91
CL CL C . -9.86 -3.63 4.27
CL CL D . 6.81 3.75 5.76
CL CL E . -0.69 4.92 6.56
CL CL F . 8.67 -11.78 10.20
CL CL G . 6.54 -5.34 -8.56
CL CL H . 4.02 2.45 -2.53
CL CL I . 12.03 -6.84 -6.21
CL CL J . -11.83 -13.69 0.46
CL CL K . 9.63 -6.86 8.00
CL CL L . -12.94 0.59 -5.43
#